data_2CUF
#
_entry.id   2CUF
#
_entity_poly.entity_id   1
_entity_poly.type   'polypeptide(L)'
_entity_poly.pdbx_seq_one_letter_code
;GSSGSSGRGSRFTWRKECLAVMESYFNENQYPDEAKREEIANACNAVIQKPGKKLSDLERVTSLKVYNWFANRRKEIKRR
ANIAAILESSGPSSG
;
_entity_poly.pdbx_strand_id   A
#
# COMPACT_ATOMS: atom_id res chain seq x y z
N GLY A 1 4.91 -5.85 -13.29
CA GLY A 1 5.39 -6.13 -11.95
C GLY A 1 6.26 -7.37 -11.90
N SER A 2 6.64 -7.77 -10.68
CA SER A 2 7.48 -8.95 -10.49
C SER A 2 6.65 -10.14 -10.02
N SER A 3 5.82 -9.91 -9.01
CA SER A 3 4.98 -10.96 -8.45
C SER A 3 3.67 -10.39 -7.93
N GLY A 4 2.59 -11.14 -8.10
CA GLY A 4 1.28 -10.69 -7.64
C GLY A 4 0.49 -10.00 -8.73
N SER A 5 -0.83 -10.21 -8.73
CA SER A 5 -1.70 -9.61 -9.74
C SER A 5 -1.64 -8.09 -9.66
N SER A 6 -1.07 -7.57 -8.57
CA SER A 6 -0.94 -6.13 -8.38
C SER A 6 0.28 -5.58 -9.11
N GLY A 7 0.10 -4.46 -9.78
CA GLY A 7 1.19 -3.84 -10.52
C GLY A 7 0.80 -2.53 -11.16
N ARG A 8 0.89 -2.48 -12.49
CA ARG A 8 0.54 -1.27 -13.23
C ARG A 8 0.97 -0.02 -12.47
N GLY A 9 2.10 -0.12 -11.76
CA GLY A 9 2.59 1.00 -11.00
C GLY A 9 2.60 2.29 -11.81
N SER A 10 1.92 3.31 -11.30
CA SER A 10 1.85 4.60 -11.98
C SER A 10 3.08 5.44 -11.68
N ARG A 11 4.08 5.37 -12.56
CA ARG A 11 5.31 6.13 -12.37
C ARG A 11 5.69 6.21 -10.89
N PHE A 12 5.63 5.07 -10.21
CA PHE A 12 5.97 5.01 -8.79
C PHE A 12 6.50 3.63 -8.42
N THR A 13 7.01 3.52 -7.20
CA THR A 13 7.55 2.25 -6.71
C THR A 13 7.49 2.18 -5.19
N TRP A 14 7.30 0.97 -4.67
CA TRP A 14 7.23 0.75 -3.23
C TRP A 14 8.46 0.03 -2.72
N ARG A 15 9.28 0.75 -1.95
CA ARG A 15 10.50 0.18 -1.40
C ARG A 15 10.19 -0.75 -0.22
N LYS A 16 11.03 -1.75 -0.03
CA LYS A 16 10.84 -2.71 1.06
C LYS A 16 10.77 -1.99 2.41
N GLU A 17 11.44 -0.84 2.50
CA GLU A 17 11.45 -0.06 3.73
C GLU A 17 10.09 0.57 3.98
N CYS A 18 9.51 1.16 2.94
CA CYS A 18 8.21 1.80 3.05
C CYS A 18 7.10 0.76 3.16
N LEU A 19 7.34 -0.43 2.62
CA LEU A 19 6.36 -1.51 2.66
C LEU A 19 6.27 -2.10 4.06
N ALA A 20 7.40 -2.15 4.75
CA ALA A 20 7.45 -2.69 6.10
C ALA A 20 6.68 -1.81 7.08
N VAL A 21 6.77 -0.49 6.89
CA VAL A 21 6.08 0.46 7.75
C VAL A 21 4.58 0.43 7.50
N MET A 22 4.20 0.37 6.22
CA MET A 22 2.79 0.35 5.84
C MET A 22 2.10 -0.89 6.41
N GLU A 23 2.80 -2.02 6.37
CA GLU A 23 2.24 -3.28 6.89
C GLU A 23 2.06 -3.21 8.40
N SER A 24 2.95 -2.48 9.06
CA SER A 24 2.88 -2.34 10.51
C SER A 24 1.62 -1.61 10.93
N TYR A 25 1.38 -0.45 10.32
CA TYR A 25 0.20 0.36 10.63
C TYR A 25 -1.08 -0.39 10.26
N PHE A 26 -1.03 -1.15 9.18
CA PHE A 26 -2.19 -1.91 8.71
C PHE A 26 -2.55 -3.00 9.73
N ASN A 27 -1.54 -3.51 10.43
CA ASN A 27 -1.76 -4.56 11.42
C ASN A 27 -2.51 -4.00 12.63
N GLU A 28 -2.22 -2.76 12.98
CA GLU A 28 -2.86 -2.12 14.12
C GLU A 28 -4.20 -1.50 13.72
N ASN A 29 -4.27 -1.01 12.48
CA ASN A 29 -5.48 -0.40 11.97
C ASN A 29 -5.57 -0.53 10.45
N GLN A 30 -6.67 -1.10 9.97
CA GLN A 30 -6.87 -1.28 8.53
C GLN A 30 -7.05 0.06 7.83
N TYR A 31 -7.75 0.98 8.48
CA TYR A 31 -8.00 2.30 7.92
C TYR A 31 -7.41 3.39 8.82
N PRO A 32 -6.16 3.78 8.53
CA PRO A 32 -5.46 4.82 9.29
C PRO A 32 -6.06 6.21 9.06
N ASP A 33 -6.53 6.83 10.14
CA ASP A 33 -7.12 8.16 10.07
C ASP A 33 -6.24 9.10 9.24
N GLU A 34 -6.72 10.32 9.02
CA GLU A 34 -5.99 11.31 8.25
C GLU A 34 -4.61 11.54 8.85
N ALA A 35 -4.57 11.81 10.15
CA ALA A 35 -3.31 12.06 10.85
C ALA A 35 -2.44 10.80 10.86
N LYS A 36 -3.06 9.65 11.01
CA LYS A 36 -2.34 8.38 11.03
C LYS A 36 -1.62 8.14 9.71
N ARG A 37 -2.29 8.48 8.60
CA ARG A 37 -1.72 8.30 7.28
C ARG A 37 -0.44 9.13 7.12
N GLU A 38 -0.47 10.36 7.61
CA GLU A 38 0.68 11.24 7.52
C GLU A 38 1.82 10.74 8.41
N GLU A 39 1.46 10.21 9.58
CA GLU A 39 2.45 9.70 10.51
C GLU A 39 3.20 8.51 9.92
N ILE A 40 2.46 7.58 9.33
CA ILE A 40 3.06 6.40 8.73
C ILE A 40 3.79 6.76 7.43
N ALA A 41 3.20 7.64 6.65
CA ALA A 41 3.80 8.08 5.39
C ALA A 41 5.15 8.76 5.64
N ASN A 42 5.20 9.63 6.64
CA ASN A 42 6.42 10.34 6.97
C ASN A 42 7.55 9.37 7.30
N ALA A 43 7.22 8.33 8.07
CA ALA A 43 8.20 7.32 8.45
C ALA A 43 8.79 6.64 7.23
N CYS A 44 7.94 6.36 6.24
CA CYS A 44 8.37 5.69 5.02
C CYS A 44 9.40 6.54 4.27
N ASN A 45 9.17 7.85 4.26
CA ASN A 45 10.07 8.78 3.58
C ASN A 45 11.42 8.84 4.29
N ALA A 46 11.38 8.74 5.62
CA ALA A 46 12.60 8.79 6.41
C ALA A 46 13.45 7.55 6.20
N VAL A 47 12.82 6.38 6.26
CA VAL A 47 13.51 5.12 6.07
C VAL A 47 14.21 5.07 4.72
N ILE A 48 13.71 5.87 3.78
CA ILE A 48 14.28 5.91 2.44
C ILE A 48 15.21 7.12 2.28
N GLN A 49 14.91 8.18 3.01
CA GLN A 49 15.72 9.40 2.95
C GLN A 49 17.15 9.12 3.35
N LYS A 50 18.08 9.40 2.44
CA LYS A 50 19.50 9.17 2.69
C LYS A 50 20.23 10.50 2.92
N PRO A 51 21.32 10.46 3.70
CA PRO A 51 22.12 11.64 4.01
C PRO A 51 22.90 12.14 2.79
N GLY A 52 22.77 13.43 2.51
CA GLY A 52 23.48 14.01 1.37
C GLY A 52 22.77 13.74 0.06
N LYS A 53 21.59 13.13 0.14
CA LYS A 53 20.82 12.82 -1.06
C LYS A 53 19.46 13.53 -1.03
N LYS A 54 18.85 13.67 -2.20
CA LYS A 54 17.56 14.34 -2.30
C LYS A 54 16.46 13.34 -2.68
N LEU A 55 15.35 13.41 -1.98
CA LEU A 55 14.22 12.51 -2.24
C LEU A 55 13.44 12.96 -3.47
N SER A 56 12.94 11.99 -4.23
CA SER A 56 12.17 12.29 -5.44
C SER A 56 10.73 11.85 -5.28
N ASP A 57 9.85 12.42 -6.10
CA ASP A 57 8.43 12.10 -6.05
C ASP A 57 8.21 10.61 -6.29
N LEU A 58 9.19 9.95 -6.92
CA LEU A 58 9.10 8.53 -7.20
C LEU A 58 9.20 7.71 -5.92
N GLU A 59 9.93 8.24 -4.94
CA GLU A 59 10.09 7.57 -3.66
C GLU A 59 9.30 8.26 -2.56
N ARG A 60 8.89 9.50 -2.83
CA ARG A 60 8.12 10.28 -1.86
C ARG A 60 6.82 9.56 -1.49
N VAL A 61 6.56 9.47 -0.19
CA VAL A 61 5.36 8.80 0.30
C VAL A 61 4.42 9.79 0.97
N THR A 62 3.37 10.19 0.26
CA THR A 62 2.40 11.14 0.79
C THR A 62 1.25 10.42 1.47
N SER A 63 0.39 11.18 2.15
CA SER A 63 -0.75 10.60 2.85
C SER A 63 -1.67 9.87 1.88
N LEU A 64 -1.77 10.39 0.66
CA LEU A 64 -2.63 9.78 -0.35
C LEU A 64 -2.03 8.47 -0.85
N LYS A 65 -0.71 8.45 -1.00
CA LYS A 65 -0.02 7.25 -1.46
C LYS A 65 -0.24 6.09 -0.49
N VAL A 66 -0.19 6.38 0.80
CA VAL A 66 -0.40 5.36 1.82
C VAL A 66 -1.80 4.77 1.74
N TYR A 67 -2.79 5.62 1.48
CA TYR A 67 -4.17 5.18 1.37
C TYR A 67 -4.36 4.25 0.17
N ASN A 68 -3.67 4.58 -0.92
CA ASN A 68 -3.76 3.78 -2.14
C ASN A 68 -3.27 2.35 -1.89
N TRP A 69 -2.16 2.24 -1.18
CA TRP A 69 -1.59 0.93 -0.88
C TRP A 69 -2.47 0.15 0.09
N PHE A 70 -2.95 0.84 1.12
CA PHE A 70 -3.81 0.22 2.12
C PHE A 70 -5.10 -0.29 1.48
N ALA A 71 -5.72 0.55 0.65
CA ALA A 71 -6.96 0.18 -0.01
C ALA A 71 -6.77 -1.06 -0.88
N ASN A 72 -5.60 -1.17 -1.50
CA ASN A 72 -5.30 -2.31 -2.35
C ASN A 72 -5.28 -3.61 -1.54
N ARG A 73 -4.79 -3.52 -0.32
CA ARG A 73 -4.72 -4.68 0.56
C ARG A 73 -6.10 -5.07 1.08
N ARG A 74 -6.83 -4.08 1.58
CA ARG A 74 -8.17 -4.32 2.10
C ARG A 74 -9.07 -4.96 1.04
N LYS A 75 -9.02 -4.41 -0.17
CA LYS A 75 -9.82 -4.92 -1.28
C LYS A 75 -9.29 -6.28 -1.75
N GLU A 76 -7.99 -6.46 -1.65
CA GLU A 76 -7.36 -7.71 -2.08
C GLU A 76 -7.71 -8.85 -1.12
N ILE A 77 -7.79 -8.52 0.16
CA ILE A 77 -8.13 -9.51 1.18
C ILE A 77 -9.63 -9.78 1.22
N LYS A 78 -10.41 -8.72 1.10
CA LYS A 78 -11.87 -8.84 1.12
C LYS A 78 -12.36 -9.54 -0.14
N ARG A 79 -11.74 -9.22 -1.27
CA ARG A 79 -12.12 -9.82 -2.54
C ARG A 79 -11.89 -11.33 -2.54
N ARG A 80 -10.82 -11.75 -1.86
CA ARG A 80 -10.49 -13.16 -1.77
C ARG A 80 -11.43 -13.89 -0.81
N ALA A 81 -11.99 -13.15 0.13
CA ALA A 81 -12.91 -13.73 1.11
C ALA A 81 -14.30 -13.87 0.52
N ASN A 82 -14.59 -13.10 -0.52
CA ASN A 82 -15.89 -13.15 -1.16
C ASN A 82 -15.82 -13.90 -2.50
N ILE A 83 -14.95 -13.42 -3.38
CA ILE A 83 -14.78 -14.04 -4.69
C ILE A 83 -16.13 -14.21 -5.40
N ALA A 84 -16.89 -13.13 -5.47
CA ALA A 84 -18.20 -13.15 -6.12
C ALA A 84 -18.05 -13.11 -7.64
N ALA A 85 -17.22 -14.00 -8.17
CA ALA A 85 -16.99 -14.07 -9.61
C ALA A 85 -16.99 -15.51 -10.12
N ILE A 86 -17.95 -15.84 -10.95
CA ILE A 86 -18.06 -17.19 -11.50
C ILE A 86 -17.74 -17.21 -12.99
N LEU A 87 -18.18 -16.18 -13.70
CA LEU A 87 -17.95 -16.06 -15.13
C LEU A 87 -16.49 -16.40 -15.46
N GLU A 88 -16.22 -16.59 -16.75
CA GLU A 88 -14.87 -16.92 -17.20
C GLU A 88 -13.96 -15.68 -17.14
N SER A 89 -12.70 -15.91 -16.80
CA SER A 89 -11.73 -14.81 -16.70
C SER A 89 -10.31 -15.34 -16.86
N SER A 90 -9.52 -14.65 -17.67
CA SER A 90 -8.14 -15.04 -17.91
C SER A 90 -7.17 -14.12 -17.18
N GLY A 91 -6.65 -14.59 -16.05
CA GLY A 91 -5.72 -13.80 -15.27
C GLY A 91 -4.48 -14.57 -14.88
N PRO A 92 -3.31 -13.91 -14.95
CA PRO A 92 -2.03 -14.52 -14.61
C PRO A 92 -1.90 -14.79 -13.12
N SER A 93 -2.71 -14.10 -12.31
CA SER A 93 -2.68 -14.26 -10.87
C SER A 93 -2.41 -15.71 -10.49
N SER A 94 -1.62 -15.91 -9.43
CA SER A 94 -1.28 -17.25 -8.97
C SER A 94 -1.76 -17.47 -7.54
N GLY A 95 -2.09 -18.72 -7.22
CA GLY A 95 -2.57 -19.03 -5.89
C GLY A 95 -3.89 -18.36 -5.56
N GLY A 1 -8.89 -15.16 -15.18
CA GLY A 1 -8.37 -14.59 -13.95
C GLY A 1 -6.87 -14.76 -13.81
N SER A 2 -6.41 -16.00 -13.96
CA SER A 2 -4.99 -16.30 -13.85
C SER A 2 -4.16 -15.36 -14.74
N SER A 3 -3.05 -14.86 -14.19
CA SER A 3 -2.19 -13.96 -14.94
C SER A 3 -0.80 -14.57 -15.12
N GLY A 4 -0.15 -14.22 -16.22
CA GLY A 4 1.17 -14.74 -16.51
C GLY A 4 2.25 -14.02 -15.73
N SER A 5 3.49 -14.08 -16.23
CA SER A 5 4.61 -13.43 -15.57
C SER A 5 4.97 -12.13 -16.27
N SER A 6 3.96 -11.36 -16.64
CA SER A 6 4.17 -10.09 -17.32
C SER A 6 4.87 -9.09 -16.41
N GLY A 7 5.82 -8.35 -16.98
CA GLY A 7 6.55 -7.37 -16.19
C GLY A 7 5.64 -6.36 -15.52
N ARG A 8 5.77 -6.24 -14.21
CA ARG A 8 4.95 -5.31 -13.43
C ARG A 8 5.77 -4.10 -13.00
N GLY A 9 5.56 -2.97 -13.66
CA GLY A 9 6.29 -1.77 -13.32
C GLY A 9 5.49 -0.51 -13.61
N SER A 10 5.56 0.46 -12.70
CA SER A 10 4.83 1.72 -12.86
C SER A 10 5.73 2.91 -12.54
N ARG A 11 5.19 4.11 -12.73
CA ARG A 11 5.95 5.34 -12.46
C ARG A 11 6.48 5.35 -11.03
N PHE A 12 5.60 5.11 -10.07
CA PHE A 12 5.98 5.09 -8.66
C PHE A 12 6.33 3.67 -8.21
N THR A 13 7.31 3.56 -7.32
CA THR A 13 7.73 2.26 -6.81
C THR A 13 7.58 2.19 -5.29
N TRP A 14 7.23 1.01 -4.79
CA TRP A 14 7.04 0.81 -3.36
C TRP A 14 8.23 0.06 -2.76
N ARG A 15 9.15 0.80 -2.16
CA ARG A 15 10.34 0.20 -1.56
C ARG A 15 9.95 -0.70 -0.38
N LYS A 16 10.73 -1.75 -0.17
CA LYS A 16 10.46 -2.68 0.92
C LYS A 16 10.42 -1.96 2.26
N GLU A 17 11.17 -0.86 2.36
CA GLU A 17 11.21 -0.08 3.59
C GLU A 17 9.85 0.56 3.88
N CYS A 18 9.24 1.14 2.85
CA CYS A 18 7.94 1.78 3.00
C CYS A 18 6.84 0.73 3.15
N LEU A 19 7.07 -0.46 2.60
CA LEU A 19 6.10 -1.54 2.67
C LEU A 19 6.03 -2.12 4.08
N ALA A 20 7.19 -2.24 4.72
CA ALA A 20 7.27 -2.78 6.07
C ALA A 20 6.54 -1.88 7.06
N VAL A 21 6.65 -0.57 6.86
CA VAL A 21 6.00 0.39 7.75
C VAL A 21 4.49 0.40 7.51
N MET A 22 4.09 0.30 6.25
CA MET A 22 2.68 0.30 5.90
C MET A 22 1.96 -0.92 6.49
N GLU A 23 2.64 -2.06 6.48
CA GLU A 23 2.09 -3.29 7.01
C GLU A 23 1.92 -3.21 8.53
N SER A 24 2.86 -2.51 9.17
CA SER A 24 2.82 -2.36 10.62
C SER A 24 1.58 -1.60 11.06
N TYR A 25 1.31 -0.48 10.39
CA TYR A 25 0.14 0.33 10.71
C TYR A 25 -1.16 -0.39 10.36
N PHE A 26 -1.11 -1.17 9.29
CA PHE A 26 -2.28 -1.93 8.85
C PHE A 26 -2.68 -2.96 9.89
N ASN A 27 -1.69 -3.52 10.57
CA ASN A 27 -1.93 -4.54 11.59
C ASN A 27 -2.67 -3.94 12.79
N GLU A 28 -2.35 -2.69 13.11
CA GLU A 28 -2.98 -2.00 14.24
C GLU A 28 -4.28 -1.34 13.80
N ASN A 29 -4.32 -0.87 12.55
CA ASN A 29 -5.51 -0.22 12.02
C ASN A 29 -5.59 -0.41 10.51
N GLN A 30 -6.66 -1.05 10.06
CA GLN A 30 -6.86 -1.28 8.63
C GLN A 30 -7.08 0.02 7.89
N TYR A 31 -7.69 0.99 8.56
CA TYR A 31 -7.96 2.29 7.97
C TYR A 31 -7.37 3.41 8.80
N PRO A 32 -6.12 3.80 8.45
CA PRO A 32 -5.41 4.87 9.16
C PRO A 32 -6.02 6.25 8.89
N ASP A 33 -6.37 6.94 9.98
CA ASP A 33 -6.97 8.26 9.87
C ASP A 33 -6.05 9.20 9.08
N GLU A 34 -6.54 10.41 8.81
CA GLU A 34 -5.78 11.40 8.06
C GLU A 34 -4.43 11.66 8.73
N ALA A 35 -4.45 11.82 10.05
CA ALA A 35 -3.23 12.08 10.81
C ALA A 35 -2.33 10.86 10.82
N LYS A 36 -2.94 9.68 10.96
CA LYS A 36 -2.19 8.43 10.99
C LYS A 36 -1.48 8.19 9.66
N ARG A 37 -2.16 8.50 8.56
CA ARG A 37 -1.59 8.32 7.23
C ARG A 37 -0.32 9.14 7.07
N GLU A 38 -0.33 10.36 7.59
CA GLU A 38 0.84 11.24 7.50
C GLU A 38 1.97 10.73 8.38
N GLU A 39 1.62 10.24 9.56
CA GLU A 39 2.61 9.73 10.50
C GLU A 39 3.35 8.52 9.91
N ILE A 40 2.58 7.60 9.32
CA ILE A 40 3.17 6.42 8.72
C ILE A 40 3.92 6.75 7.44
N ALA A 41 3.40 7.72 6.70
CA ALA A 41 4.02 8.15 5.44
C ALA A 41 5.37 8.82 5.71
N ASN A 42 5.41 9.68 6.72
CA ASN A 42 6.64 10.39 7.07
C ASN A 42 7.76 9.40 7.39
N ALA A 43 7.41 8.31 8.09
CA ALA A 43 8.38 7.30 8.45
C ALA A 43 8.95 6.61 7.23
N CYS A 44 8.10 6.41 6.22
CA CYS A 44 8.53 5.76 4.98
C CYS A 44 9.55 6.61 4.24
N ASN A 45 9.31 7.92 4.22
CA ASN A 45 10.22 8.85 3.55
C ASN A 45 11.58 8.89 4.25
N ALA A 46 11.56 8.73 5.56
CA ALA A 46 12.79 8.76 6.36
C ALA A 46 13.63 7.51 6.09
N VAL A 47 12.99 6.34 6.15
CA VAL A 47 13.67 5.08 5.94
C VAL A 47 14.34 5.05 4.56
N ILE A 48 13.69 5.69 3.59
CA ILE A 48 14.21 5.73 2.23
C ILE A 48 15.13 6.95 2.03
N GLN A 49 14.82 8.03 2.72
CA GLN A 49 15.62 9.25 2.64
C GLN A 49 17.10 8.95 2.78
N LYS A 50 17.90 9.44 1.83
CA LYS A 50 19.34 9.21 1.86
C LYS A 50 20.06 10.43 2.41
N PRO A 51 21.20 10.19 3.08
CA PRO A 51 22.02 11.25 3.68
C PRO A 51 22.71 12.12 2.62
N GLY A 52 22.53 13.43 2.72
CA GLY A 52 23.14 14.34 1.78
C GLY A 52 22.47 14.29 0.41
N LYS A 53 21.33 13.60 0.34
CA LYS A 53 20.60 13.48 -0.92
C LYS A 53 19.19 14.05 -0.77
N LYS A 54 18.60 14.44 -1.90
CA LYS A 54 17.26 15.00 -1.91
C LYS A 54 16.24 13.96 -2.37
N LEU A 55 15.11 13.92 -1.69
CA LEU A 55 14.05 12.97 -2.03
C LEU A 55 13.30 13.41 -3.28
N SER A 56 12.88 12.44 -4.09
CA SER A 56 12.16 12.74 -5.32
C SER A 56 10.66 12.56 -5.12
N ASP A 57 9.87 13.28 -5.93
CA ASP A 57 8.42 13.19 -5.85
C ASP A 57 7.93 11.78 -6.13
N LEU A 58 8.73 11.02 -6.88
CA LEU A 58 8.38 9.64 -7.21
C LEU A 58 8.59 8.72 -6.02
N GLU A 59 9.43 9.15 -5.09
CA GLU A 59 9.72 8.36 -3.90
C GLU A 59 9.03 8.94 -2.67
N ARG A 60 8.61 10.21 -2.77
CA ARG A 60 7.95 10.89 -1.68
C ARG A 60 6.61 10.23 -1.36
N VAL A 61 6.53 9.56 -0.21
CA VAL A 61 5.31 8.89 0.20
C VAL A 61 4.39 9.84 0.97
N THR A 62 3.34 10.30 0.31
CA THR A 62 2.40 11.21 0.93
C THR A 62 1.26 10.45 1.61
N SER A 63 0.37 11.19 2.27
CA SER A 63 -0.75 10.58 2.97
C SER A 63 -1.68 9.86 1.99
N LEU A 64 -1.93 10.50 0.84
CA LEU A 64 -2.80 9.93 -0.18
C LEU A 64 -2.22 8.61 -0.70
N LYS A 65 -0.91 8.58 -0.90
CA LYS A 65 -0.24 7.39 -1.39
C LYS A 65 -0.46 6.21 -0.45
N VAL A 66 -0.42 6.49 0.85
CA VAL A 66 -0.62 5.46 1.86
C VAL A 66 -2.02 4.86 1.78
N TYR A 67 -3.01 5.72 1.53
CA TYR A 67 -4.40 5.27 1.43
C TYR A 67 -4.58 4.37 0.23
N ASN A 68 -3.89 4.69 -0.87
CA ASN A 68 -3.99 3.90 -2.10
C ASN A 68 -3.44 2.49 -1.87
N TRP A 69 -2.30 2.41 -1.21
CA TRP A 69 -1.66 1.12 -0.93
C TRP A 69 -2.51 0.30 0.04
N PHE A 70 -2.96 0.95 1.11
CA PHE A 70 -3.78 0.27 2.12
C PHE A 70 -5.05 -0.28 1.51
N ALA A 71 -5.74 0.56 0.72
CA ALA A 71 -6.98 0.15 0.07
C ALA A 71 -6.76 -1.08 -0.81
N ASN A 72 -5.62 -1.14 -1.46
CA ASN A 72 -5.29 -2.26 -2.34
C ASN A 72 -5.16 -3.55 -1.53
N ARG A 73 -4.65 -3.45 -0.32
CA ARG A 73 -4.47 -4.60 0.55
C ARG A 73 -5.83 -5.12 1.03
N ARG A 74 -6.71 -4.20 1.41
CA ARG A 74 -8.04 -4.57 1.89
C ARG A 74 -8.82 -5.30 0.81
N LYS A 75 -8.79 -4.77 -0.41
CA LYS A 75 -9.51 -5.38 -1.53
C LYS A 75 -8.84 -6.69 -1.95
N GLU A 76 -7.51 -6.73 -1.83
CA GLU A 76 -6.75 -7.92 -2.20
C GLU A 76 -7.07 -9.09 -1.26
N ILE A 77 -7.17 -8.78 0.03
CA ILE A 77 -7.46 -9.81 1.03
C ILE A 77 -8.94 -10.17 1.02
N LYS A 78 -9.79 -9.16 0.88
CA LYS A 78 -11.24 -9.37 0.86
C LYS A 78 -11.65 -10.10 -0.42
N ARG A 79 -10.98 -9.77 -1.52
CA ARG A 79 -11.28 -10.39 -2.81
C ARG A 79 -11.10 -11.91 -2.75
N ARG A 80 -10.22 -12.35 -1.84
CA ARG A 80 -9.95 -13.77 -1.68
C ARG A 80 -10.98 -14.42 -0.76
N ALA A 81 -11.45 -13.65 0.22
CA ALA A 81 -12.43 -14.15 1.18
C ALA A 81 -13.83 -14.18 0.56
N ASN A 82 -13.98 -13.52 -0.58
CA ASN A 82 -15.26 -13.46 -1.27
C ASN A 82 -15.27 -14.42 -2.46
N ILE A 83 -14.32 -14.25 -3.36
CA ILE A 83 -14.22 -15.09 -4.54
C ILE A 83 -15.60 -15.55 -5.00
N ALA A 84 -16.58 -14.65 -4.96
CA ALA A 84 -17.93 -14.96 -5.37
C ALA A 84 -18.17 -14.58 -6.84
N ALA A 85 -17.74 -15.45 -7.75
CA ALA A 85 -17.92 -15.22 -9.17
C ALA A 85 -19.37 -14.94 -9.52
N ILE A 86 -19.63 -13.75 -10.07
CA ILE A 86 -20.98 -13.37 -10.45
C ILE A 86 -21.35 -13.92 -11.83
N LEU A 87 -20.39 -13.88 -12.75
CA LEU A 87 -20.61 -14.37 -14.10
C LEU A 87 -21.28 -15.75 -14.07
N GLU A 88 -22.52 -15.80 -14.55
CA GLU A 88 -23.27 -17.06 -14.58
C GLU A 88 -23.12 -17.74 -15.94
N SER A 89 -22.30 -18.79 -15.98
CA SER A 89 -22.06 -19.53 -17.21
C SER A 89 -23.38 -19.75 -17.97
N SER A 90 -23.32 -19.59 -19.29
CA SER A 90 -24.50 -19.75 -20.13
C SER A 90 -24.45 -21.09 -20.85
N GLY A 91 -24.84 -22.15 -20.15
CA GLY A 91 -24.84 -23.48 -20.73
C GLY A 91 -24.29 -24.53 -19.79
N PRO A 92 -24.85 -25.75 -19.87
CA PRO A 92 -24.42 -26.87 -19.03
C PRO A 92 -23.03 -27.38 -19.38
N SER A 93 -22.26 -27.74 -18.36
CA SER A 93 -20.91 -28.24 -18.58
C SER A 93 -20.92 -29.72 -18.93
N SER A 94 -20.30 -30.05 -20.06
CA SER A 94 -20.24 -31.44 -20.53
C SER A 94 -19.27 -32.25 -19.68
N GLY A 95 -19.79 -32.91 -18.65
CA GLY A 95 -18.95 -33.71 -17.78
C GLY A 95 -18.77 -35.13 -18.30
N GLY A 1 4.32 -12.11 -26.67
CA GLY A 1 5.19 -11.80 -25.55
C GLY A 1 4.50 -10.94 -24.51
N SER A 2 5.27 -10.46 -23.53
CA SER A 2 4.72 -9.62 -22.47
C SER A 2 4.65 -8.17 -22.92
N SER A 3 3.78 -7.39 -22.28
CA SER A 3 3.61 -5.99 -22.62
C SER A 3 4.39 -5.10 -21.64
N GLY A 4 4.19 -5.34 -20.35
CA GLY A 4 4.87 -4.57 -19.34
C GLY A 4 3.95 -4.15 -18.21
N SER A 5 4.51 -3.46 -17.22
CA SER A 5 3.73 -3.01 -16.07
C SER A 5 2.85 -1.82 -16.45
N SER A 6 1.65 -1.77 -15.89
CA SER A 6 0.71 -0.69 -16.16
C SER A 6 0.40 0.11 -14.90
N GLY A 7 0.55 1.42 -14.99
CA GLY A 7 0.29 2.27 -13.85
C GLY A 7 1.40 2.23 -12.82
N ARG A 8 1.20 1.45 -11.76
CA ARG A 8 2.18 1.31 -10.70
C ARG A 8 3.45 0.64 -11.22
N GLY A 9 4.59 1.26 -10.94
CA GLY A 9 5.86 0.71 -11.39
C GLY A 9 6.79 1.79 -11.94
N SER A 10 6.50 2.23 -13.16
CA SER A 10 7.32 3.26 -13.81
C SER A 10 7.11 4.62 -13.16
N ARG A 11 5.84 4.94 -12.88
CA ARG A 11 5.49 6.21 -12.26
C ARG A 11 5.97 6.26 -10.82
N PHE A 12 5.60 5.25 -10.04
CA PHE A 12 6.00 5.18 -8.63
C PHE A 12 6.28 3.74 -8.22
N THR A 13 7.27 3.58 -7.35
CA THR A 13 7.64 2.24 -6.87
C THR A 13 7.59 2.17 -5.34
N TRP A 14 7.33 0.98 -4.82
CA TRP A 14 7.26 0.77 -3.38
C TRP A 14 8.51 0.10 -2.86
N ARG A 15 9.24 0.78 -1.99
CA ARG A 15 10.47 0.25 -1.42
C ARG A 15 10.16 -0.66 -0.24
N LYS A 16 10.99 -1.70 -0.05
CA LYS A 16 10.80 -2.64 1.03
C LYS A 16 10.76 -1.92 2.38
N GLU A 17 11.50 -0.82 2.47
CA GLU A 17 11.54 -0.04 3.71
C GLU A 17 10.18 0.58 4.02
N CYS A 18 9.56 1.16 2.99
CA CYS A 18 8.25 1.79 3.16
C CYS A 18 7.16 0.74 3.31
N LEU A 19 7.39 -0.44 2.75
CA LEU A 19 6.43 -1.52 2.82
C LEU A 19 6.38 -2.11 4.23
N ALA A 20 7.53 -2.19 4.88
CA ALA A 20 7.61 -2.73 6.23
C ALA A 20 6.92 -1.80 7.23
N VAL A 21 6.98 -0.50 6.97
CA VAL A 21 6.36 0.49 7.85
C VAL A 21 4.85 0.52 7.65
N MET A 22 4.43 0.52 6.39
CA MET A 22 3.00 0.54 6.07
C MET A 22 2.30 -0.72 6.57
N GLU A 23 2.94 -1.86 6.36
CA GLU A 23 2.38 -3.14 6.80
C GLU A 23 2.14 -3.14 8.31
N SER A 24 2.99 -2.43 9.03
CA SER A 24 2.88 -2.36 10.49
C SER A 24 1.63 -1.58 10.89
N TYR A 25 1.42 -0.43 10.25
CA TYR A 25 0.27 0.41 10.54
C TYR A 25 -1.03 -0.30 10.18
N PHE A 26 -0.98 -1.11 9.14
CA PHE A 26 -2.15 -1.85 8.68
C PHE A 26 -2.56 -2.90 9.71
N ASN A 27 -1.57 -3.57 10.29
CA ASN A 27 -1.83 -4.61 11.27
C ASN A 27 -2.55 -4.03 12.49
N GLU A 28 -2.20 -2.80 12.86
CA GLU A 28 -2.82 -2.14 14.00
C GLU A 28 -4.16 -1.53 13.61
N ASN A 29 -4.25 -1.06 12.37
CA ASN A 29 -5.48 -0.45 11.87
C ASN A 29 -5.58 -0.60 10.35
N GLN A 30 -6.69 -1.20 9.90
CA GLN A 30 -6.91 -1.39 8.47
C GLN A 30 -7.06 -0.05 7.75
N TYR A 31 -7.78 0.86 8.38
CA TYR A 31 -8.01 2.19 7.80
C TYR A 31 -7.41 3.27 8.67
N PRO A 32 -6.17 3.69 8.33
CA PRO A 32 -5.46 4.73 9.07
C PRO A 32 -6.08 6.11 8.87
N ASP A 33 -6.52 6.71 9.97
CA ASP A 33 -7.14 8.04 9.92
C ASP A 33 -6.27 9.01 9.13
N GLU A 34 -6.76 10.23 8.98
CA GLU A 34 -6.03 11.26 8.24
C GLU A 34 -4.63 11.48 8.83
N ALA A 35 -4.59 11.72 10.14
CA ALA A 35 -3.33 11.95 10.83
C ALA A 35 -2.46 10.69 10.81
N LYS A 36 -3.10 9.53 10.94
CA LYS A 36 -2.39 8.26 10.94
C LYS A 36 -1.67 8.04 9.62
N ARG A 37 -2.34 8.38 8.52
CA ARG A 37 -1.77 8.24 7.19
C ARG A 37 -0.49 9.06 7.04
N GLU A 38 -0.51 10.26 7.60
CA GLU A 38 0.65 11.15 7.53
C GLU A 38 1.79 10.63 8.41
N GLU A 39 1.43 10.10 9.57
CA GLU A 39 2.42 9.57 10.50
C GLU A 39 3.18 8.41 9.87
N ILE A 40 2.45 7.49 9.25
CA ILE A 40 3.05 6.33 8.60
C ILE A 40 3.82 6.73 7.35
N ALA A 41 3.29 7.73 6.64
CA ALA A 41 3.92 8.21 5.42
C ALA A 41 5.28 8.84 5.71
N ASN A 42 5.33 9.70 6.72
CA ASN A 42 6.56 10.36 7.10
C ASN A 42 7.65 9.34 7.45
N ALA A 43 7.24 8.26 8.10
CA ALA A 43 8.17 7.21 8.49
C ALA A 43 8.79 6.54 7.26
N CYS A 44 8.00 6.40 6.21
CA CYS A 44 8.46 5.77 4.97
C CYS A 44 9.53 6.63 4.31
N ASN A 45 9.32 7.94 4.32
CA ASN A 45 10.27 8.87 3.70
C ASN A 45 11.58 8.89 4.48
N ALA A 46 11.50 8.69 5.79
CA ALA A 46 12.69 8.67 6.63
C ALA A 46 13.52 7.42 6.40
N VAL A 47 12.85 6.27 6.41
CA VAL A 47 13.52 5.00 6.21
C VAL A 47 14.25 4.97 4.87
N ILE A 48 13.83 5.84 3.95
CA ILE A 48 14.43 5.92 2.64
C ILE A 48 15.33 7.15 2.51
N GLN A 49 14.99 8.19 3.25
CA GLN A 49 15.77 9.43 3.22
C GLN A 49 17.23 9.16 3.53
N LYS A 50 18.11 9.50 2.59
CA LYS A 50 19.54 9.29 2.78
C LYS A 50 20.25 10.61 3.13
N PRO A 51 21.37 10.50 3.84
CA PRO A 51 22.16 11.66 4.26
C PRO A 51 22.86 12.34 3.09
N GLY A 52 22.67 13.65 2.98
CA GLY A 52 23.29 14.40 1.88
C GLY A 52 22.61 14.16 0.56
N LYS A 53 21.42 13.56 0.60
CA LYS A 53 20.67 13.28 -0.61
C LYS A 53 19.26 13.87 -0.53
N LYS A 54 18.77 14.38 -1.64
CA LYS A 54 17.44 14.97 -1.70
C LYS A 54 16.41 13.94 -2.14
N LEU A 55 15.27 13.93 -1.44
CA LEU A 55 14.20 12.99 -1.75
C LEU A 55 13.42 13.44 -2.99
N SER A 56 13.05 12.49 -3.83
CA SER A 56 12.30 12.79 -5.05
C SER A 56 10.84 12.36 -4.91
N ASP A 57 9.97 13.01 -5.68
CA ASP A 57 8.55 12.69 -5.65
C ASP A 57 8.30 11.22 -5.98
N LEU A 58 9.25 10.61 -6.66
CA LEU A 58 9.14 9.19 -7.03
C LEU A 58 9.26 8.30 -5.80
N GLU A 59 9.96 8.79 -4.79
CA GLU A 59 10.15 8.03 -3.56
C GLU A 59 9.36 8.66 -2.40
N ARG A 60 8.94 9.91 -2.59
CA ARG A 60 8.18 10.62 -1.58
C ARG A 60 6.82 9.96 -1.34
N VAL A 61 6.62 9.45 -0.13
CA VAL A 61 5.37 8.80 0.22
C VAL A 61 4.41 9.76 0.91
N THR A 62 3.40 10.23 0.17
CA THR A 62 2.43 11.15 0.70
C THR A 62 1.30 10.42 1.42
N SER A 63 0.41 11.18 2.05
CA SER A 63 -0.71 10.60 2.79
C SER A 63 -1.65 9.86 1.84
N LEU A 64 -1.87 10.44 0.66
CA LEU A 64 -2.74 9.85 -0.33
C LEU A 64 -2.18 8.53 -0.84
N LYS A 65 -0.86 8.49 -1.04
CA LYS A 65 -0.19 7.29 -1.52
C LYS A 65 -0.44 6.12 -0.57
N VAL A 66 -0.38 6.38 0.72
CA VAL A 66 -0.61 5.35 1.73
C VAL A 66 -2.01 4.77 1.62
N TYR A 67 -3.00 5.63 1.40
CA TYR A 67 -4.38 5.20 1.27
C TYR A 67 -4.56 4.29 0.05
N ASN A 68 -3.84 4.61 -1.02
CA ASN A 68 -3.92 3.83 -2.25
C ASN A 68 -3.41 2.41 -2.02
N TRP A 69 -2.29 2.29 -1.32
CA TRP A 69 -1.71 0.99 -1.03
C TRP A 69 -2.57 0.20 -0.04
N PHE A 70 -3.02 0.89 1.02
CA PHE A 70 -3.85 0.25 2.03
C PHE A 70 -5.14 -0.27 1.43
N ALA A 71 -5.75 0.52 0.55
CA ALA A 71 -7.00 0.14 -0.10
C ALA A 71 -6.81 -1.13 -0.93
N ASN A 72 -5.65 -1.26 -1.55
CA ASN A 72 -5.34 -2.42 -2.38
C ASN A 72 -5.31 -3.70 -1.54
N ARG A 73 -4.79 -3.57 -0.32
CA ARG A 73 -4.71 -4.72 0.59
C ARG A 73 -6.08 -5.06 1.16
N ARG A 74 -6.84 -4.03 1.50
CA ARG A 74 -8.17 -4.22 2.07
C ARG A 74 -9.10 -4.88 1.04
N LYS A 75 -9.08 -4.37 -0.18
CA LYS A 75 -9.92 -4.89 -1.25
C LYS A 75 -9.50 -6.32 -1.62
N GLU A 76 -8.21 -6.59 -1.51
CA GLU A 76 -7.67 -7.92 -1.83
C GLU A 76 -8.18 -8.96 -0.84
N ILE A 77 -8.22 -8.59 0.44
CA ILE A 77 -8.69 -9.50 1.47
C ILE A 77 -10.22 -9.59 1.47
N LYS A 78 -10.88 -8.44 1.30
CA LYS A 78 -12.33 -8.38 1.29
C LYS A 78 -12.89 -9.19 0.12
N ARG A 79 -12.24 -9.08 -1.03
CA ARG A 79 -12.67 -9.80 -2.23
C ARG A 79 -12.41 -11.30 -2.09
N ARG A 80 -11.30 -11.64 -1.44
CA ARG A 80 -10.93 -13.04 -1.23
C ARG A 80 -11.80 -13.68 -0.16
N ALA A 81 -12.49 -12.85 0.60
CA ALA A 81 -13.37 -13.33 1.66
C ALA A 81 -14.82 -13.31 1.24
N ASN A 82 -15.14 -12.48 0.25
CA ASN A 82 -16.50 -12.37 -0.25
C ASN A 82 -16.65 -13.12 -1.58
N ILE A 83 -15.74 -14.05 -1.84
CA ILE A 83 -15.76 -14.83 -3.06
C ILE A 83 -17.09 -15.55 -3.22
N ALA A 84 -17.37 -16.48 -2.31
CA ALA A 84 -18.62 -17.25 -2.35
C ALA A 84 -18.69 -18.12 -3.60
N ALA A 85 -17.56 -18.72 -3.96
CA ALA A 85 -17.50 -19.57 -5.14
C ALA A 85 -17.46 -21.05 -4.74
N ILE A 86 -18.46 -21.80 -5.19
CA ILE A 86 -18.53 -23.22 -4.88
C ILE A 86 -18.21 -24.07 -6.10
N LEU A 87 -18.70 -23.64 -7.26
CA LEU A 87 -18.46 -24.36 -8.50
C LEU A 87 -16.97 -24.63 -8.70
N GLU A 88 -16.66 -25.79 -9.29
CA GLU A 88 -15.26 -26.17 -9.53
C GLU A 88 -14.70 -25.42 -10.73
N SER A 89 -14.10 -24.26 -10.47
CA SER A 89 -13.51 -23.45 -11.53
C SER A 89 -12.22 -24.06 -12.03
N SER A 90 -11.81 -23.67 -13.24
CA SER A 90 -10.58 -24.18 -13.83
C SER A 90 -9.37 -23.77 -13.01
N GLY A 91 -9.35 -22.51 -12.58
CA GLY A 91 -8.23 -22.02 -11.79
C GLY A 91 -7.71 -20.69 -12.30
N PRO A 92 -6.80 -20.07 -11.52
CA PRO A 92 -6.21 -18.78 -11.88
C PRO A 92 -5.26 -18.89 -13.06
N SER A 93 -5.75 -18.54 -14.25
CA SER A 93 -4.94 -18.61 -15.46
C SER A 93 -5.69 -17.99 -16.64
N SER A 94 -4.95 -17.33 -17.52
CA SER A 94 -5.54 -16.69 -18.69
C SER A 94 -6.66 -17.56 -19.27
N GLY A 95 -6.36 -18.84 -19.49
CA GLY A 95 -7.35 -19.74 -20.04
C GLY A 95 -7.58 -20.96 -19.15
N GLY A 1 -10.97 10.81 -6.09
CA GLY A 1 -10.72 9.38 -6.12
C GLY A 1 -10.89 8.80 -7.52
N SER A 2 -10.91 7.47 -7.60
CA SER A 2 -11.05 6.79 -8.88
C SER A 2 -12.28 5.88 -8.89
N SER A 3 -12.76 5.54 -10.08
CA SER A 3 -13.93 4.69 -10.22
C SER A 3 -13.77 3.74 -11.41
N GLY A 4 -14.35 2.56 -11.29
CA GLY A 4 -14.26 1.58 -12.36
C GLY A 4 -12.87 1.48 -12.94
N SER A 5 -12.77 1.62 -14.26
CA SER A 5 -11.48 1.53 -14.93
C SER A 5 -10.46 2.47 -14.30
N SER A 6 -9.44 1.89 -13.68
CA SER A 6 -8.41 2.67 -13.01
C SER A 6 -7.73 3.62 -14.00
N GLY A 7 -6.85 4.47 -13.49
CA GLY A 7 -6.14 5.41 -14.34
C GLY A 7 -4.95 4.77 -15.03
N ARG A 8 -5.08 4.52 -16.33
CA ARG A 8 -4.01 3.90 -17.10
C ARG A 8 -2.64 4.38 -16.62
N GLY A 9 -1.69 3.46 -16.53
CA GLY A 9 -0.36 3.81 -16.08
C GLY A 9 -0.32 4.18 -14.61
N SER A 10 0.80 3.90 -13.96
CA SER A 10 0.96 4.20 -12.54
C SER A 10 2.20 5.06 -12.30
N ARG A 11 3.31 4.66 -12.91
CA ARG A 11 4.56 5.40 -12.77
C ARG A 11 4.93 5.55 -11.30
N PHE A 12 4.83 4.46 -10.55
CA PHE A 12 5.15 4.48 -9.12
C PHE A 12 5.39 3.07 -8.61
N THR A 13 6.32 2.94 -7.66
CA THR A 13 6.64 1.64 -7.07
C THR A 13 6.73 1.72 -5.56
N TRP A 14 6.61 0.58 -4.90
CA TRP A 14 6.69 0.53 -3.44
C TRP A 14 7.97 -0.16 -2.98
N ARG A 15 8.73 0.54 -2.15
CA ARG A 15 9.99 0.01 -1.63
C ARG A 15 9.74 -0.90 -0.43
N LYS A 16 10.60 -1.91 -0.28
CA LYS A 16 10.47 -2.86 0.82
C LYS A 16 10.49 -2.13 2.16
N GLU A 17 11.19 -1.00 2.22
CA GLU A 17 11.29 -0.23 3.45
C GLU A 17 9.95 0.43 3.76
N CYS A 18 9.33 1.03 2.75
CA CYS A 18 8.04 1.70 2.92
C CYS A 18 6.92 0.68 3.11
N LEU A 19 7.12 -0.50 2.55
CA LEU A 19 6.12 -1.57 2.65
C LEU A 19 6.10 -2.17 4.05
N ALA A 20 7.28 -2.22 4.68
CA ALA A 20 7.39 -2.77 6.02
C ALA A 20 6.68 -1.89 7.04
N VAL A 21 6.77 -0.58 6.84
CA VAL A 21 6.15 0.38 7.74
C VAL A 21 4.62 0.35 7.60
N MET A 22 4.15 0.25 6.37
CA MET A 22 2.72 0.21 6.09
C MET A 22 2.08 -1.02 6.75
N GLU A 23 2.79 -2.14 6.73
CA GLU A 23 2.28 -3.38 7.32
C GLU A 23 2.13 -3.23 8.83
N SER A 24 3.00 -2.43 9.43
CA SER A 24 2.97 -2.21 10.87
C SER A 24 1.72 -1.43 11.28
N TYR A 25 1.47 -0.32 10.60
CA TYR A 25 0.31 0.51 10.89
C TYR A 25 -0.98 -0.22 10.55
N PHE A 26 -0.95 -1.04 9.51
CA PHE A 26 -2.11 -1.81 9.08
C PHE A 26 -2.51 -2.82 10.16
N ASN A 27 -1.51 -3.37 10.84
CA ASN A 27 -1.75 -4.35 11.89
C ASN A 27 -2.50 -3.73 13.06
N GLU A 28 -2.17 -2.47 13.36
CA GLU A 28 -2.81 -1.77 14.46
C GLU A 28 -4.14 -1.14 14.02
N ASN A 29 -4.18 -0.72 12.76
CA ASN A 29 -5.39 -0.11 12.21
C ASN A 29 -5.53 -0.42 10.72
N GLN A 30 -6.66 -1.01 10.34
CA GLN A 30 -6.91 -1.37 8.96
C GLN A 30 -7.06 -0.12 8.10
N TYR A 31 -7.83 0.85 8.58
CA TYR A 31 -8.04 2.09 7.85
C TYR A 31 -7.53 3.29 8.65
N PRO A 32 -6.26 3.67 8.37
CA PRO A 32 -5.61 4.80 9.06
C PRO A 32 -6.21 6.14 8.64
N ASP A 33 -6.61 6.93 9.63
CA ASP A 33 -7.20 8.23 9.38
C ASP A 33 -6.21 9.14 8.66
N GLU A 34 -6.62 10.39 8.43
CA GLU A 34 -5.76 11.35 7.75
C GLU A 34 -4.48 11.60 8.54
N ALA A 35 -4.62 11.75 9.85
CA ALA A 35 -3.47 11.99 10.72
C ALA A 35 -2.57 10.76 10.78
N LYS A 36 -3.17 9.59 10.89
CA LYS A 36 -2.42 8.34 10.97
C LYS A 36 -1.67 8.08 9.67
N ARG A 37 -2.33 8.36 8.54
CA ARG A 37 -1.73 8.17 7.23
C ARG A 37 -0.46 9.01 7.08
N GLU A 38 -0.51 10.24 7.57
CA GLU A 38 0.63 11.15 7.50
C GLU A 38 1.77 10.66 8.38
N GLU A 39 1.43 10.10 9.54
CA GLU A 39 2.42 9.59 10.47
C GLU A 39 3.17 8.40 9.89
N ILE A 40 2.42 7.47 9.30
CA ILE A 40 3.01 6.28 8.70
C ILE A 40 3.74 6.63 7.40
N ALA A 41 3.25 7.65 6.72
CA ALA A 41 3.86 8.09 5.46
C ALA A 41 5.21 8.74 5.71
N ASN A 42 5.27 9.64 6.69
CA ASN A 42 6.50 10.34 7.03
C ASN A 42 7.60 9.35 7.38
N ALA A 43 7.23 8.27 8.04
CA ALA A 43 8.19 7.23 8.44
C ALA A 43 8.75 6.52 7.22
N CYS A 44 7.92 6.35 6.20
CA CYS A 44 8.34 5.67 4.97
C CYS A 44 9.37 6.52 4.21
N ASN A 45 9.17 7.83 4.21
CA ASN A 45 10.08 8.74 3.52
C ASN A 45 11.44 8.77 4.21
N ALA A 46 11.44 8.61 5.54
CA ALA A 46 12.68 8.61 6.31
C ALA A 46 13.50 7.37 6.02
N VAL A 47 12.85 6.21 6.06
CA VAL A 47 13.52 4.94 5.82
C VAL A 47 14.19 4.93 4.45
N ILE A 48 13.56 5.60 3.48
CA ILE A 48 14.09 5.68 2.13
C ILE A 48 15.03 6.87 1.96
N GLN A 49 14.73 7.95 2.68
CA GLN A 49 15.54 9.16 2.63
C GLN A 49 16.99 8.86 2.95
N LYS A 50 17.89 9.25 2.04
CA LYS A 50 19.32 9.01 2.24
C LYS A 50 20.05 10.33 2.52
N PRO A 51 21.17 10.24 3.26
CA PRO A 51 21.98 11.41 3.62
C PRO A 51 22.71 11.99 2.42
N GLY A 52 22.56 13.30 2.22
CA GLY A 52 23.20 13.96 1.09
C GLY A 52 22.48 13.73 -0.22
N LYS A 53 21.29 13.14 -0.14
CA LYS A 53 20.50 12.86 -1.32
C LYS A 53 19.16 13.60 -1.27
N LYS A 54 18.52 13.75 -2.43
CA LYS A 54 17.24 14.43 -2.52
C LYS A 54 16.13 13.46 -2.89
N LEU A 55 15.07 13.44 -2.09
CA LEU A 55 13.93 12.56 -2.34
C LEU A 55 13.15 13.00 -3.58
N SER A 56 12.63 12.03 -4.32
CA SER A 56 11.87 12.31 -5.52
C SER A 56 10.39 11.99 -5.32
N ASP A 57 9.53 12.68 -6.06
CA ASP A 57 8.09 12.45 -5.97
C ASP A 57 7.75 11.00 -6.23
N LEU A 58 8.61 10.33 -7.00
CA LEU A 58 8.39 8.92 -7.34
C LEU A 58 8.58 8.03 -6.12
N GLU A 59 9.52 8.40 -5.25
CA GLU A 59 9.79 7.64 -4.03
C GLU A 59 9.10 8.27 -2.83
N ARG A 60 8.65 9.50 -2.99
CA ARG A 60 7.97 10.22 -1.92
C ARG A 60 6.67 9.51 -1.53
N VAL A 61 6.45 9.34 -0.23
CA VAL A 61 5.25 8.68 0.27
C VAL A 61 4.30 9.68 0.93
N THR A 62 3.36 10.19 0.15
CA THR A 62 2.39 11.15 0.66
C THR A 62 1.24 10.45 1.38
N SER A 63 0.45 11.23 2.11
CA SER A 63 -0.68 10.68 2.85
C SER A 63 -1.65 9.95 1.91
N LEU A 64 -1.78 10.46 0.70
CA LEU A 64 -2.67 9.87 -0.29
C LEU A 64 -2.11 8.54 -0.79
N LYS A 65 -0.79 8.50 -1.02
CA LYS A 65 -0.14 7.28 -1.49
C LYS A 65 -0.34 6.13 -0.51
N VAL A 66 -0.32 6.45 0.78
CA VAL A 66 -0.52 5.44 1.82
C VAL A 66 -1.91 4.84 1.75
N TYR A 67 -2.90 5.70 1.51
CA TYR A 67 -4.29 5.25 1.42
C TYR A 67 -4.50 4.33 0.22
N ASN A 68 -3.80 4.64 -0.87
CA ASN A 68 -3.90 3.85 -2.09
C ASN A 68 -3.42 2.42 -1.85
N TRP A 69 -2.30 2.29 -1.16
CA TRP A 69 -1.74 0.98 -0.86
C TRP A 69 -2.63 0.20 0.11
N PHE A 70 -3.08 0.89 1.16
CA PHE A 70 -3.93 0.27 2.16
C PHE A 70 -5.23 -0.24 1.53
N ALA A 71 -5.88 0.62 0.75
CA ALA A 71 -7.12 0.25 0.09
C ALA A 71 -6.91 -0.88 -0.91
N ASN A 72 -5.84 -0.79 -1.68
CA ASN A 72 -5.51 -1.81 -2.67
C ASN A 72 -5.24 -3.15 -2.00
N ARG A 73 -4.63 -3.10 -0.82
CA ARG A 73 -4.31 -4.32 -0.07
C ARG A 73 -5.56 -4.92 0.54
N ARG A 74 -6.36 -4.08 1.19
CA ARG A 74 -7.59 -4.53 1.83
C ARG A 74 -8.50 -5.24 0.83
N LYS A 75 -8.67 -4.63 -0.34
CA LYS A 75 -9.51 -5.20 -1.38
C LYS A 75 -8.91 -6.51 -1.91
N GLU A 76 -7.59 -6.58 -1.93
CA GLU A 76 -6.90 -7.77 -2.40
C GLU A 76 -7.06 -8.93 -1.42
N ILE A 77 -6.73 -8.68 -0.15
CA ILE A 77 -6.85 -9.70 0.88
C ILE A 77 -8.31 -10.06 1.13
N LYS A 78 -9.18 -9.06 1.09
CA LYS A 78 -10.61 -9.28 1.30
C LYS A 78 -11.22 -10.07 0.14
N ARG A 79 -10.72 -9.83 -1.06
CA ARG A 79 -11.21 -10.51 -2.25
C ARG A 79 -10.80 -11.98 -2.25
N ARG A 80 -9.57 -12.24 -1.82
CA ARG A 80 -9.05 -13.61 -1.76
C ARG A 80 -9.71 -14.39 -0.63
N ALA A 81 -10.18 -13.68 0.37
CA ALA A 81 -10.83 -14.31 1.53
C ALA A 81 -12.27 -14.69 1.19
N ASN A 82 -12.79 -14.13 0.09
CA ASN A 82 -14.15 -14.41 -0.32
C ASN A 82 -14.37 -15.91 -0.51
N ILE A 83 -13.55 -16.53 -1.34
CA ILE A 83 -13.64 -17.96 -1.59
C ILE A 83 -15.09 -18.43 -1.48
N ALA A 84 -16.00 -17.72 -2.12
CA ALA A 84 -17.41 -18.06 -2.10
C ALA A 84 -17.77 -18.97 -3.27
N ALA A 85 -16.85 -19.10 -4.22
CA ALA A 85 -17.07 -19.93 -5.39
C ALA A 85 -16.06 -21.09 -5.44
N ILE A 86 -16.55 -22.26 -5.82
CA ILE A 86 -15.70 -23.44 -5.91
C ILE A 86 -14.38 -23.12 -6.60
N LEU A 87 -14.38 -22.04 -7.39
CA LEU A 87 -13.19 -21.63 -8.12
C LEU A 87 -11.99 -21.52 -7.17
N GLU A 88 -10.87 -22.14 -7.56
CA GLU A 88 -9.67 -22.12 -6.74
C GLU A 88 -8.76 -20.96 -7.17
N SER A 89 -8.53 -20.03 -6.25
CA SER A 89 -7.68 -18.89 -6.52
C SER A 89 -6.29 -19.06 -5.91
N SER A 90 -5.80 -20.30 -5.94
CA SER A 90 -4.49 -20.61 -5.39
C SER A 90 -3.90 -21.85 -6.05
N GLY A 91 -2.60 -21.80 -6.35
CA GLY A 91 -1.94 -22.92 -6.98
C GLY A 91 -1.10 -23.73 -6.02
N PRO A 92 -0.03 -24.34 -6.53
CA PRO A 92 0.88 -25.16 -5.71
C PRO A 92 1.70 -24.33 -4.74
N SER A 93 2.21 -24.97 -3.69
CA SER A 93 3.01 -24.29 -2.69
C SER A 93 4.12 -25.19 -2.17
N SER A 94 5.11 -24.58 -1.50
CA SER A 94 6.24 -25.33 -0.96
C SER A 94 5.76 -26.53 -0.15
N GLY A 95 6.31 -27.70 -0.43
CA GLY A 95 5.93 -28.90 0.29
C GLY A 95 5.75 -30.09 -0.64
N GLY A 1 -17.99 3.72 -10.39
CA GLY A 1 -18.12 4.35 -11.70
C GLY A 1 -16.79 4.71 -12.31
N SER A 2 -16.35 5.95 -12.08
CA SER A 2 -15.08 6.42 -12.61
C SER A 2 -13.91 5.88 -11.80
N SER A 3 -12.94 5.30 -12.49
CA SER A 3 -11.77 4.73 -11.83
C SER A 3 -10.57 4.71 -12.78
N GLY A 4 -9.38 4.90 -12.23
CA GLY A 4 -8.18 4.89 -13.03
C GLY A 4 -7.83 6.27 -13.57
N SER A 5 -6.53 6.57 -13.64
CA SER A 5 -6.06 7.85 -14.14
C SER A 5 -5.46 7.72 -15.53
N SER A 6 -5.05 8.85 -16.10
CA SER A 6 -4.46 8.85 -17.44
C SER A 6 -3.13 9.60 -17.42
N GLY A 7 -2.03 8.86 -17.33
CA GLY A 7 -0.72 9.46 -17.33
C GLY A 7 0.26 8.74 -18.23
N ARG A 8 1.55 9.04 -18.05
CA ARG A 8 2.59 8.42 -18.87
C ARG A 8 3.97 8.74 -18.32
N GLY A 9 4.92 7.83 -18.52
CA GLY A 9 6.26 8.04 -18.03
C GLY A 9 6.37 7.94 -16.52
N SER A 10 5.76 8.89 -15.82
CA SER A 10 5.78 8.91 -14.37
C SER A 10 5.28 7.58 -13.80
N ARG A 11 6.12 6.93 -13.01
CA ARG A 11 5.77 5.65 -12.41
C ARG A 11 6.28 5.57 -10.97
N PHE A 12 5.36 5.37 -10.03
CA PHE A 12 5.71 5.28 -8.62
C PHE A 12 6.20 3.87 -8.27
N THR A 13 6.77 3.72 -7.09
CA THR A 13 7.27 2.43 -6.63
C THR A 13 7.21 2.32 -5.11
N TRP A 14 7.12 1.09 -4.62
CA TRP A 14 7.05 0.84 -3.19
C TRP A 14 8.29 0.09 -2.70
N ARG A 15 9.14 0.78 -1.95
CA ARG A 15 10.36 0.18 -1.43
C ARG A 15 10.05 -0.71 -0.23
N LYS A 16 10.90 -1.70 0.01
CA LYS A 16 10.73 -2.62 1.12
C LYS A 16 10.66 -1.86 2.44
N GLU A 17 11.32 -0.71 2.50
CA GLU A 17 11.33 0.11 3.70
C GLU A 17 9.95 0.71 3.96
N CYS A 18 9.35 1.26 2.90
CA CYS A 18 8.04 1.88 3.01
C CYS A 18 6.94 0.82 3.18
N LEU A 19 7.22 -0.37 2.66
CA LEU A 19 6.26 -1.47 2.75
C LEU A 19 6.24 -2.08 4.14
N ALA A 20 7.41 -2.19 4.75
CA ALA A 20 7.53 -2.74 6.09
C ALA A 20 6.77 -1.90 7.10
N VAL A 21 6.85 -0.58 6.95
CA VAL A 21 6.16 0.34 7.84
C VAL A 21 4.65 0.32 7.61
N MET A 22 4.25 0.24 6.34
CA MET A 22 2.84 0.20 5.98
C MET A 22 2.17 -1.04 6.55
N GLU A 23 2.90 -2.15 6.60
CA GLU A 23 2.38 -3.40 7.11
C GLU A 23 2.09 -3.29 8.61
N SER A 24 2.98 -2.60 9.33
CA SER A 24 2.82 -2.42 10.77
C SER A 24 1.53 -1.66 11.08
N TYR A 25 1.35 -0.52 10.42
CA TYR A 25 0.17 0.30 10.64
C TYR A 25 -1.10 -0.46 10.27
N PHE A 26 -1.00 -1.31 9.26
CA PHE A 26 -2.14 -2.11 8.81
C PHE A 26 -2.53 -3.13 9.86
N ASN A 27 -1.53 -3.71 10.52
CA ASN A 27 -1.77 -4.71 11.56
C ASN A 27 -2.55 -4.11 12.73
N GLU A 28 -2.25 -2.86 13.05
CA GLU A 28 -2.91 -2.17 14.15
C GLU A 28 -4.27 -1.61 13.70
N ASN A 29 -4.35 -1.20 12.44
CA ASN A 29 -5.58 -0.65 11.89
C ASN A 29 -5.59 -0.76 10.37
N GLN A 30 -6.70 -1.24 9.82
CA GLN A 30 -6.84 -1.39 8.38
C GLN A 30 -7.05 -0.03 7.71
N TYR A 31 -7.78 0.85 8.39
CA TYR A 31 -8.05 2.18 7.86
C TYR A 31 -7.45 3.27 8.75
N PRO A 32 -6.20 3.65 8.44
CA PRO A 32 -5.49 4.68 9.21
C PRO A 32 -6.08 6.07 9.01
N ASP A 33 -6.53 6.69 10.10
CA ASP A 33 -7.10 8.02 10.04
C ASP A 33 -6.26 8.95 9.19
N GLU A 34 -6.77 10.16 8.94
CA GLU A 34 -6.05 11.14 8.14
C GLU A 34 -4.65 11.40 8.70
N ALA A 35 -4.61 11.69 10.00
CA ALA A 35 -3.33 11.96 10.66
C ALA A 35 -2.46 10.71 10.71
N LYS A 36 -3.10 9.56 10.89
CA LYS A 36 -2.38 8.29 10.95
C LYS A 36 -1.65 8.02 9.64
N ARG A 37 -2.28 8.35 8.53
CA ARG A 37 -1.69 8.14 7.22
C ARG A 37 -0.44 8.99 7.04
N GLU A 38 -0.51 10.25 7.46
CA GLU A 38 0.61 11.16 7.36
C GLU A 38 1.77 10.70 8.26
N GLU A 39 1.42 10.18 9.43
CA GLU A 39 2.43 9.70 10.37
C GLU A 39 3.20 8.51 9.81
N ILE A 40 2.47 7.55 9.25
CA ILE A 40 3.09 6.37 8.67
C ILE A 40 3.81 6.69 7.37
N ALA A 41 3.31 7.71 6.66
CA ALA A 41 3.91 8.13 5.41
C ALA A 41 5.24 8.84 5.64
N ASN A 42 5.26 9.73 6.63
CA ASN A 42 6.47 10.47 6.96
C ASN A 42 7.61 9.53 7.31
N ALA A 43 7.29 8.45 8.00
CA ALA A 43 8.29 7.46 8.40
C ALA A 43 8.86 6.74 7.19
N CYS A 44 8.01 6.47 6.21
CA CYS A 44 8.43 5.78 4.99
C CYS A 44 9.47 6.60 4.24
N ASN A 45 9.26 7.91 4.17
CA ASN A 45 10.18 8.81 3.48
C ASN A 45 11.52 8.87 4.21
N ALA A 46 11.47 8.76 5.53
CA ALA A 46 12.68 8.82 6.35
C ALA A 46 13.52 7.56 6.15
N VAL A 47 12.89 6.40 6.22
CA VAL A 47 13.58 5.13 6.06
C VAL A 47 14.27 5.06 4.70
N ILE A 48 13.67 5.70 3.70
CA ILE A 48 14.23 5.71 2.35
C ILE A 48 15.16 6.91 2.16
N GLN A 49 14.86 8.00 2.85
CA GLN A 49 15.66 9.21 2.75
C GLN A 49 17.13 8.93 3.06
N LYS A 50 18.00 9.29 2.13
CA LYS A 50 19.43 9.07 2.30
C LYS A 50 20.14 10.36 2.69
N PRO A 51 21.26 10.23 3.41
CA PRO A 51 22.05 11.38 3.86
C PRO A 51 22.76 12.09 2.71
N GLY A 52 22.58 13.40 2.63
CA GLY A 52 23.21 14.17 1.57
C GLY A 52 22.51 13.98 0.23
N LYS A 53 21.33 13.39 0.26
CA LYS A 53 20.56 13.15 -0.96
C LYS A 53 19.23 13.88 -0.90
N LYS A 54 18.61 14.07 -2.08
CA LYS A 54 17.33 14.75 -2.17
C LYS A 54 16.23 13.78 -2.59
N LEU A 55 15.16 13.73 -1.80
CA LEU A 55 14.03 12.86 -2.09
C LEU A 55 13.28 13.31 -3.33
N SER A 56 12.80 12.36 -4.13
CA SER A 56 12.06 12.67 -5.35
C SER A 56 10.59 12.30 -5.19
N ASP A 57 9.74 12.95 -5.98
CA ASP A 57 8.31 12.70 -5.94
C ASP A 57 8.01 11.22 -6.14
N LEU A 58 8.94 10.51 -6.79
CA LEU A 58 8.77 9.08 -7.05
C LEU A 58 8.86 8.28 -5.75
N GLU A 59 9.66 8.78 -4.81
CA GLU A 59 9.83 8.10 -3.53
C GLU A 59 9.03 8.81 -2.43
N ARG A 60 8.62 10.04 -2.72
CA ARG A 60 7.84 10.82 -1.76
C ARG A 60 6.54 10.12 -1.40
N VAL A 61 6.48 9.60 -0.18
CA VAL A 61 5.28 8.90 0.29
C VAL A 61 4.32 9.85 1.00
N THR A 62 3.32 10.33 0.26
CA THR A 62 2.34 11.25 0.81
C THR A 62 1.20 10.51 1.49
N SER A 63 0.37 11.23 2.22
CA SER A 63 -0.77 10.63 2.92
C SER A 63 -1.67 9.87 1.95
N LEU A 64 -1.92 10.48 0.79
CA LEU A 64 -2.77 9.87 -0.23
C LEU A 64 -2.16 8.57 -0.73
N LYS A 65 -0.85 8.57 -0.95
CA LYS A 65 -0.14 7.40 -1.43
C LYS A 65 -0.32 6.22 -0.48
N VAL A 66 -0.31 6.51 0.82
CA VAL A 66 -0.48 5.48 1.84
C VAL A 66 -1.86 4.84 1.75
N TYR A 67 -2.88 5.66 1.51
CA TYR A 67 -4.25 5.18 1.40
C TYR A 67 -4.41 4.27 0.18
N ASN A 68 -3.72 4.62 -0.90
CA ASN A 68 -3.78 3.84 -2.12
C ASN A 68 -3.25 2.43 -1.91
N TRP A 69 -2.11 2.33 -1.21
CA TRP A 69 -1.50 1.04 -0.92
C TRP A 69 -2.36 0.22 0.03
N PHE A 70 -2.89 0.89 1.05
CA PHE A 70 -3.73 0.22 2.03
C PHE A 70 -5.03 -0.29 1.39
N ALA A 71 -5.57 0.50 0.47
CA ALA A 71 -6.80 0.13 -0.22
C ALA A 71 -6.62 -1.16 -1.01
N ASN A 72 -5.45 -1.33 -1.61
CA ASN A 72 -5.14 -2.52 -2.39
C ASN A 72 -5.16 -3.77 -1.51
N ARG A 73 -4.71 -3.61 -0.27
CA ARG A 73 -4.66 -4.73 0.67
C ARG A 73 -6.06 -5.06 1.19
N ARG A 74 -6.81 -4.03 1.56
CA ARG A 74 -8.16 -4.21 2.07
C ARG A 74 -9.09 -4.73 0.97
N LYS A 75 -8.92 -4.20 -0.24
CA LYS A 75 -9.75 -4.61 -1.38
C LYS A 75 -9.41 -6.04 -1.81
N GLU A 76 -8.13 -6.39 -1.69
CA GLU A 76 -7.68 -7.73 -2.08
C GLU A 76 -8.24 -8.79 -1.12
N ILE A 77 -8.32 -8.43 0.16
CA ILE A 77 -8.84 -9.35 1.17
C ILE A 77 -10.36 -9.39 1.15
N LYS A 78 -10.98 -8.22 1.00
CA LYS A 78 -12.43 -8.12 0.97
C LYS A 78 -12.99 -8.73 -0.31
N ARG A 79 -12.27 -8.54 -1.41
CA ARG A 79 -12.70 -9.08 -2.70
C ARG A 79 -12.88 -10.59 -2.62
N ARG A 80 -12.04 -11.24 -1.82
CA ARG A 80 -12.11 -12.68 -1.66
C ARG A 80 -13.19 -13.07 -0.65
N ALA A 81 -13.66 -12.09 0.10
CA ALA A 81 -14.71 -12.32 1.10
C ALA A 81 -16.09 -12.02 0.53
N ASN A 82 -16.12 -11.44 -0.66
CA ASN A 82 -17.39 -11.09 -1.31
C ASN A 82 -17.47 -11.71 -2.70
N ILE A 83 -16.32 -11.83 -3.35
CA ILE A 83 -16.25 -12.40 -4.69
C ILE A 83 -17.53 -12.11 -5.47
N ALA A 84 -17.94 -10.85 -5.48
CA ALA A 84 -19.15 -10.44 -6.19
C ALA A 84 -18.88 -10.32 -7.69
N ALA A 85 -18.26 -11.33 -8.26
CA ALA A 85 -17.95 -11.35 -9.69
C ALA A 85 -17.65 -12.76 -10.18
N ILE A 86 -18.35 -13.17 -11.23
CA ILE A 86 -18.15 -14.51 -11.80
C ILE A 86 -16.73 -14.67 -12.31
N LEU A 87 -16.20 -13.63 -12.94
CA LEU A 87 -14.84 -13.67 -13.47
C LEU A 87 -13.90 -14.43 -12.53
N GLU A 88 -13.09 -15.31 -13.10
CA GLU A 88 -12.15 -16.09 -12.32
C GLU A 88 -10.74 -15.53 -12.43
N SER A 89 -9.93 -15.72 -11.39
CA SER A 89 -8.56 -15.23 -11.39
C SER A 89 -7.80 -15.77 -10.18
N SER A 90 -6.72 -16.48 -10.45
CA SER A 90 -5.90 -17.06 -9.39
C SER A 90 -5.27 -15.97 -8.54
N GLY A 91 -5.31 -16.16 -7.22
CA GLY A 91 -4.74 -15.18 -6.32
C GLY A 91 -5.03 -15.50 -4.86
N PRO A 92 -4.28 -16.46 -4.30
CA PRO A 92 -4.44 -16.88 -2.91
C PRO A 92 -3.98 -15.81 -1.92
N SER A 93 -4.76 -15.62 -0.86
CA SER A 93 -4.43 -14.63 0.16
C SER A 93 -4.27 -15.28 1.52
N SER A 94 -5.22 -16.15 1.89
CA SER A 94 -5.18 -16.83 3.16
C SER A 94 -5.40 -18.33 2.98
N GLY A 95 -4.35 -19.11 3.21
CA GLY A 95 -4.44 -20.55 3.06
C GLY A 95 -4.75 -21.25 4.38
N GLY A 1 11.52 -18.87 -9.59
CA GLY A 1 10.39 -18.02 -9.25
C GLY A 1 10.52 -16.63 -9.85
N SER A 2 9.60 -16.28 -10.74
CA SER A 2 9.63 -14.97 -11.39
C SER A 2 9.23 -13.87 -10.41
N SER A 3 10.21 -13.36 -9.67
CA SER A 3 9.96 -12.31 -8.70
C SER A 3 10.89 -11.12 -8.94
N GLY A 4 10.32 -9.92 -8.90
CA GLY A 4 11.10 -8.71 -9.12
C GLY A 4 10.48 -7.49 -8.46
N SER A 5 10.56 -6.35 -9.15
CA SER A 5 10.01 -5.11 -8.63
C SER A 5 8.51 -5.02 -8.91
N SER A 6 7.86 -4.03 -8.31
CA SER A 6 6.43 -3.84 -8.48
C SER A 6 6.14 -2.66 -9.41
N GLY A 7 5.68 -2.97 -10.62
CA GLY A 7 5.39 -1.92 -11.58
C GLY A 7 6.42 -1.83 -12.68
N ARG A 8 6.03 -1.27 -13.82
CA ARG A 8 6.93 -1.12 -14.95
C ARG A 8 6.72 0.22 -15.65
N GLY A 9 7.69 0.62 -16.47
CA GLY A 9 7.59 1.88 -17.17
C GLY A 9 7.66 3.08 -16.24
N SER A 10 6.92 4.14 -16.59
CA SER A 10 6.90 5.35 -15.78
C SER A 10 5.85 5.24 -14.67
N ARG A 11 5.89 4.14 -13.92
CA ARG A 11 4.95 3.92 -12.83
C ARG A 11 5.66 3.92 -11.49
N PHE A 12 5.00 4.49 -10.48
CA PHE A 12 5.57 4.57 -9.15
C PHE A 12 5.73 3.18 -8.55
N THR A 13 6.81 2.99 -7.79
CA THR A 13 7.09 1.70 -7.16
C THR A 13 7.12 1.84 -5.64
N TRP A 14 7.12 0.70 -4.95
CA TRP A 14 7.15 0.69 -3.49
C TRP A 14 8.44 0.05 -2.98
N ARG A 15 9.07 0.69 -2.00
CA ARG A 15 10.31 0.18 -1.43
C ARG A 15 10.02 -0.73 -0.24
N LYS A 16 10.89 -1.72 -0.03
CA LYS A 16 10.73 -2.66 1.08
C LYS A 16 10.64 -1.92 2.40
N GLU A 17 11.33 -0.78 2.49
CA GLU A 17 11.32 0.03 3.71
C GLU A 17 9.95 0.65 3.94
N CYS A 18 9.38 1.22 2.89
CA CYS A 18 8.08 1.86 2.99
C CYS A 18 6.97 0.82 3.11
N LEU A 19 7.22 -0.37 2.58
CA LEU A 19 6.24 -1.45 2.64
C LEU A 19 6.18 -2.07 4.03
N ALA A 20 7.36 -2.26 4.64
CA ALA A 20 7.44 -2.84 5.97
C ALA A 20 6.73 -1.96 6.99
N VAL A 21 6.76 -0.65 6.76
CA VAL A 21 6.12 0.30 7.67
C VAL A 21 4.61 0.33 7.46
N MET A 22 4.19 0.26 6.20
CA MET A 22 2.77 0.27 5.87
C MET A 22 2.07 -0.96 6.43
N GLU A 23 2.76 -2.11 6.36
CA GLU A 23 2.19 -3.35 6.87
C GLU A 23 1.95 -3.28 8.38
N SER A 24 2.87 -2.63 9.09
CA SER A 24 2.76 -2.49 10.53
C SER A 24 1.52 -1.68 10.91
N TYR A 25 1.35 -0.54 10.26
CA TYR A 25 0.20 0.33 10.52
C TYR A 25 -1.10 -0.37 10.16
N PHE A 26 -1.06 -1.22 9.14
CA PHE A 26 -2.23 -1.96 8.69
C PHE A 26 -2.65 -2.98 9.73
N ASN A 27 -1.67 -3.61 10.38
CA ASN A 27 -1.94 -4.62 11.39
C ASN A 27 -2.68 -4.01 12.58
N GLU A 28 -2.31 -2.78 12.92
CA GLU A 28 -2.94 -2.08 14.04
C GLU A 28 -4.27 -1.47 13.62
N ASN A 29 -4.36 -1.03 12.37
CA ASN A 29 -5.57 -0.43 11.85
C ASN A 29 -5.65 -0.57 10.33
N GLN A 30 -6.78 -1.08 9.85
CA GLN A 30 -6.98 -1.27 8.42
C GLN A 30 -7.13 0.07 7.70
N TYR A 31 -7.87 0.98 8.33
CA TYR A 31 -8.11 2.30 7.75
C TYR A 31 -7.51 3.38 8.63
N PRO A 32 -6.25 3.75 8.37
CA PRO A 32 -5.54 4.78 9.13
C PRO A 32 -6.10 6.18 8.87
N ASP A 33 -6.56 6.84 9.91
CA ASP A 33 -7.12 8.18 9.80
C ASP A 33 -6.17 9.09 9.02
N GLU A 34 -6.63 10.31 8.74
CA GLU A 34 -5.83 11.27 8.00
C GLU A 34 -4.49 11.51 8.69
N ALA A 35 -4.54 11.67 10.02
CA ALA A 35 -3.32 11.92 10.80
C ALA A 35 -2.43 10.68 10.81
N LYS A 36 -3.05 9.50 10.85
CA LYS A 36 -2.32 8.25 10.87
C LYS A 36 -1.56 8.04 9.56
N ARG A 37 -2.21 8.37 8.45
CA ARG A 37 -1.60 8.22 7.13
C ARG A 37 -0.35 9.09 7.01
N GLU A 38 -0.42 10.31 7.51
CA GLU A 38 0.70 11.23 7.46
C GLU A 38 1.83 10.76 8.36
N GLU A 39 1.47 10.16 9.49
CA GLU A 39 2.45 9.66 10.44
C GLU A 39 3.24 8.50 9.85
N ILE A 40 2.52 7.54 9.26
CA ILE A 40 3.14 6.38 8.66
C ILE A 40 3.87 6.74 7.36
N ALA A 41 3.38 7.78 6.69
CA ALA A 41 3.97 8.24 5.45
C ALA A 41 5.29 8.95 5.71
N ASN A 42 5.30 9.87 6.67
CA ASN A 42 6.49 10.62 7.02
C ASN A 42 7.62 9.69 7.42
N ALA A 43 7.27 8.56 8.04
CA ALA A 43 8.26 7.58 8.47
C ALA A 43 8.89 6.88 7.28
N CYS A 44 8.08 6.59 6.27
CA CYS A 44 8.57 5.91 5.07
C CYS A 44 9.61 6.76 4.35
N ASN A 45 9.40 8.07 4.33
CA ASN A 45 10.31 8.99 3.68
C ASN A 45 11.65 9.05 4.43
N ALA A 46 11.59 8.89 5.73
CA ALA A 46 12.79 8.92 6.56
C ALA A 46 13.65 7.68 6.33
N VAL A 47 13.01 6.51 6.36
CA VAL A 47 13.72 5.26 6.14
C VAL A 47 14.43 5.25 4.79
N ILE A 48 13.88 5.98 3.84
CA ILE A 48 14.46 6.05 2.50
C ILE A 48 15.33 7.29 2.35
N GLN A 49 14.99 8.34 3.09
CA GLN A 49 15.75 9.59 3.05
C GLN A 49 17.22 9.35 3.40
N LYS A 50 18.10 9.95 2.61
CA LYS A 50 19.54 9.81 2.84
C LYS A 50 20.19 11.15 3.13
N PRO A 51 21.30 11.13 3.88
CA PRO A 51 22.03 12.35 4.24
C PRO A 51 22.73 12.98 3.05
N GLY A 52 22.50 14.28 2.85
CA GLY A 52 23.11 14.98 1.74
C GLY A 52 22.45 14.67 0.41
N LYS A 53 21.33 13.97 0.47
CA LYS A 53 20.59 13.61 -0.74
C LYS A 53 19.17 14.18 -0.71
N LYS A 54 18.66 14.53 -1.88
CA LYS A 54 17.32 15.09 -1.99
C LYS A 54 16.31 14.01 -2.38
N LEU A 55 15.16 14.00 -1.70
CA LEU A 55 14.12 13.03 -1.98
C LEU A 55 13.39 13.35 -3.28
N SER A 56 13.01 12.31 -4.02
CA SER A 56 12.31 12.49 -5.28
C SER A 56 10.81 12.29 -5.11
N ASP A 57 10.03 13.01 -5.90
CA ASP A 57 8.57 12.91 -5.84
C ASP A 57 8.12 11.47 -6.04
N LEU A 58 8.86 10.72 -6.85
CA LEU A 58 8.53 9.33 -7.13
C LEU A 58 8.72 8.47 -5.90
N GLU A 59 9.71 8.83 -5.08
CA GLU A 59 10.00 8.09 -3.85
C GLU A 59 9.31 8.72 -2.65
N ARG A 60 8.88 9.97 -2.81
CA ARG A 60 8.22 10.70 -1.74
C ARG A 60 6.88 10.05 -1.40
N VAL A 61 6.82 9.40 -0.23
CA VAL A 61 5.61 8.74 0.22
C VAL A 61 4.65 9.73 0.87
N THR A 62 3.62 10.13 0.13
CA THR A 62 2.63 11.08 0.64
C THR A 62 1.49 10.35 1.36
N SER A 63 0.64 11.12 2.03
CA SER A 63 -0.49 10.55 2.76
C SER A 63 -1.40 9.77 1.82
N LEU A 64 -1.65 10.34 0.65
CA LEU A 64 -2.52 9.70 -0.34
C LEU A 64 -1.94 8.36 -0.79
N LYS A 65 -0.62 8.33 -0.98
CA LYS A 65 0.06 7.11 -1.41
C LYS A 65 -0.20 5.98 -0.42
N VAL A 66 -0.15 6.29 0.87
CA VAL A 66 -0.38 5.29 1.91
C VAL A 66 -1.80 4.72 1.82
N TYR A 67 -2.76 5.60 1.59
CA TYR A 67 -4.16 5.18 1.49
C TYR A 67 -4.37 4.28 0.27
N ASN A 68 -3.68 4.60 -0.81
CA ASN A 68 -3.79 3.83 -2.04
C ASN A 68 -3.30 2.40 -1.84
N TRP A 69 -2.16 2.26 -1.15
CA TRP A 69 -1.60 0.95 -0.88
C TRP A 69 -2.46 0.17 0.10
N PHE A 70 -2.93 0.85 1.15
CA PHE A 70 -3.77 0.22 2.16
C PHE A 70 -5.07 -0.28 1.55
N ALA A 71 -5.69 0.55 0.72
CA ALA A 71 -6.94 0.18 0.07
C ALA A 71 -6.78 -1.06 -0.79
N ASN A 72 -5.60 -1.19 -1.40
CA ASN A 72 -5.32 -2.34 -2.27
C ASN A 72 -5.31 -3.64 -1.46
N ARG A 73 -4.85 -3.55 -0.21
CA ARG A 73 -4.80 -4.71 0.66
C ARG A 73 -6.19 -5.10 1.14
N ARG A 74 -6.96 -4.11 1.55
CA ARG A 74 -8.32 -4.35 2.03
C ARG A 74 -9.18 -5.00 0.95
N LYS A 75 -9.05 -4.51 -0.28
CA LYS A 75 -9.81 -5.04 -1.40
C LYS A 75 -9.30 -6.43 -1.79
N GLU A 76 -8.00 -6.65 -1.62
CA GLU A 76 -7.40 -7.94 -1.96
C GLU A 76 -7.88 -9.03 -1.01
N ILE A 77 -8.04 -8.67 0.26
CA ILE A 77 -8.49 -9.62 1.27
C ILE A 77 -10.01 -9.80 1.21
N LYS A 78 -10.72 -8.70 1.03
CA LYS A 78 -12.18 -8.74 0.94
C LYS A 78 -12.63 -9.42 -0.35
N ARG A 79 -11.90 -9.20 -1.42
CA ARG A 79 -12.22 -9.79 -2.72
C ARG A 79 -12.13 -11.31 -2.65
N ARG A 80 -11.15 -11.81 -1.90
CA ARG A 80 -10.95 -13.25 -1.76
C ARG A 80 -12.06 -13.86 -0.91
N ALA A 81 -12.56 -13.08 0.05
CA ALA A 81 -13.61 -13.56 0.93
C ALA A 81 -14.93 -13.69 0.18
N ASN A 82 -15.06 -12.96 -0.92
CA ASN A 82 -16.28 -13.00 -1.72
C ASN A 82 -16.50 -14.40 -2.31
N ILE A 83 -15.39 -15.09 -2.61
CA ILE A 83 -15.47 -16.43 -3.17
C ILE A 83 -15.76 -17.46 -2.09
N ALA A 84 -16.75 -17.18 -1.26
CA ALA A 84 -17.14 -18.09 -0.18
C ALA A 84 -15.91 -18.70 0.48
N ALA A 85 -14.85 -17.90 0.58
CA ALA A 85 -13.62 -18.36 1.21
C ALA A 85 -13.81 -18.64 2.70
N ILE A 86 -13.23 -19.73 3.18
CA ILE A 86 -13.34 -20.11 4.58
C ILE A 86 -12.15 -19.60 5.38
N LEU A 87 -11.65 -18.42 5.01
CA LEU A 87 -10.51 -17.83 5.70
C LEU A 87 -10.85 -16.44 6.21
N GLU A 88 -11.18 -16.35 7.50
CA GLU A 88 -11.52 -15.08 8.11
C GLU A 88 -10.73 -14.85 9.39
N SER A 89 -10.92 -13.69 10.02
CA SER A 89 -10.22 -13.35 11.24
C SER A 89 -11.11 -12.55 12.18
N SER A 90 -10.62 -12.32 13.40
CA SER A 90 -11.38 -11.57 14.40
C SER A 90 -11.92 -10.27 13.80
N GLY A 91 -13.21 -10.03 14.00
CA GLY A 91 -13.82 -8.82 13.48
C GLY A 91 -14.66 -8.10 14.52
N PRO A 92 -13.99 -7.27 15.33
CA PRO A 92 -14.66 -6.50 16.40
C PRO A 92 -15.53 -5.39 15.83
N SER A 93 -16.32 -4.76 16.71
CA SER A 93 -17.21 -3.68 16.31
C SER A 93 -17.60 -2.82 17.50
N SER A 94 -18.39 -1.78 17.25
CA SER A 94 -18.84 -0.89 18.30
C SER A 94 -20.29 -1.16 18.67
N GLY A 95 -20.62 -0.95 19.94
CA GLY A 95 -21.99 -1.18 20.40
C GLY A 95 -23.02 -0.62 19.44
N GLY A 1 -16.76 -2.93 -2.10
CA GLY A 1 -17.10 -1.64 -2.67
C GLY A 1 -16.04 -1.15 -3.64
N SER A 2 -16.43 -0.26 -4.55
CA SER A 2 -15.50 0.29 -5.53
C SER A 2 -15.32 1.78 -5.32
N SER A 3 -14.06 2.22 -5.23
CA SER A 3 -13.74 3.62 -5.03
C SER A 3 -13.03 4.20 -6.24
N GLY A 4 -12.06 3.44 -6.77
CA GLY A 4 -11.31 3.89 -7.92
C GLY A 4 -12.18 4.63 -8.92
N SER A 5 -12.08 5.96 -8.91
CA SER A 5 -12.86 6.79 -9.82
C SER A 5 -11.95 7.56 -10.77
N SER A 6 -10.98 8.28 -10.20
CA SER A 6 -10.05 9.07 -10.99
C SER A 6 -8.86 8.21 -11.44
N GLY A 7 -8.51 8.33 -12.72
CA GLY A 7 -7.40 7.57 -13.25
C GLY A 7 -6.12 8.38 -13.32
N ARG A 8 -4.98 7.69 -13.32
CA ARG A 8 -3.68 8.35 -13.37
C ARG A 8 -2.57 7.33 -13.60
N GLY A 9 -1.49 7.78 -14.22
CA GLY A 9 -0.36 6.91 -14.49
C GLY A 9 0.97 7.62 -14.41
N SER A 10 1.89 7.08 -13.61
CA SER A 10 3.20 7.69 -13.45
C SER A 10 4.24 6.63 -13.10
N ARG A 11 5.50 7.06 -12.96
CA ARG A 11 6.58 6.15 -12.63
C ARG A 11 6.87 6.15 -11.14
N PHE A 12 6.06 5.43 -10.38
CA PHE A 12 6.22 5.35 -8.93
C PHE A 12 6.72 3.97 -8.51
N THR A 13 7.12 3.85 -7.24
CA THR A 13 7.62 2.59 -6.71
C THR A 13 7.42 2.51 -5.21
N TRP A 14 7.23 1.29 -4.71
CA TRP A 14 7.02 1.09 -3.28
C TRP A 14 8.22 0.39 -2.65
N ARG A 15 9.16 1.18 -2.14
CA ARG A 15 10.35 0.64 -1.52
C ARG A 15 9.99 -0.36 -0.41
N LYS A 16 10.84 -1.37 -0.24
CA LYS A 16 10.60 -2.39 0.77
C LYS A 16 10.47 -1.76 2.16
N GLU A 17 11.13 -0.63 2.35
CA GLU A 17 11.09 0.08 3.63
C GLU A 17 9.70 0.65 3.90
N CYS A 18 9.12 1.28 2.87
CA CYS A 18 7.79 1.87 2.99
C CYS A 18 6.72 0.79 3.10
N LEU A 19 7.02 -0.38 2.53
CA LEU A 19 6.08 -1.50 2.55
C LEU A 19 6.04 -2.15 3.93
N ALA A 20 7.19 -2.22 4.58
CA ALA A 20 7.29 -2.82 5.91
C ALA A 20 6.60 -1.94 6.95
N VAL A 21 6.76 -0.63 6.81
CA VAL A 21 6.15 0.32 7.74
C VAL A 21 4.65 0.40 7.53
N MET A 22 4.22 0.31 6.28
CA MET A 22 2.79 0.36 5.94
C MET A 22 2.06 -0.86 6.50
N GLU A 23 2.70 -2.03 6.38
CA GLU A 23 2.10 -3.26 6.86
C GLU A 23 1.90 -3.22 8.37
N SER A 24 2.81 -2.56 9.07
CA SER A 24 2.74 -2.45 10.52
C SER A 24 1.51 -1.65 10.94
N TYR A 25 1.29 -0.52 10.27
CA TYR A 25 0.15 0.34 10.57
C TYR A 25 -1.16 -0.35 10.21
N PHE A 26 -1.13 -1.17 9.17
CA PHE A 26 -2.31 -1.90 8.72
C PHE A 26 -2.75 -2.92 9.76
N ASN A 27 -1.77 -3.56 10.39
CA ASN A 27 -2.05 -4.57 11.41
C ASN A 27 -2.76 -3.96 12.61
N GLU A 28 -2.39 -2.72 12.95
CA GLU A 28 -3.00 -2.03 14.08
C GLU A 28 -4.30 -1.35 13.65
N ASN A 29 -4.35 -0.88 12.41
CA ASN A 29 -5.52 -0.22 11.88
C ASN A 29 -5.65 -0.43 10.37
N GLN A 30 -6.76 -1.01 9.96
CA GLN A 30 -7.00 -1.28 8.54
C GLN A 30 -7.14 0.03 7.76
N TYR A 31 -7.79 1.01 8.38
CA TYR A 31 -7.98 2.31 7.74
C TYR A 31 -7.40 3.44 8.59
N PRO A 32 -6.14 3.82 8.29
CA PRO A 32 -5.44 4.87 9.01
C PRO A 32 -6.02 6.26 8.73
N ASP A 33 -6.46 6.93 9.79
CA ASP A 33 -7.04 8.26 9.65
C ASP A 33 -6.09 9.20 8.92
N GLU A 34 -6.57 10.40 8.60
CA GLU A 34 -5.76 11.38 7.90
C GLU A 34 -4.47 11.66 8.66
N ALA A 35 -4.57 11.78 9.98
CA ALA A 35 -3.41 12.05 10.81
C ALA A 35 -2.48 10.84 10.86
N LYS A 36 -3.07 9.65 10.90
CA LYS A 36 -2.30 8.42 10.94
C LYS A 36 -1.52 8.21 9.65
N ARG A 37 -2.18 8.50 8.52
CA ARG A 37 -1.55 8.34 7.22
C ARG A 37 -0.30 9.21 7.11
N GLU A 38 -0.37 10.41 7.66
CA GLU A 38 0.75 11.35 7.62
C GLU A 38 1.91 10.83 8.48
N GLU A 39 1.58 10.23 9.60
CA GLU A 39 2.59 9.69 10.51
C GLU A 39 3.33 8.51 9.88
N ILE A 40 2.57 7.60 9.29
CA ILE A 40 3.15 6.42 8.65
C ILE A 40 3.85 6.80 7.36
N ALA A 41 3.32 7.81 6.67
CA ALA A 41 3.89 8.27 5.41
C ALA A 41 5.26 8.90 5.64
N ASN A 42 5.36 9.77 6.65
CA ASN A 42 6.61 10.43 6.96
C ASN A 42 7.69 9.42 7.32
N ALA A 43 7.30 8.39 8.07
CA ALA A 43 8.24 7.35 8.49
C ALA A 43 8.80 6.61 7.29
N CYS A 44 7.99 6.44 6.26
CA CYS A 44 8.40 5.75 5.05
C CYS A 44 9.49 6.54 4.31
N ASN A 45 9.32 7.85 4.27
CA ASN A 45 10.29 8.72 3.61
C ASN A 45 11.61 8.74 4.36
N ALA A 46 11.54 8.63 5.68
CA ALA A 46 12.74 8.63 6.51
C ALA A 46 13.53 7.34 6.33
N VAL A 47 12.84 6.21 6.38
CA VAL A 47 13.49 4.91 6.22
C VAL A 47 14.20 4.81 4.88
N ILE A 48 13.72 5.56 3.90
CA ILE A 48 14.31 5.56 2.57
C ILE A 48 15.27 6.74 2.40
N GLN A 49 14.96 7.84 3.07
CA GLN A 49 15.81 9.03 2.99
C GLN A 49 17.26 8.69 3.24
N LYS A 50 18.10 8.91 2.24
CA LYS A 50 19.53 8.63 2.35
C LYS A 50 20.29 9.86 2.84
N PRO A 51 21.40 9.63 3.56
CA PRO A 51 22.24 10.70 4.10
C PRO A 51 22.98 11.45 2.99
N GLY A 52 22.91 12.78 3.04
CA GLY A 52 23.59 13.60 2.06
C GLY A 52 22.89 13.56 0.71
N LYS A 53 21.69 13.00 0.67
CA LYS A 53 20.92 12.91 -0.55
C LYS A 53 19.59 13.64 -0.43
N LYS A 54 18.94 13.89 -1.56
CA LYS A 54 17.66 14.58 -1.57
C LYS A 54 16.55 13.65 -2.06
N LEU A 55 15.39 13.73 -1.41
CA LEU A 55 14.25 12.89 -1.77
C LEU A 55 13.53 13.45 -3.00
N SER A 56 13.08 12.55 -3.87
CA SER A 56 12.38 12.95 -5.08
C SER A 56 10.89 12.62 -4.98
N ASP A 57 10.08 13.35 -5.74
CA ASP A 57 8.64 13.13 -5.75
C ASP A 57 8.31 11.69 -6.12
N LEU A 58 9.24 11.03 -6.82
CA LEU A 58 9.04 9.65 -7.24
C LEU A 58 9.18 8.71 -6.05
N GLU A 59 10.07 9.05 -5.12
CA GLU A 59 10.30 8.22 -3.95
C GLU A 59 9.55 8.78 -2.74
N ARG A 60 9.11 10.03 -2.85
CA ARG A 60 8.38 10.69 -1.76
C ARG A 60 7.05 9.98 -1.50
N VAL A 61 6.82 9.63 -0.24
CA VAL A 61 5.59 8.95 0.15
C VAL A 61 4.62 9.92 0.82
N THR A 62 3.59 10.34 0.08
CA THR A 62 2.59 11.25 0.61
C THR A 62 1.49 10.51 1.36
N SER A 63 0.74 11.24 2.17
CA SER A 63 -0.34 10.64 2.96
C SER A 63 -1.34 9.94 2.05
N LEU A 64 -1.50 10.47 0.84
CA LEU A 64 -2.43 9.89 -0.12
C LEU A 64 -1.92 8.56 -0.67
N LYS A 65 -0.60 8.50 -0.89
CA LYS A 65 0.02 7.29 -1.39
C LYS A 65 -0.21 6.11 -0.45
N VAL A 66 -0.10 6.38 0.85
CA VAL A 66 -0.31 5.34 1.86
C VAL A 66 -1.72 4.79 1.80
N TYR A 67 -2.69 5.69 1.63
CA TYR A 67 -4.10 5.29 1.56
C TYR A 67 -4.35 4.38 0.36
N ASN A 68 -3.67 4.68 -0.75
CA ASN A 68 -3.83 3.90 -1.97
C ASN A 68 -3.32 2.47 -1.77
N TRP A 69 -2.16 2.35 -1.12
CA TRP A 69 -1.57 1.04 -0.86
C TRP A 69 -2.43 0.24 0.10
N PHE A 70 -2.96 0.90 1.12
CA PHE A 70 -3.80 0.24 2.10
C PHE A 70 -5.07 -0.32 1.46
N ALA A 71 -5.70 0.50 0.62
CA ALA A 71 -6.92 0.09 -0.06
C ALA A 71 -6.69 -1.18 -0.87
N ASN A 72 -5.53 -1.28 -1.50
CA ASN A 72 -5.19 -2.45 -2.31
C ASN A 72 -5.14 -3.71 -1.46
N ARG A 73 -4.70 -3.55 -0.21
CA ARG A 73 -4.61 -4.68 0.71
C ARG A 73 -5.98 -5.13 1.16
N ARG A 74 -6.80 -4.17 1.59
CA ARG A 74 -8.15 -4.48 2.05
C ARG A 74 -8.96 -5.18 0.97
N LYS A 75 -8.85 -4.68 -0.25
CA LYS A 75 -9.56 -5.26 -1.39
C LYS A 75 -8.98 -6.62 -1.77
N GLU A 76 -7.68 -6.77 -1.58
CA GLU A 76 -7.00 -8.02 -1.89
C GLU A 76 -7.39 -9.11 -0.90
N ILE A 77 -7.55 -8.72 0.36
CA ILE A 77 -7.92 -9.67 1.41
C ILE A 77 -9.41 -9.99 1.36
N LYS A 78 -10.22 -8.96 1.15
CA LYS A 78 -11.67 -9.13 1.08
C LYS A 78 -12.06 -9.91 -0.17
N ARG A 79 -11.38 -9.62 -1.28
CA ARG A 79 -11.66 -10.31 -2.54
C ARG A 79 -11.33 -11.79 -2.44
N ARG A 80 -10.26 -12.11 -1.72
CA ARG A 80 -9.85 -13.49 -1.56
C ARG A 80 -10.75 -14.23 -0.58
N ALA A 81 -11.34 -13.48 0.35
CA ALA A 81 -12.23 -14.05 1.34
C ALA A 81 -13.60 -14.36 0.74
N ASN A 82 -13.89 -13.73 -0.40
CA ASN A 82 -15.17 -13.93 -1.07
C ASN A 82 -15.42 -15.41 -1.34
N ILE A 83 -14.35 -16.15 -1.62
CA ILE A 83 -14.46 -17.57 -1.89
C ILE A 83 -14.61 -18.36 -0.60
N ALA A 84 -15.51 -17.92 0.26
CA ALA A 84 -15.76 -18.60 1.54
C ALA A 84 -16.89 -19.61 1.41
N ALA A 85 -16.58 -20.76 0.81
CA ALA A 85 -17.58 -21.81 0.64
C ALA A 85 -18.80 -21.28 -0.12
N ILE A 86 -18.60 -20.24 -0.91
CA ILE A 86 -19.69 -19.65 -1.69
C ILE A 86 -19.85 -20.36 -3.02
N LEU A 87 -18.73 -20.66 -3.67
CA LEU A 87 -18.76 -21.35 -4.96
C LEU A 87 -19.54 -22.66 -4.87
N GLU A 88 -20.07 -23.10 -6.01
CA GLU A 88 -20.84 -24.35 -6.05
C GLU A 88 -19.96 -25.51 -6.50
N SER A 89 -19.64 -26.40 -5.57
CA SER A 89 -18.80 -27.55 -5.88
C SER A 89 -19.48 -28.84 -5.43
N SER A 90 -19.16 -29.94 -6.10
CA SER A 90 -19.73 -31.24 -5.78
C SER A 90 -18.81 -32.37 -6.19
N GLY A 91 -18.69 -33.39 -5.34
CA GLY A 91 -17.83 -34.52 -5.64
C GLY A 91 -16.38 -34.12 -5.76
N PRO A 92 -15.69 -33.98 -4.61
CA PRO A 92 -14.29 -33.60 -4.56
C PRO A 92 -13.36 -34.71 -5.08
N SER A 93 -13.13 -34.72 -6.39
CA SER A 93 -12.28 -35.72 -7.01
C SER A 93 -11.09 -36.05 -6.11
N SER A 94 -10.83 -37.34 -5.94
CA SER A 94 -9.72 -37.79 -5.11
C SER A 94 -9.28 -39.20 -5.49
N GLY A 95 -8.05 -39.33 -5.95
CA GLY A 95 -7.53 -40.63 -6.34
C GLY A 95 -7.40 -40.78 -7.84
N GLY A 1 1.96 24.68 -7.24
CA GLY A 1 2.99 23.66 -7.19
C GLY A 1 2.76 22.53 -8.18
N SER A 2 3.41 21.40 -7.94
CA SER A 2 3.27 20.25 -8.83
C SER A 2 2.57 19.10 -8.13
N SER A 3 1.52 19.43 -7.37
CA SER A 3 0.77 18.41 -6.63
C SER A 3 -0.54 18.08 -7.35
N GLY A 4 -0.99 16.84 -7.22
CA GLY A 4 -2.22 16.42 -7.85
C GLY A 4 -2.05 16.16 -9.34
N SER A 5 -1.64 14.94 -9.67
CA SER A 5 -1.43 14.57 -11.07
C SER A 5 -1.83 13.12 -11.31
N SER A 6 -1.76 12.70 -12.57
CA SER A 6 -2.12 11.33 -12.94
C SER A 6 -1.33 10.87 -14.16
N GLY A 7 -0.73 9.69 -14.05
CA GLY A 7 0.05 9.15 -15.15
C GLY A 7 -0.51 7.85 -15.68
N ARG A 8 0.11 7.31 -16.72
CA ARG A 8 -0.33 6.07 -17.32
C ARG A 8 0.42 4.87 -16.73
N GLY A 9 0.03 4.46 -15.54
CA GLY A 9 0.68 3.33 -14.89
C GLY A 9 2.19 3.48 -14.86
N SER A 10 2.86 2.50 -14.27
CA SER A 10 4.32 2.53 -14.18
C SER A 10 4.82 3.94 -13.90
N ARG A 11 4.20 4.61 -12.94
CA ARG A 11 4.57 5.97 -12.58
C ARG A 11 5.27 6.00 -11.22
N PHE A 12 4.67 5.34 -10.24
CA PHE A 12 5.23 5.29 -8.89
C PHE A 12 5.59 3.87 -8.51
N THR A 13 6.42 3.73 -7.46
CA THR A 13 6.84 2.42 -6.99
C THR A 13 6.92 2.38 -5.48
N TRP A 14 6.81 1.19 -4.92
CA TRP A 14 6.87 1.01 -3.46
C TRP A 14 8.17 0.34 -3.05
N ARG A 15 8.83 0.90 -2.03
CA ARG A 15 10.08 0.36 -1.54
C ARG A 15 9.85 -0.59 -0.37
N LYS A 16 10.75 -1.55 -0.21
CA LYS A 16 10.63 -2.53 0.87
C LYS A 16 10.57 -1.84 2.22
N GLU A 17 11.23 -0.69 2.33
CA GLU A 17 11.25 0.06 3.58
C GLU A 17 9.88 0.66 3.87
N CYS A 18 9.26 1.25 2.85
CA CYS A 18 7.95 1.86 3.00
C CYS A 18 6.87 0.79 3.13
N LEU A 19 7.14 -0.38 2.55
CA LEU A 19 6.18 -1.48 2.59
C LEU A 19 6.15 -2.12 3.97
N ALA A 20 7.31 -2.20 4.61
CA ALA A 20 7.41 -2.78 5.95
C ALA A 20 6.72 -1.90 6.98
N VAL A 21 6.85 -0.59 6.83
CA VAL A 21 6.23 0.35 7.76
C VAL A 21 4.72 0.38 7.58
N MET A 22 4.27 0.28 6.34
CA MET A 22 2.84 0.28 6.04
C MET A 22 2.14 -0.89 6.71
N GLU A 23 2.79 -2.06 6.69
CA GLU A 23 2.22 -3.25 7.31
C GLU A 23 2.03 -3.06 8.81
N SER A 24 2.98 -2.40 9.44
CA SER A 24 2.92 -2.15 10.88
C SER A 24 1.66 -1.38 11.23
N TYR A 25 1.36 -0.34 10.46
CA TYR A 25 0.19 0.49 10.70
C TYR A 25 -1.09 -0.25 10.28
N PHE A 26 -0.97 -1.09 9.27
CA PHE A 26 -2.10 -1.86 8.77
C PHE A 26 -2.51 -2.94 9.77
N ASN A 27 -1.52 -3.58 10.37
CA ASN A 27 -1.78 -4.64 11.34
C ASN A 27 -2.55 -4.10 12.54
N GLU A 28 -2.33 -2.83 12.86
CA GLU A 28 -3.00 -2.19 13.98
C GLU A 28 -4.34 -1.61 13.54
N ASN A 29 -4.41 -1.14 12.31
CA ASN A 29 -5.63 -0.54 11.77
C ASN A 29 -5.67 -0.67 10.25
N GLN A 30 -6.75 -1.24 9.74
CA GLN A 30 -6.91 -1.42 8.30
C GLN A 30 -7.07 -0.06 7.61
N TYR A 31 -7.84 0.82 8.22
CA TYR A 31 -8.07 2.15 7.65
C TYR A 31 -7.47 3.23 8.55
N PRO A 32 -6.22 3.63 8.24
CA PRO A 32 -5.51 4.66 9.00
C PRO A 32 -6.09 6.05 8.79
N ASP A 33 -6.55 6.66 9.88
CA ASP A 33 -7.14 7.99 9.81
C ASP A 33 -6.27 8.94 8.99
N GLU A 34 -6.77 10.14 8.73
CA GLU A 34 -6.04 11.13 7.95
C GLU A 34 -4.68 11.42 8.58
N ALA A 35 -4.68 11.64 9.90
CA ALA A 35 -3.45 11.93 10.63
C ALA A 35 -2.54 10.70 10.66
N LYS A 36 -3.14 9.53 10.81
CA LYS A 36 -2.37 8.29 10.86
C LYS A 36 -1.60 8.07 9.55
N ARG A 37 -2.25 8.36 8.43
CA ARG A 37 -1.63 8.20 7.12
C ARG A 37 -0.38 9.05 7.00
N GLU A 38 -0.43 10.27 7.55
CA GLU A 38 0.70 11.17 7.51
C GLU A 38 1.84 10.68 8.41
N GLU A 39 1.47 10.10 9.55
CA GLU A 39 2.45 9.59 10.50
C GLU A 39 3.23 8.41 9.89
N ILE A 40 2.49 7.48 9.29
CA ILE A 40 3.10 6.30 8.67
C ILE A 40 3.84 6.69 7.40
N ALA A 41 3.34 7.70 6.70
CA ALA A 41 3.96 8.15 5.46
C ALA A 41 5.29 8.84 5.74
N ASN A 42 5.33 9.66 6.79
CA ASN A 42 6.54 10.38 7.15
C ASN A 42 7.67 9.39 7.49
N ALA A 43 7.31 8.30 8.14
CA ALA A 43 8.29 7.29 8.53
C ALA A 43 8.88 6.60 7.31
N CYS A 44 8.05 6.43 6.28
CA CYS A 44 8.48 5.78 5.04
C CYS A 44 9.52 6.64 4.32
N ASN A 45 9.31 7.94 4.32
CA ASN A 45 10.22 8.87 3.66
C ASN A 45 11.56 8.92 4.38
N ALA A 46 11.53 8.75 5.70
CA ALA A 46 12.74 8.77 6.51
C ALA A 46 13.60 7.53 6.24
N VAL A 47 12.96 6.37 6.28
CA VAL A 47 13.66 5.11 6.04
C VAL A 47 14.34 5.10 4.67
N ILE A 48 13.72 5.77 3.71
CA ILE A 48 14.27 5.84 2.36
C ILE A 48 15.17 7.08 2.20
N GLN A 49 14.85 8.13 2.95
CA GLN A 49 15.63 9.36 2.88
C GLN A 49 17.10 9.10 3.22
N LYS A 50 17.98 9.56 2.34
CA LYS A 50 19.41 9.38 2.54
C LYS A 50 20.09 10.71 2.85
N PRO A 51 21.20 10.65 3.61
CA PRO A 51 21.97 11.84 4.00
C PRO A 51 22.70 12.46 2.81
N GLY A 52 22.51 13.77 2.63
CA GLY A 52 23.16 14.46 1.53
C GLY A 52 22.47 14.21 0.20
N LYS A 53 21.33 13.54 0.25
CA LYS A 53 20.57 13.23 -0.97
C LYS A 53 19.16 13.79 -0.89
N LYS A 54 18.75 14.53 -1.91
CA LYS A 54 17.42 15.12 -1.95
C LYS A 54 16.39 14.09 -2.41
N LEU A 55 15.27 14.01 -1.69
CA LEU A 55 14.21 13.07 -2.02
C LEU A 55 13.46 13.52 -3.27
N SER A 56 13.02 12.56 -4.07
CA SER A 56 12.30 12.85 -5.30
C SER A 56 10.79 12.77 -5.07
N ASP A 57 10.05 13.66 -5.72
CA ASP A 57 8.60 13.69 -5.59
C ASP A 57 7.99 12.33 -5.93
N LEU A 58 8.74 11.54 -6.70
CA LEU A 58 8.27 10.22 -7.10
C LEU A 58 8.46 9.21 -5.98
N GLU A 59 9.56 9.36 -5.24
CA GLU A 59 9.85 8.45 -4.14
C GLU A 59 9.23 8.95 -2.84
N ARG A 60 8.78 10.21 -2.85
CA ARG A 60 8.16 10.80 -1.68
C ARG A 60 6.81 10.14 -1.37
N VAL A 61 6.72 9.52 -0.20
CA VAL A 61 5.48 8.85 0.20
C VAL A 61 4.54 9.82 0.90
N THR A 62 3.49 10.23 0.19
CA THR A 62 2.51 11.15 0.74
C THR A 62 1.39 10.41 1.44
N SER A 63 0.50 11.16 2.10
CA SER A 63 -0.61 10.57 2.82
C SER A 63 -1.56 9.85 1.85
N LEU A 64 -1.73 10.42 0.67
CA LEU A 64 -2.59 9.83 -0.34
C LEU A 64 -2.04 8.50 -0.84
N LYS A 65 -0.72 8.45 -1.05
CA LYS A 65 -0.07 7.23 -1.51
C LYS A 65 -0.32 6.07 -0.55
N VAL A 66 -0.28 6.37 0.75
CA VAL A 66 -0.50 5.36 1.76
C VAL A 66 -1.91 4.77 1.66
N TYR A 67 -2.89 5.63 1.40
CA TYR A 67 -4.27 5.20 1.27
C TYR A 67 -4.45 4.27 0.07
N ASN A 68 -3.71 4.56 -1.00
CA ASN A 68 -3.78 3.75 -2.21
C ASN A 68 -3.28 2.33 -1.95
N TRP A 69 -2.16 2.23 -1.24
CA TRP A 69 -1.57 0.94 -0.93
C TRP A 69 -2.45 0.16 0.06
N PHE A 70 -2.93 0.86 1.08
CA PHE A 70 -3.77 0.25 2.10
C PHE A 70 -5.06 -0.27 1.48
N ALA A 71 -5.69 0.56 0.66
CA ALA A 71 -6.94 0.19 0.01
C ALA A 71 -6.75 -1.03 -0.89
N ASN A 72 -5.56 -1.14 -1.49
CA ASN A 72 -5.25 -2.26 -2.37
C ASN A 72 -5.24 -3.58 -1.61
N ARG A 73 -4.74 -3.53 -0.38
CA ARG A 73 -4.67 -4.73 0.46
C ARG A 73 -6.05 -5.08 1.02
N ARG A 74 -6.78 -4.06 1.48
CA ARG A 74 -8.11 -4.26 2.04
C ARG A 74 -9.02 -4.94 1.01
N LYS A 75 -8.97 -4.45 -0.23
CA LYS A 75 -9.81 -5.00 -1.29
C LYS A 75 -9.32 -6.39 -1.69
N GLU A 76 -8.01 -6.61 -1.60
CA GLU A 76 -7.42 -7.89 -1.95
C GLU A 76 -7.81 -8.96 -0.94
N ILE A 77 -7.87 -8.57 0.33
CA ILE A 77 -8.22 -9.49 1.41
C ILE A 77 -9.73 -9.66 1.51
N LYS A 78 -10.46 -8.55 1.37
CA LYS A 78 -11.91 -8.57 1.44
C LYS A 78 -12.51 -9.30 0.25
N ARG A 79 -11.89 -9.12 -0.92
CA ARG A 79 -12.37 -9.76 -2.14
C ARG A 79 -12.18 -11.28 -2.07
N ARG A 80 -11.08 -11.70 -1.46
CA ARG A 80 -10.78 -13.13 -1.32
C ARG A 80 -11.64 -13.76 -0.23
N ALA A 81 -12.28 -12.91 0.58
CA ALA A 81 -13.13 -13.39 1.67
C ALA A 81 -14.60 -13.28 1.29
N ASN A 82 -14.89 -12.47 0.29
CA ASN A 82 -16.26 -12.28 -0.18
C ASN A 82 -16.50 -13.01 -1.49
N ILE A 83 -15.76 -14.08 -1.71
CA ILE A 83 -15.90 -14.88 -2.93
C ILE A 83 -17.18 -15.71 -2.89
N ALA A 84 -18.32 -15.03 -2.83
CA ALA A 84 -19.61 -15.71 -2.80
C ALA A 84 -19.60 -16.87 -1.81
N ALA A 85 -18.93 -16.65 -0.67
CA ALA A 85 -18.85 -17.68 0.36
C ALA A 85 -20.03 -17.59 1.32
N ILE A 86 -20.74 -18.70 1.49
CA ILE A 86 -21.90 -18.74 2.38
C ILE A 86 -21.67 -17.88 3.62
N LEU A 87 -20.43 -17.85 4.09
CA LEU A 87 -20.07 -17.07 5.27
C LEU A 87 -20.55 -15.62 5.13
N GLU A 88 -21.53 -15.25 5.94
CA GLU A 88 -22.07 -13.89 5.90
C GLU A 88 -23.04 -13.66 7.06
N SER A 89 -22.78 -12.61 7.83
CA SER A 89 -23.62 -12.28 8.98
C SER A 89 -24.63 -11.19 8.61
N SER A 90 -25.77 -11.61 8.09
CA SER A 90 -26.82 -10.67 7.69
C SER A 90 -28.18 -11.35 7.68
N GLY A 91 -29.16 -10.71 8.29
CA GLY A 91 -30.50 -11.26 8.35
C GLY A 91 -31.25 -11.11 7.03
N PRO A 92 -32.40 -11.78 6.92
CA PRO A 92 -33.24 -11.74 5.72
C PRO A 92 -33.89 -10.37 5.51
N SER A 93 -34.08 -9.99 4.24
CA SER A 93 -34.69 -8.70 3.92
C SER A 93 -35.83 -8.89 2.92
N SER A 94 -36.51 -7.79 2.60
CA SER A 94 -37.62 -7.83 1.67
C SER A 94 -37.15 -8.26 0.27
N GLY A 95 -37.36 -9.54 -0.03
CA GLY A 95 -36.95 -10.06 -1.32
C GLY A 95 -35.53 -10.59 -1.31
N GLY A 1 -2.07 23.40 -21.54
CA GLY A 1 -1.33 22.35 -20.87
C GLY A 1 -2.19 21.13 -20.60
N SER A 2 -2.10 20.14 -21.48
CA SER A 2 -2.88 18.91 -21.34
C SER A 2 -2.17 17.93 -20.39
N SER A 3 -2.95 17.02 -19.81
CA SER A 3 -2.41 16.03 -18.90
C SER A 3 -1.77 14.87 -19.66
N GLY A 4 -0.45 14.74 -19.53
CA GLY A 4 0.26 13.68 -20.21
C GLY A 4 1.76 13.83 -20.11
N SER A 5 2.45 13.57 -21.22
CA SER A 5 3.91 13.67 -21.25
C SER A 5 4.53 12.87 -20.12
N SER A 6 4.01 11.67 -19.89
CA SER A 6 4.51 10.80 -18.84
C SER A 6 5.05 9.50 -19.42
N GLY A 7 6.09 8.96 -18.78
CA GLY A 7 6.69 7.72 -19.25
C GLY A 7 5.81 6.52 -18.97
N ARG A 8 5.32 5.88 -20.02
CA ARG A 8 4.46 4.71 -19.88
C ARG A 8 5.23 3.55 -19.22
N GLY A 9 4.57 2.89 -18.28
CA GLY A 9 5.20 1.78 -17.59
C GLY A 9 5.15 1.92 -16.08
N SER A 10 6.30 1.82 -15.43
CA SER A 10 6.39 1.93 -13.98
C SER A 10 7.14 3.20 -13.57
N ARG A 11 6.39 4.22 -13.20
CA ARG A 11 6.98 5.49 -12.80
C ARG A 11 7.23 5.52 -11.29
N PHE A 12 6.23 5.12 -10.52
CA PHE A 12 6.34 5.10 -9.07
C PHE A 12 6.87 3.75 -8.58
N THR A 13 7.23 3.68 -7.31
CA THR A 13 7.75 2.46 -6.72
C THR A 13 7.51 2.42 -5.21
N TRP A 14 7.52 1.22 -4.64
CA TRP A 14 7.30 1.05 -3.21
C TRP A 14 8.50 0.37 -2.55
N ARG A 15 9.40 1.18 -2.03
CA ARG A 15 10.60 0.66 -1.37
C ARG A 15 10.23 -0.34 -0.28
N LYS A 16 11.06 -1.37 -0.14
CA LYS A 16 10.82 -2.41 0.87
C LYS A 16 10.70 -1.80 2.25
N GLU A 17 11.44 -0.73 2.50
CA GLU A 17 11.41 -0.05 3.79
C GLU A 17 10.04 0.57 4.05
N CYS A 18 9.50 1.25 3.05
CA CYS A 18 8.21 1.89 3.17
C CYS A 18 7.09 0.85 3.24
N LEU A 19 7.34 -0.32 2.68
CA LEU A 19 6.35 -1.41 2.68
C LEU A 19 6.25 -2.04 4.06
N ALA A 20 7.39 -2.20 4.72
CA ALA A 20 7.43 -2.79 6.05
C ALA A 20 6.68 -1.92 7.06
N VAL A 21 6.80 -0.61 6.91
CA VAL A 21 6.12 0.32 7.80
C VAL A 21 4.61 0.33 7.56
N MET A 22 4.22 0.31 6.29
CA MET A 22 2.81 0.30 5.93
C MET A 22 2.11 -0.94 6.48
N GLU A 23 2.81 -2.07 6.43
CA GLU A 23 2.25 -3.32 6.93
C GLU A 23 2.01 -3.26 8.43
N SER A 24 2.89 -2.57 9.13
CA SER A 24 2.78 -2.44 10.58
C SER A 24 1.54 -1.63 10.96
N TYR A 25 1.33 -0.51 10.28
CA TYR A 25 0.18 0.34 10.54
C TYR A 25 -1.12 -0.36 10.15
N PHE A 26 -1.03 -1.21 9.14
CA PHE A 26 -2.20 -1.94 8.66
C PHE A 26 -2.64 -2.99 9.68
N ASN A 27 -1.67 -3.58 10.37
CA ASN A 27 -1.95 -4.59 11.38
C ASN A 27 -2.70 -3.99 12.56
N GLU A 28 -2.36 -2.76 12.90
CA GLU A 28 -3.00 -2.07 14.02
C GLU A 28 -4.32 -1.44 13.59
N ASN A 29 -4.38 -0.99 12.34
CA ASN A 29 -5.58 -0.37 11.80
C ASN A 29 -5.66 -0.56 10.29
N GLN A 30 -6.80 -1.06 9.81
CA GLN A 30 -7.00 -1.29 8.39
C GLN A 30 -7.16 0.04 7.65
N TYR A 31 -7.86 0.98 8.27
CA TYR A 31 -8.08 2.28 7.66
C TYR A 31 -7.48 3.39 8.52
N PRO A 32 -6.22 3.76 8.22
CA PRO A 32 -5.49 4.81 8.95
C PRO A 32 -6.06 6.19 8.68
N ASP A 33 -6.53 6.85 9.73
CA ASP A 33 -7.09 8.19 9.59
C ASP A 33 -6.12 9.12 8.87
N GLU A 34 -6.58 10.34 8.57
CA GLU A 34 -5.76 11.31 7.87
C GLU A 34 -4.46 11.57 8.63
N ALA A 35 -4.57 11.67 9.95
CA ALA A 35 -3.39 11.91 10.79
C ALA A 35 -2.48 10.70 10.82
N LYS A 36 -3.08 9.50 10.88
CA LYS A 36 -2.32 8.27 10.91
C LYS A 36 -1.55 8.06 9.60
N ARG A 37 -2.20 8.39 8.50
CA ARG A 37 -1.59 8.24 7.18
C ARG A 37 -0.31 9.07 7.08
N GLU A 38 -0.38 10.31 7.55
CA GLU A 38 0.77 11.21 7.52
C GLU A 38 1.91 10.68 8.39
N GLU A 39 1.55 10.12 9.54
CA GLU A 39 2.55 9.58 10.46
C GLU A 39 3.27 8.39 9.83
N ILE A 40 2.50 7.49 9.23
CA ILE A 40 3.07 6.31 8.59
C ILE A 40 3.80 6.68 7.30
N ALA A 41 3.28 7.68 6.61
CA ALA A 41 3.87 8.13 5.36
C ALA A 41 5.21 8.82 5.61
N ASN A 42 5.25 9.71 6.59
CA ASN A 42 6.47 10.43 6.92
C ASN A 42 7.59 9.47 7.30
N ALA A 43 7.23 8.41 8.02
CA ALA A 43 8.20 7.41 8.45
C ALA A 43 8.80 6.68 7.24
N CYS A 44 7.96 6.38 6.27
CA CYS A 44 8.40 5.68 5.06
C CYS A 44 9.45 6.51 4.32
N ASN A 45 9.23 7.82 4.25
CA ASN A 45 10.16 8.71 3.57
C ASN A 45 11.48 8.80 4.31
N ALA A 46 11.41 8.71 5.64
CA ALA A 46 12.61 8.78 6.48
C ALA A 46 13.47 7.52 6.31
N VAL A 47 12.83 6.36 6.37
CA VAL A 47 13.53 5.10 6.23
C VAL A 47 14.27 5.03 4.90
N ILE A 48 13.75 5.73 3.90
CA ILE A 48 14.37 5.76 2.58
C ILE A 48 15.30 6.95 2.42
N GLN A 49 14.92 8.06 3.04
CA GLN A 49 15.73 9.28 2.96
C GLN A 49 17.20 8.98 3.21
N LYS A 50 18.02 9.18 2.19
CA LYS A 50 19.45 8.94 2.29
C LYS A 50 20.20 10.21 2.67
N PRO A 51 21.36 10.04 3.33
CA PRO A 51 22.20 11.16 3.77
C PRO A 51 22.85 11.89 2.60
N GLY A 52 22.69 13.21 2.55
CA GLY A 52 23.27 13.99 1.47
C GLY A 52 22.52 13.83 0.17
N LYS A 53 21.28 13.35 0.25
CA LYS A 53 20.46 13.15 -0.94
C LYS A 53 19.10 13.81 -0.76
N LYS A 54 18.61 14.43 -1.83
CA LYS A 54 17.31 15.10 -1.80
C LYS A 54 16.20 14.17 -2.25
N LEU A 55 15.15 14.08 -1.45
CA LEU A 55 14.01 13.21 -1.77
C LEU A 55 13.23 13.76 -2.96
N SER A 56 12.72 12.85 -3.80
CA SER A 56 11.95 13.24 -4.96
C SER A 56 10.49 12.83 -4.82
N ASP A 57 9.62 13.48 -5.60
CA ASP A 57 8.20 13.18 -5.56
C ASP A 57 7.93 11.72 -5.87
N LEU A 58 8.82 11.11 -6.66
CA LEU A 58 8.68 9.71 -7.03
C LEU A 58 8.79 8.81 -5.81
N GLU A 59 9.69 9.17 -4.89
CA GLU A 59 9.89 8.40 -3.67
C GLU A 59 9.16 9.03 -2.49
N ARG A 60 8.71 10.27 -2.67
CA ARG A 60 7.99 10.98 -1.63
C ARG A 60 6.66 10.30 -1.31
N VAL A 61 6.61 9.63 -0.16
CA VAL A 61 5.40 8.92 0.25
C VAL A 61 4.44 9.86 0.97
N THR A 62 3.44 10.33 0.24
CA THR A 62 2.44 11.24 0.80
C THR A 62 1.33 10.48 1.50
N SER A 63 0.51 11.20 2.27
CA SER A 63 -0.60 10.58 3.00
C SER A 63 -1.55 9.88 2.04
N LEU A 64 -1.84 10.53 0.91
CA LEU A 64 -2.74 9.95 -0.09
C LEU A 64 -2.18 8.65 -0.64
N LYS A 65 -0.87 8.61 -0.84
CA LYS A 65 -0.21 7.41 -1.36
C LYS A 65 -0.43 6.22 -0.44
N VAL A 66 -0.34 6.47 0.86
CA VAL A 66 -0.53 5.41 1.85
C VAL A 66 -1.93 4.81 1.75
N TYR A 67 -2.92 5.65 1.47
CA TYR A 67 -4.30 5.20 1.35
C TYR A 67 -4.47 4.30 0.13
N ASN A 68 -3.74 4.62 -0.94
CA ASN A 68 -3.81 3.85 -2.17
C ASN A 68 -3.27 2.44 -1.96
N TRP A 69 -2.15 2.34 -1.26
CA TRP A 69 -1.53 1.05 -0.98
C TRP A 69 -2.36 0.25 0.00
N PHE A 70 -2.83 0.92 1.06
CA PHE A 70 -3.64 0.26 2.08
C PHE A 70 -4.93 -0.27 1.49
N ALA A 71 -5.57 0.54 0.64
CA ALA A 71 -6.82 0.15 0.00
C ALA A 71 -6.64 -1.11 -0.84
N ASN A 72 -5.45 -1.27 -1.42
CA ASN A 72 -5.15 -2.42 -2.25
C ASN A 72 -5.17 -3.70 -1.43
N ARG A 73 -4.68 -3.62 -0.19
CA ARG A 73 -4.65 -4.77 0.70
C ARG A 73 -6.05 -5.11 1.20
N ARG A 74 -6.80 -4.10 1.60
CA ARG A 74 -8.15 -4.28 2.10
C ARG A 74 -9.04 -4.92 1.04
N LYS A 75 -8.99 -4.37 -0.17
CA LYS A 75 -9.79 -4.88 -1.29
C LYS A 75 -9.34 -6.29 -1.67
N GLU A 76 -8.05 -6.57 -1.50
CA GLU A 76 -7.51 -7.89 -1.84
C GLU A 76 -8.03 -8.95 -0.88
N ILE A 77 -8.06 -8.60 0.41
CA ILE A 77 -8.54 -9.53 1.44
C ILE A 77 -10.05 -9.68 1.38
N LYS A 78 -10.74 -8.56 1.17
CA LYS A 78 -12.20 -8.56 1.09
C LYS A 78 -12.68 -9.30 -0.16
N ARG A 79 -11.98 -9.09 -1.26
CA ARG A 79 -12.33 -9.73 -2.52
C ARG A 79 -12.32 -11.26 -2.38
N ARG A 80 -11.31 -11.76 -1.67
CA ARG A 80 -11.18 -13.20 -1.46
C ARG A 80 -12.29 -13.72 -0.54
N ALA A 81 -12.72 -12.88 0.39
CA ALA A 81 -13.79 -13.25 1.32
C ALA A 81 -15.15 -13.23 0.64
N ASN A 82 -15.25 -12.47 -0.45
CA ASN A 82 -16.50 -12.37 -1.20
C ASN A 82 -16.72 -13.59 -2.08
N ILE A 83 -15.62 -14.15 -2.59
CA ILE A 83 -15.68 -15.32 -3.45
C ILE A 83 -15.89 -16.59 -2.63
N ALA A 84 -16.87 -16.56 -1.73
CA ALA A 84 -17.17 -17.70 -0.89
C ALA A 84 -17.98 -18.76 -1.66
N ALA A 85 -17.54 -19.04 -2.88
CA ALA A 85 -18.22 -20.02 -3.72
C ALA A 85 -19.74 -19.93 -3.57
N ILE A 86 -20.22 -18.74 -3.19
CA ILE A 86 -21.65 -18.53 -3.01
C ILE A 86 -22.46 -19.36 -3.99
N LEU A 87 -22.04 -19.35 -5.26
CA LEU A 87 -22.73 -20.09 -6.30
C LEU A 87 -22.28 -21.55 -6.31
N GLU A 88 -23.20 -22.44 -6.65
CA GLU A 88 -22.90 -23.87 -6.69
C GLU A 88 -22.87 -24.37 -8.13
N SER A 89 -21.70 -24.82 -8.57
CA SER A 89 -21.55 -25.32 -9.93
C SER A 89 -22.44 -26.53 -10.17
N SER A 90 -22.37 -27.51 -9.28
CA SER A 90 -23.17 -28.72 -9.39
C SER A 90 -23.11 -29.54 -8.11
N GLY A 91 -24.07 -30.45 -7.94
CA GLY A 91 -24.10 -31.28 -6.76
C GLY A 91 -25.14 -30.84 -5.76
N PRO A 92 -25.72 -31.79 -5.03
CA PRO A 92 -26.75 -31.51 -4.02
C PRO A 92 -26.19 -30.79 -2.80
N SER A 93 -24.87 -30.65 -2.77
CA SER A 93 -24.21 -29.98 -1.65
C SER A 93 -23.96 -28.50 -1.98
N SER A 94 -24.89 -27.65 -1.57
CA SER A 94 -24.77 -26.21 -1.80
C SER A 94 -23.72 -25.58 -0.90
N GLY A 95 -22.80 -24.84 -1.49
CA GLY A 95 -21.75 -24.20 -0.71
C GLY A 95 -22.29 -23.07 0.15
N GLY A 1 12.49 -11.90 -6.18
CA GLY A 1 12.02 -12.08 -4.83
C GLY A 1 10.91 -11.10 -4.46
N SER A 2 11.14 -9.81 -4.76
CA SER A 2 10.16 -8.79 -4.45
C SER A 2 9.50 -8.27 -5.74
N SER A 3 8.38 -8.88 -6.10
CA SER A 3 7.65 -8.49 -7.30
C SER A 3 7.03 -7.10 -7.13
N GLY A 4 7.25 -6.24 -8.12
CA GLY A 4 6.70 -4.89 -8.06
C GLY A 4 5.27 -4.84 -8.54
N SER A 5 4.91 -3.73 -9.20
CA SER A 5 3.56 -3.55 -9.72
C SER A 5 3.38 -4.31 -11.03
N SER A 6 2.12 -4.65 -11.33
CA SER A 6 1.81 -5.38 -12.55
C SER A 6 2.55 -4.79 -13.74
N GLY A 7 2.68 -5.58 -14.81
CA GLY A 7 3.37 -5.12 -16.00
C GLY A 7 2.51 -4.22 -16.86
N ARG A 8 1.93 -3.20 -16.23
CA ARG A 8 1.07 -2.26 -16.95
C ARG A 8 0.70 -1.08 -16.06
N GLY A 9 0.99 0.13 -16.54
CA GLY A 9 0.68 1.33 -15.78
C GLY A 9 1.93 2.07 -15.34
N SER A 10 2.91 1.34 -14.83
CA SER A 10 4.15 1.93 -14.36
C SER A 10 3.88 2.97 -13.26
N ARG A 11 2.98 2.63 -12.35
CA ARG A 11 2.63 3.52 -11.25
C ARG A 11 3.75 3.59 -10.23
N PHE A 12 3.75 4.65 -9.43
CA PHE A 12 4.78 4.83 -8.40
C PHE A 12 5.13 3.50 -7.74
N THR A 13 6.42 3.16 -7.79
CA THR A 13 6.88 1.91 -7.19
C THR A 13 6.93 2.00 -5.67
N TRP A 14 6.81 0.86 -5.01
CA TRP A 14 6.84 0.81 -3.55
C TRP A 14 8.12 0.15 -3.06
N ARG A 15 8.85 0.85 -2.19
CA ARG A 15 10.09 0.33 -1.65
C ARG A 15 9.82 -0.62 -0.48
N LYS A 16 10.69 -1.60 -0.30
CA LYS A 16 10.55 -2.57 0.78
C LYS A 16 10.49 -1.88 2.13
N GLU A 17 11.16 -0.74 2.24
CA GLU A 17 11.17 0.02 3.48
C GLU A 17 9.79 0.60 3.79
N CYS A 18 9.17 1.19 2.76
CA CYS A 18 7.84 1.78 2.92
C CYS A 18 6.77 0.69 3.05
N LEU A 19 7.05 -0.48 2.48
CA LEU A 19 6.11 -1.59 2.53
C LEU A 19 6.10 -2.23 3.92
N ALA A 20 7.26 -2.28 4.55
CA ALA A 20 7.38 -2.85 5.88
C ALA A 20 6.69 -1.99 6.92
N VAL A 21 6.78 -0.67 6.75
CA VAL A 21 6.16 0.27 7.68
C VAL A 21 4.65 0.27 7.51
N MET A 22 4.19 0.19 6.27
CA MET A 22 2.75 0.19 5.97
C MET A 22 2.08 -1.02 6.62
N GLU A 23 2.75 -2.16 6.59
CA GLU A 23 2.20 -3.38 7.16
C GLU A 23 2.01 -3.23 8.66
N SER A 24 2.91 -2.49 9.30
CA SER A 24 2.84 -2.27 10.74
C SER A 24 1.57 -1.53 11.12
N TYR A 25 1.33 -0.40 10.47
CA TYR A 25 0.14 0.40 10.73
C TYR A 25 -1.13 -0.36 10.37
N PHE A 26 -1.04 -1.17 9.31
CA PHE A 26 -2.18 -1.95 8.86
C PHE A 26 -2.58 -3.00 9.90
N ASN A 27 -1.59 -3.49 10.65
CA ASN A 27 -1.83 -4.49 11.68
C ASN A 27 -2.62 -3.90 12.84
N GLU A 28 -2.33 -2.63 13.16
CA GLU A 28 -3.01 -1.94 14.25
C GLU A 28 -4.35 -1.37 13.78
N ASN A 29 -4.38 -0.94 12.52
CA ASN A 29 -5.61 -0.36 11.96
C ASN A 29 -5.63 -0.51 10.44
N GLN A 30 -6.71 -1.06 9.92
CA GLN A 30 -6.85 -1.26 8.48
C GLN A 30 -7.02 0.06 7.76
N TYR A 31 -7.74 0.99 8.38
CA TYR A 31 -7.98 2.30 7.79
C TYR A 31 -7.43 3.41 8.69
N PRO A 32 -6.18 3.83 8.43
CA PRO A 32 -5.53 4.89 9.21
C PRO A 32 -6.14 6.25 8.97
N ASP A 33 -6.50 6.94 10.05
CA ASP A 33 -7.09 8.26 9.95
C ASP A 33 -6.20 9.21 9.16
N GLU A 34 -6.66 10.45 9.00
CA GLU A 34 -5.90 11.45 8.25
C GLU A 34 -4.52 11.65 8.86
N ALA A 35 -4.48 11.88 10.17
CA ALA A 35 -3.23 12.08 10.88
C ALA A 35 -2.38 10.81 10.88
N LYS A 36 -3.05 9.67 11.01
CA LYS A 36 -2.36 8.38 11.03
C LYS A 36 -1.65 8.12 9.70
N ARG A 37 -2.31 8.50 8.61
CA ARG A 37 -1.74 8.32 7.28
C ARG A 37 -0.45 9.10 7.12
N GLU A 38 -0.48 10.37 7.52
CA GLU A 38 0.69 11.23 7.43
C GLU A 38 1.82 10.73 8.33
N GLU A 39 1.45 10.18 9.49
CA GLU A 39 2.42 9.66 10.44
C GLU A 39 3.16 8.46 9.86
N ILE A 40 2.40 7.53 9.28
CA ILE A 40 2.98 6.33 8.69
C ILE A 40 3.75 6.66 7.43
N ALA A 41 3.28 7.67 6.69
CA ALA A 41 3.93 8.08 5.46
C ALA A 41 5.27 8.74 5.73
N ASN A 42 5.29 9.62 6.73
CA ASN A 42 6.51 10.33 7.11
C ASN A 42 7.62 9.34 7.47
N ALA A 43 7.24 8.24 8.11
CA ALA A 43 8.21 7.23 8.51
C ALA A 43 8.80 6.53 7.29
N CYS A 44 7.98 6.33 6.26
CA CYS A 44 8.42 5.68 5.03
C CYS A 44 9.47 6.53 4.31
N ASN A 45 9.27 7.84 4.33
CA ASN A 45 10.19 8.76 3.68
C ASN A 45 11.54 8.77 4.39
N ALA A 46 11.51 8.60 5.71
CA ALA A 46 12.73 8.59 6.50
C ALA A 46 13.54 7.33 6.23
N VAL A 47 12.89 6.19 6.27
CA VAL A 47 13.56 4.91 6.03
C VAL A 47 14.23 4.89 4.67
N ILE A 48 13.62 5.56 3.70
CA ILE A 48 14.16 5.63 2.36
C ILE A 48 15.07 6.85 2.18
N GLN A 49 14.84 7.87 2.99
CA GLN A 49 15.62 9.09 2.92
C GLN A 49 17.09 8.81 3.25
N LYS A 50 17.97 9.18 2.32
CA LYS A 50 19.40 8.97 2.51
C LYS A 50 20.06 10.20 3.11
N PRO A 51 21.15 9.99 3.86
CA PRO A 51 21.89 11.08 4.51
C PRO A 51 22.63 11.96 3.50
N GLY A 52 22.42 13.27 3.59
CA GLY A 52 23.06 14.19 2.68
C GLY A 52 22.46 14.17 1.29
N LYS A 53 21.32 13.49 1.15
CA LYS A 53 20.64 13.39 -0.13
C LYS A 53 19.22 13.95 -0.03
N LYS A 54 18.70 14.44 -1.15
CA LYS A 54 17.36 15.00 -1.20
C LYS A 54 16.37 13.98 -1.73
N LEU A 55 15.22 13.86 -1.07
CA LEU A 55 14.19 12.92 -1.49
C LEU A 55 13.55 13.36 -2.80
N SER A 56 13.18 12.38 -3.63
CA SER A 56 12.56 12.68 -4.92
C SER A 56 11.05 12.44 -4.87
N ASP A 57 10.30 13.25 -5.60
CA ASP A 57 8.84 13.13 -5.64
C ASP A 57 8.43 11.72 -6.03
N LEU A 58 9.34 10.99 -6.66
CA LEU A 58 9.06 9.62 -7.09
C LEU A 58 9.03 8.67 -5.90
N GLU A 59 9.89 8.95 -4.91
CA GLU A 59 9.95 8.12 -3.71
C GLU A 59 9.09 8.70 -2.60
N ARG A 60 8.85 10.01 -2.67
CA ARG A 60 8.04 10.68 -1.66
C ARG A 60 6.73 9.94 -1.42
N VAL A 61 6.44 9.65 -0.15
CA VAL A 61 5.22 8.94 0.20
C VAL A 61 4.25 9.86 0.96
N THR A 62 3.33 10.46 0.20
CA THR A 62 2.35 11.36 0.79
C THR A 62 1.23 10.58 1.48
N SER A 63 0.34 11.30 2.16
CA SER A 63 -0.78 10.68 2.85
C SER A 63 -1.69 9.94 1.88
N LEU A 64 -1.91 10.54 0.71
CA LEU A 64 -2.76 9.94 -0.31
C LEU A 64 -2.15 8.64 -0.83
N LYS A 65 -0.84 8.65 -1.05
CA LYS A 65 -0.13 7.47 -1.54
C LYS A 65 -0.32 6.29 -0.60
N VAL A 66 -0.30 6.57 0.70
CA VAL A 66 -0.48 5.53 1.72
C VAL A 66 -1.86 4.91 1.63
N TYR A 67 -2.87 5.74 1.42
CA TYR A 67 -4.25 5.28 1.32
C TYR A 67 -4.43 4.37 0.11
N ASN A 68 -3.73 4.71 -0.97
CA ASN A 68 -3.81 3.93 -2.21
C ASN A 68 -3.30 2.50 -1.99
N TRP A 69 -2.18 2.39 -1.28
CA TRP A 69 -1.59 1.08 -1.01
C TRP A 69 -2.46 0.29 -0.04
N PHE A 70 -2.91 0.95 1.02
CA PHE A 70 -3.76 0.30 2.01
C PHE A 70 -5.05 -0.21 1.39
N ALA A 71 -5.66 0.63 0.54
CA ALA A 71 -6.90 0.26 -0.12
C ALA A 71 -6.72 -1.00 -0.96
N ASN A 72 -5.56 -1.14 -1.57
CA ASN A 72 -5.27 -2.30 -2.41
C ASN A 72 -5.15 -3.57 -1.56
N ARG A 73 -4.56 -3.42 -0.38
CA ARG A 73 -4.38 -4.55 0.53
C ARG A 73 -5.73 -5.01 1.09
N ARG A 74 -6.52 -4.05 1.56
CA ARG A 74 -7.83 -4.37 2.13
C ARG A 74 -8.70 -5.10 1.12
N LYS A 75 -8.76 -4.58 -0.11
CA LYS A 75 -9.55 -5.18 -1.16
C LYS A 75 -8.95 -6.51 -1.59
N GLU A 76 -7.62 -6.61 -1.54
CA GLU A 76 -6.93 -7.83 -1.93
C GLU A 76 -7.27 -8.98 -0.97
N ILE A 77 -7.21 -8.69 0.33
CA ILE A 77 -7.50 -9.68 1.34
C ILE A 77 -8.97 -10.06 1.33
N LYS A 78 -9.83 -9.08 1.08
CA LYS A 78 -11.27 -9.30 1.03
C LYS A 78 -11.65 -10.16 -0.17
N ARG A 79 -11.13 -9.78 -1.34
CA ARG A 79 -11.42 -10.52 -2.57
C ARG A 79 -10.86 -11.93 -2.50
N ARG A 80 -9.71 -12.08 -1.85
CA ARG A 80 -9.07 -13.39 -1.72
C ARG A 80 -9.85 -14.28 -0.77
N ALA A 81 -10.47 -13.68 0.24
CA ALA A 81 -11.25 -14.42 1.22
C ALA A 81 -12.56 -14.92 0.60
N ASN A 82 -12.97 -14.29 -0.49
CA ASN A 82 -14.21 -14.67 -1.17
C ASN A 82 -14.06 -16.01 -1.86
N ILE A 83 -12.82 -16.34 -2.24
CA ILE A 83 -12.54 -17.61 -2.91
C ILE A 83 -12.17 -18.70 -1.90
N ALA A 84 -13.00 -18.85 -0.87
CA ALA A 84 -12.76 -19.85 0.16
C ALA A 84 -12.67 -21.25 -0.45
N ALA A 85 -13.07 -21.37 -1.71
CA ALA A 85 -13.03 -22.65 -2.41
C ALA A 85 -11.61 -23.16 -2.53
N ILE A 86 -11.37 -24.38 -2.05
CA ILE A 86 -10.05 -24.99 -2.11
C ILE A 86 -10.01 -26.15 -3.10
N LEU A 87 -10.72 -25.98 -4.22
CA LEU A 87 -10.78 -27.00 -5.26
C LEU A 87 -10.01 -26.55 -6.50
N GLU A 88 -8.69 -26.74 -6.49
CA GLU A 88 -7.85 -26.36 -7.61
C GLU A 88 -6.43 -26.88 -7.43
N SER A 89 -5.75 -27.11 -8.55
CA SER A 89 -4.38 -27.62 -8.51
C SER A 89 -3.37 -26.46 -8.42
N SER A 90 -3.11 -26.02 -7.20
CA SER A 90 -2.18 -24.91 -6.97
C SER A 90 -1.13 -25.30 -5.93
N GLY A 91 -0.13 -24.44 -5.76
CA GLY A 91 0.91 -24.70 -4.80
C GLY A 91 1.77 -23.48 -4.52
N PRO A 92 1.90 -23.11 -3.24
CA PRO A 92 2.71 -21.96 -2.82
C PRO A 92 4.20 -22.19 -3.01
N SER A 93 4.66 -23.39 -2.67
CA SER A 93 6.07 -23.72 -2.81
C SER A 93 6.28 -25.23 -2.65
N SER A 94 7.42 -25.72 -3.15
CA SER A 94 7.74 -27.14 -3.08
C SER A 94 9.24 -27.34 -2.89
N GLY A 95 9.64 -28.59 -2.71
CA GLY A 95 11.04 -28.90 -2.52
C GLY A 95 11.95 -28.02 -3.34
N GLY A 1 1.63 -15.81 6.80
CA GLY A 1 0.44 -16.46 6.26
C GLY A 1 0.53 -16.70 4.77
N SER A 2 -0.36 -16.06 4.01
CA SER A 2 -0.38 -16.22 2.57
C SER A 2 0.39 -15.09 1.89
N SER A 3 1.64 -15.35 1.55
CA SER A 3 2.48 -14.35 0.91
C SER A 3 2.05 -14.14 -0.54
N GLY A 4 1.93 -12.88 -0.94
CA GLY A 4 1.52 -12.56 -2.29
C GLY A 4 1.27 -11.08 -2.50
N SER A 5 2.33 -10.28 -2.32
CA SER A 5 2.21 -8.83 -2.48
C SER A 5 2.23 -8.44 -3.95
N SER A 6 1.96 -7.17 -4.23
CA SER A 6 1.95 -6.67 -5.60
C SER A 6 2.31 -5.19 -5.65
N GLY A 7 2.50 -4.67 -6.86
CA GLY A 7 2.86 -3.27 -7.02
C GLY A 7 4.21 -3.09 -7.67
N ARG A 8 4.23 -3.07 -9.00
CA ARG A 8 5.47 -2.90 -9.74
C ARG A 8 5.21 -2.20 -11.07
N GLY A 9 5.78 -1.00 -11.21
CA GLY A 9 5.61 -0.23 -12.44
C GLY A 9 6.68 0.82 -12.63
N SER A 10 6.58 1.57 -13.71
CA SER A 10 7.55 2.62 -14.01
C SER A 10 7.16 3.94 -13.34
N ARG A 11 5.86 4.22 -13.32
CA ARG A 11 5.36 5.45 -12.72
C ARG A 11 5.87 5.60 -11.28
N PHE A 12 5.42 4.72 -10.41
CA PHE A 12 5.82 4.75 -9.01
C PHE A 12 6.11 3.34 -8.49
N THR A 13 7.13 3.23 -7.65
CA THR A 13 7.52 1.94 -7.09
C THR A 13 7.47 1.97 -5.56
N TRP A 14 7.23 0.82 -4.96
CA TRP A 14 7.16 0.71 -3.51
C TRP A 14 8.41 0.03 -2.94
N ARG A 15 9.15 0.75 -2.11
CA ARG A 15 10.36 0.21 -1.51
C ARG A 15 10.03 -0.67 -0.31
N LYS A 16 10.86 -1.70 -0.09
CA LYS A 16 10.66 -2.62 1.01
C LYS A 16 10.59 -1.88 2.34
N GLU A 17 11.29 -0.74 2.42
CA GLU A 17 11.32 0.06 3.63
C GLU A 17 9.96 0.67 3.90
N CYS A 18 9.34 1.23 2.87
CA CYS A 18 8.04 1.86 2.99
C CYS A 18 6.94 0.81 3.15
N LEU A 19 7.19 -0.39 2.62
CA LEU A 19 6.23 -1.48 2.70
C LEU A 19 6.20 -2.07 4.10
N ALA A 20 7.37 -2.18 4.72
CA ALA A 20 7.48 -2.72 6.07
C ALA A 20 6.73 -1.86 7.08
N VAL A 21 6.82 -0.54 6.89
CA VAL A 21 6.15 0.40 7.79
C VAL A 21 4.64 0.38 7.57
N MET A 22 4.23 0.23 6.32
CA MET A 22 2.81 0.20 5.98
C MET A 22 2.14 -1.04 6.57
N GLU A 23 2.86 -2.16 6.54
CA GLU A 23 2.33 -3.42 7.06
C GLU A 23 2.11 -3.32 8.57
N SER A 24 2.95 -2.55 9.24
CA SER A 24 2.85 -2.38 10.69
C SER A 24 1.60 -1.59 11.06
N TYR A 25 1.38 -0.47 10.35
CA TYR A 25 0.22 0.37 10.61
C TYR A 25 -1.07 -0.35 10.24
N PHE A 26 -0.99 -1.22 9.23
CA PHE A 26 -2.16 -1.98 8.78
C PHE A 26 -2.58 -3.00 9.82
N ASN A 27 -1.60 -3.59 10.50
CA ASN A 27 -1.87 -4.59 11.53
C ASN A 27 -2.62 -3.97 12.71
N GLU A 28 -2.29 -2.72 13.03
CA GLU A 28 -2.93 -2.03 14.13
C GLU A 28 -4.27 -1.43 13.68
N ASN A 29 -4.34 -1.01 12.43
CA ASN A 29 -5.55 -0.42 11.88
C ASN A 29 -5.63 -0.63 10.38
N GLN A 30 -6.76 -1.13 9.91
CA GLN A 30 -6.96 -1.38 8.48
C GLN A 30 -7.13 -0.07 7.72
N TYR A 31 -7.83 0.88 8.35
CA TYR A 31 -8.07 2.18 7.74
C TYR A 31 -7.50 3.31 8.59
N PRO A 32 -6.25 3.69 8.30
CA PRO A 32 -5.56 4.76 9.03
C PRO A 32 -6.16 6.14 8.74
N ASP A 33 -6.61 6.82 9.80
CA ASP A 33 -7.19 8.14 9.66
C ASP A 33 -6.27 9.07 8.87
N GLU A 34 -6.65 10.34 8.79
CA GLU A 34 -5.85 11.32 8.05
C GLU A 34 -4.51 11.55 8.74
N ALA A 35 -4.54 11.70 10.06
CA ALA A 35 -3.33 11.93 10.84
C ALA A 35 -2.46 10.67 10.87
N LYS A 36 -3.10 9.51 10.97
CA LYS A 36 -2.38 8.25 11.00
C LYS A 36 -1.64 8.00 9.69
N ARG A 37 -2.29 8.33 8.58
CA ARG A 37 -1.68 8.14 7.26
C ARG A 37 -0.40 8.96 7.13
N GLU A 38 -0.47 10.23 7.52
CA GLU A 38 0.69 11.11 7.44
C GLU A 38 1.82 10.60 8.33
N GLU A 39 1.47 10.09 9.50
CA GLU A 39 2.46 9.57 10.43
C GLU A 39 3.20 8.38 9.83
N ILE A 40 2.45 7.46 9.24
CA ILE A 40 3.04 6.27 8.62
C ILE A 40 3.77 6.63 7.33
N ALA A 41 3.28 7.66 6.64
CA ALA A 41 3.89 8.11 5.40
C ALA A 41 5.22 8.80 5.65
N ASN A 42 5.24 9.69 6.63
CA ASN A 42 6.45 10.43 6.98
C ASN A 42 7.58 9.46 7.36
N ALA A 43 7.22 8.39 8.05
CA ALA A 43 8.20 7.39 8.47
C ALA A 43 8.80 6.67 7.27
N CYS A 44 7.99 6.47 6.24
CA CYS A 44 8.45 5.79 5.02
C CYS A 44 9.49 6.63 4.29
N ASN A 45 9.29 7.95 4.28
CA ASN A 45 10.22 8.86 3.63
C ASN A 45 11.56 8.89 4.34
N ALA A 46 11.51 8.75 5.67
CA ALA A 46 12.73 8.77 6.48
C ALA A 46 13.56 7.51 6.24
N VAL A 47 12.90 6.35 6.28
CA VAL A 47 13.59 5.08 6.06
C VAL A 47 14.28 5.05 4.69
N ILE A 48 13.75 5.82 3.76
CA ILE A 48 14.31 5.88 2.42
C ILE A 48 15.22 7.10 2.25
N GLN A 49 14.93 8.14 3.02
CA GLN A 49 15.71 9.37 2.96
C GLN A 49 17.18 9.10 3.26
N LYS A 50 18.05 9.89 2.67
CA LYS A 50 19.49 9.74 2.88
C LYS A 50 20.14 11.07 3.24
N PRO A 51 21.25 11.01 3.99
CA PRO A 51 21.98 12.20 4.42
C PRO A 51 22.69 12.90 3.27
N GLY A 52 22.45 14.20 3.14
CA GLY A 52 23.07 14.96 2.07
C GLY A 52 22.45 14.67 0.72
N LYS A 53 21.23 14.14 0.72
CA LYS A 53 20.53 13.81 -0.50
C LYS A 53 19.15 14.47 -0.55
N LYS A 54 18.59 14.57 -1.74
CA LYS A 54 17.27 15.18 -1.91
C LYS A 54 16.24 14.14 -2.36
N LEU A 55 15.11 14.11 -1.66
CA LEU A 55 14.04 13.17 -1.99
C LEU A 55 13.22 13.65 -3.17
N SER A 56 12.82 12.73 -4.04
CA SER A 56 12.04 13.06 -5.21
C SER A 56 10.56 12.77 -4.98
N ASP A 57 9.70 13.50 -5.68
CA ASP A 57 8.26 13.33 -5.56
C ASP A 57 7.86 11.90 -5.87
N LEU A 58 8.60 11.26 -6.77
CA LEU A 58 8.31 9.89 -7.17
C LEU A 58 8.52 8.94 -5.99
N GLU A 59 9.55 9.20 -5.19
CA GLU A 59 9.84 8.37 -4.03
C GLU A 59 9.21 8.94 -2.77
N ARG A 60 8.68 10.16 -2.88
CA ARG A 60 8.04 10.82 -1.74
C ARG A 60 6.72 10.15 -1.40
N VAL A 61 6.65 9.55 -0.22
CA VAL A 61 5.43 8.87 0.22
C VAL A 61 4.48 9.85 0.91
N THR A 62 3.46 10.29 0.16
CA THR A 62 2.48 11.23 0.70
C THR A 62 1.35 10.50 1.41
N SER A 63 0.48 11.25 2.07
CA SER A 63 -0.65 10.67 2.79
C SER A 63 -1.58 9.93 1.85
N LEU A 64 -1.77 10.48 0.66
CA LEU A 64 -2.65 9.87 -0.34
C LEU A 64 -2.05 8.56 -0.84
N LYS A 65 -0.75 8.55 -1.06
CA LYS A 65 -0.05 7.36 -1.54
C LYS A 65 -0.25 6.19 -0.58
N VAL A 66 -0.25 6.49 0.72
CA VAL A 66 -0.43 5.46 1.73
C VAL A 66 -1.83 4.85 1.65
N TYR A 67 -2.84 5.70 1.50
CA TYR A 67 -4.21 5.25 1.40
C TYR A 67 -4.41 4.34 0.18
N ASN A 68 -3.72 4.67 -0.90
CA ASN A 68 -3.82 3.89 -2.14
C ASN A 68 -3.29 2.48 -1.93
N TRP A 69 -2.16 2.36 -1.25
CA TRP A 69 -1.54 1.07 -0.98
C TRP A 69 -2.40 0.26 -0.01
N PHE A 70 -2.97 0.93 0.98
CA PHE A 70 -3.81 0.28 1.98
C PHE A 70 -5.09 -0.25 1.34
N ALA A 71 -5.71 0.57 0.51
CA ALA A 71 -6.95 0.20 -0.17
C ALA A 71 -6.74 -1.06 -1.02
N ASN A 72 -5.54 -1.21 -1.55
CA ASN A 72 -5.22 -2.37 -2.38
C ASN A 72 -5.17 -3.64 -1.54
N ARG A 73 -4.68 -3.52 -0.32
CA ARG A 73 -4.59 -4.67 0.58
C ARG A 73 -5.95 -5.04 1.14
N ARG A 74 -6.72 -4.03 1.52
CA ARG A 74 -8.05 -4.26 2.08
C ARG A 74 -8.97 -4.92 1.05
N LYS A 75 -8.96 -4.39 -0.17
CA LYS A 75 -9.78 -4.93 -1.25
C LYS A 75 -9.32 -6.33 -1.64
N GLU A 76 -8.02 -6.57 -1.54
CA GLU A 76 -7.46 -7.87 -1.88
C GLU A 76 -7.90 -8.94 -0.89
N ILE A 77 -7.80 -8.61 0.41
CA ILE A 77 -8.19 -9.54 1.46
C ILE A 77 -9.69 -9.84 1.40
N LYS A 78 -10.47 -8.82 1.07
CA LYS A 78 -11.92 -8.97 0.98
C LYS A 78 -12.30 -9.88 -0.18
N ARG A 79 -11.54 -9.79 -1.28
CA ARG A 79 -11.80 -10.61 -2.45
C ARG A 79 -11.69 -12.10 -2.11
N ARG A 80 -10.71 -12.43 -1.29
CA ARG A 80 -10.48 -13.82 -0.89
C ARG A 80 -11.58 -14.29 0.05
N ALA A 81 -12.34 -13.35 0.60
CA ALA A 81 -13.43 -13.68 1.51
C ALA A 81 -14.77 -13.67 0.79
N ASN A 82 -14.79 -13.09 -0.41
CA ASN A 82 -16.01 -13.01 -1.21
C ASN A 82 -16.07 -14.16 -2.22
N ILE A 83 -15.00 -14.30 -2.99
CA ILE A 83 -14.94 -15.36 -4.00
C ILE A 83 -16.31 -15.66 -4.58
N ALA A 84 -17.06 -14.61 -4.89
CA ALA A 84 -18.39 -14.76 -5.45
C ALA A 84 -18.33 -14.99 -6.96
N ALA A 85 -17.32 -15.74 -7.40
CA ALA A 85 -17.15 -16.03 -8.82
C ALA A 85 -17.01 -17.53 -9.05
N ILE A 86 -17.70 -18.03 -10.09
CA ILE A 86 -17.64 -19.44 -10.41
C ILE A 86 -16.84 -19.68 -11.69
N LEU A 87 -17.02 -18.80 -12.67
CA LEU A 87 -16.33 -18.91 -13.94
C LEU A 87 -14.90 -19.40 -13.74
N GLU A 88 -14.45 -20.28 -14.61
CA GLU A 88 -13.09 -20.83 -14.53
C GLU A 88 -12.11 -19.99 -15.32
N SER A 89 -11.15 -19.38 -14.63
CA SER A 89 -10.16 -18.53 -15.27
C SER A 89 -8.74 -18.96 -14.86
N SER A 90 -8.22 -19.97 -15.54
CA SER A 90 -6.88 -20.46 -15.25
C SER A 90 -5.81 -19.59 -15.90
N GLY A 91 -4.61 -19.60 -15.33
CA GLY A 91 -3.53 -18.80 -15.87
C GLY A 91 -2.19 -19.52 -15.78
N PRO A 92 -1.90 -20.37 -16.77
CA PRO A 92 -0.66 -21.13 -16.82
C PRO A 92 0.55 -20.24 -17.11
N SER A 93 0.31 -18.95 -17.24
CA SER A 93 1.37 -17.99 -17.52
C SER A 93 1.88 -18.15 -18.96
N SER A 94 0.96 -18.13 -19.91
CA SER A 94 1.31 -18.29 -21.32
C SER A 94 0.49 -17.34 -22.20
N GLY A 95 1.14 -16.73 -23.18
CA GLY A 95 0.45 -15.82 -24.07
C GLY A 95 0.76 -16.08 -25.54
N GLY A 1 4.17 -16.29 -23.97
CA GLY A 1 3.83 -16.77 -22.65
C GLY A 1 3.36 -18.21 -22.66
N SER A 2 3.43 -18.86 -21.50
CA SER A 2 3.02 -20.26 -21.39
C SER A 2 1.72 -20.36 -20.60
N SER A 3 1.72 -19.84 -19.38
CA SER A 3 0.55 -19.88 -18.52
C SER A 3 0.16 -18.48 -18.06
N GLY A 4 1.01 -17.50 -18.37
CA GLY A 4 0.74 -16.13 -17.98
C GLY A 4 1.67 -15.65 -16.88
N SER A 5 2.65 -14.84 -17.26
CA SER A 5 3.62 -14.31 -16.30
C SER A 5 3.74 -12.79 -16.42
N SER A 6 2.86 -12.08 -15.73
CA SER A 6 2.86 -10.63 -15.76
C SER A 6 3.71 -10.05 -14.63
N GLY A 7 4.70 -9.26 -14.99
CA GLY A 7 5.58 -8.67 -13.99
C GLY A 7 5.01 -7.39 -13.41
N ARG A 8 5.87 -6.42 -13.15
CA ARG A 8 5.44 -5.15 -12.57
C ARG A 8 5.09 -4.14 -13.67
N GLY A 9 4.06 -3.35 -13.42
CA GLY A 9 3.64 -2.36 -14.40
C GLY A 9 2.83 -1.23 -13.78
N SER A 10 3.41 -0.59 -12.77
CA SER A 10 2.74 0.51 -12.08
C SER A 10 3.54 1.80 -12.20
N ARG A 11 2.86 2.90 -12.52
CA ARG A 11 3.51 4.18 -12.67
C ARG A 11 4.47 4.44 -11.51
N PHE A 12 4.04 4.12 -10.30
CA PHE A 12 4.86 4.32 -9.11
C PHE A 12 5.00 3.03 -8.32
N THR A 13 6.24 2.60 -8.10
CA THR A 13 6.50 1.37 -7.36
C THR A 13 6.60 1.65 -5.87
N TRP A 14 6.79 0.59 -5.08
CA TRP A 14 6.91 0.72 -3.64
C TRP A 14 8.23 0.14 -3.14
N ARG A 15 8.78 0.74 -2.10
CA ARG A 15 10.04 0.28 -1.52
C ARG A 15 9.80 -0.62 -0.32
N LYS A 16 10.66 -1.63 -0.15
CA LYS A 16 10.53 -2.56 0.96
C LYS A 16 10.52 -1.82 2.29
N GLU A 17 11.20 -0.69 2.34
CA GLU A 17 11.27 0.11 3.55
C GLU A 17 9.92 0.76 3.86
N CYS A 18 9.30 1.33 2.83
CA CYS A 18 8.00 1.99 2.99
C CYS A 18 6.90 0.94 3.17
N LEU A 19 7.11 -0.25 2.64
CA LEU A 19 6.13 -1.33 2.74
C LEU A 19 6.09 -1.89 4.15
N ALA A 20 7.27 -2.07 4.74
CA ALA A 20 7.36 -2.60 6.11
C ALA A 20 6.59 -1.73 7.09
N VAL A 21 6.67 -0.42 6.90
CA VAL A 21 5.98 0.52 7.78
C VAL A 21 4.47 0.49 7.53
N MET A 22 4.08 0.31 6.28
CA MET A 22 2.67 0.25 5.91
C MET A 22 2.00 -0.98 6.51
N GLU A 23 2.73 -2.09 6.56
CA GLU A 23 2.21 -3.32 7.10
C GLU A 23 2.02 -3.22 8.61
N SER A 24 2.95 -2.52 9.27
CA SER A 24 2.88 -2.35 10.71
C SER A 24 1.60 -1.63 11.12
N TYR A 25 1.31 -0.52 10.45
CA TYR A 25 0.12 0.26 10.73
C TYR A 25 -1.15 -0.51 10.36
N PHE A 26 -1.06 -1.29 9.30
CA PHE A 26 -2.20 -2.09 8.85
C PHE A 26 -2.58 -3.14 9.88
N ASN A 27 -1.58 -3.65 10.59
CA ASN A 27 -1.81 -4.67 11.62
C ASN A 27 -2.58 -4.09 12.80
N GLU A 28 -2.31 -2.83 13.11
CA GLU A 28 -2.98 -2.15 14.21
C GLU A 28 -4.32 -1.56 13.76
N ASN A 29 -4.36 -1.12 12.51
CA ASN A 29 -5.57 -0.52 11.95
C ASN A 29 -5.57 -0.61 10.43
N GLN A 30 -6.61 -1.23 9.88
CA GLN A 30 -6.73 -1.39 8.43
C GLN A 30 -6.89 -0.03 7.75
N TYR A 31 -7.66 0.86 8.39
CA TYR A 31 -7.90 2.19 7.84
C TYR A 31 -7.32 3.26 8.76
N PRO A 32 -6.07 3.66 8.46
CA PRO A 32 -5.37 4.70 9.25
C PRO A 32 -5.97 6.08 9.05
N ASP A 33 -6.43 6.68 10.13
CA ASP A 33 -7.03 8.01 10.08
C ASP A 33 -6.18 8.96 9.24
N GLU A 34 -6.70 10.15 8.99
CA GLU A 34 -5.99 11.14 8.19
C GLU A 34 -4.63 11.45 8.80
N ALA A 35 -4.59 11.65 10.11
CA ALA A 35 -3.35 11.94 10.81
C ALA A 35 -2.42 10.73 10.81
N LYS A 36 -3.00 9.54 10.96
CA LYS A 36 -2.22 8.31 10.98
C LYS A 36 -1.52 8.09 9.64
N ARG A 37 -2.22 8.41 8.55
CA ARG A 37 -1.66 8.25 7.21
C ARG A 37 -0.38 9.09 7.05
N GLU A 38 -0.42 10.32 7.54
CA GLU A 38 0.72 11.22 7.45
C GLU A 38 1.86 10.74 8.35
N GLU A 39 1.50 10.18 9.50
CA GLU A 39 2.49 9.69 10.45
C GLU A 39 3.24 8.49 9.88
N ILE A 40 2.48 7.54 9.32
CA ILE A 40 3.07 6.34 8.74
C ILE A 40 3.80 6.66 7.43
N ALA A 41 3.30 7.65 6.70
CA ALA A 41 3.90 8.05 5.44
C ALA A 41 5.24 8.73 5.68
N ASN A 42 5.28 9.61 6.66
CA ASN A 42 6.52 10.34 6.99
C ASN A 42 7.65 9.36 7.31
N ALA A 43 7.32 8.30 8.04
CA ALA A 43 8.31 7.30 8.41
C ALA A 43 8.86 6.60 7.18
N CYS A 44 8.01 6.34 6.20
CA CYS A 44 8.43 5.68 4.96
C CYS A 44 9.48 6.51 4.23
N ASN A 45 9.28 7.82 4.20
CA ASN A 45 10.21 8.72 3.53
C ASN A 45 11.54 8.78 4.27
N ALA A 46 11.47 8.65 5.59
CA ALA A 46 12.68 8.69 6.41
C ALA A 46 13.54 7.45 6.19
N VAL A 47 12.91 6.27 6.22
CA VAL A 47 13.61 5.02 6.01
C VAL A 47 14.34 5.00 4.67
N ILE A 48 13.74 5.65 3.68
CA ILE A 48 14.32 5.71 2.34
C ILE A 48 15.24 6.92 2.20
N GLN A 49 14.91 8.00 2.89
CA GLN A 49 15.71 9.21 2.86
C GLN A 49 17.17 8.92 3.17
N LYS A 50 18.06 9.25 2.25
CA LYS A 50 19.48 9.02 2.44
C LYS A 50 20.21 10.32 2.78
N PRO A 51 21.33 10.20 3.51
CA PRO A 51 22.13 11.36 3.93
C PRO A 51 22.85 12.01 2.75
N GLY A 52 22.69 13.32 2.61
CA GLY A 52 23.33 14.04 1.52
C GLY A 52 22.63 13.83 0.20
N LYS A 53 21.43 13.27 0.24
CA LYS A 53 20.66 13.01 -0.97
C LYS A 53 19.32 13.74 -0.92
N LYS A 54 18.66 13.84 -2.07
CA LYS A 54 17.37 14.52 -2.16
C LYS A 54 16.27 13.53 -2.52
N LEU A 55 15.08 13.74 -1.98
CA LEU A 55 13.94 12.86 -2.24
C LEU A 55 13.09 13.41 -3.38
N SER A 56 12.62 12.52 -4.24
CA SER A 56 11.78 12.92 -5.38
C SER A 56 10.30 12.72 -5.07
N ASP A 57 9.47 13.57 -5.66
CA ASP A 57 8.03 13.49 -5.45
C ASP A 57 7.51 12.10 -5.80
N LEU A 58 8.19 11.43 -6.73
CA LEU A 58 7.78 10.10 -7.17
C LEU A 58 7.99 9.08 -6.05
N GLU A 59 9.09 9.22 -5.33
CA GLU A 59 9.41 8.32 -4.22
C GLU A 59 8.87 8.86 -2.90
N ARG A 60 8.43 10.11 -2.92
CA ARG A 60 7.90 10.75 -1.72
C ARG A 60 6.54 10.16 -1.35
N VAL A 61 6.53 9.32 -0.32
CA VAL A 61 5.30 8.68 0.14
C VAL A 61 4.42 9.68 0.89
N THR A 62 3.35 10.13 0.24
CA THR A 62 2.43 11.07 0.84
C THR A 62 1.25 10.36 1.49
N SER A 63 0.43 11.13 2.21
CA SER A 63 -0.73 10.57 2.88
C SER A 63 -1.66 9.87 1.89
N LEU A 64 -1.73 10.42 0.69
CA LEU A 64 -2.58 9.85 -0.36
C LEU A 64 -2.02 8.53 -0.86
N LYS A 65 -0.71 8.49 -1.07
CA LYS A 65 -0.04 7.29 -1.55
C LYS A 65 -0.24 6.14 -0.57
N VAL A 66 -0.23 6.45 0.72
CA VAL A 66 -0.41 5.43 1.75
C VAL A 66 -1.81 4.83 1.70
N TYR A 67 -2.80 5.68 1.40
CA TYR A 67 -4.18 5.23 1.32
C TYR A 67 -4.38 4.30 0.12
N ASN A 68 -3.69 4.60 -0.97
CA ASN A 68 -3.79 3.79 -2.18
C ASN A 68 -3.26 2.38 -1.95
N TRP A 69 -2.13 2.30 -1.26
CA TRP A 69 -1.52 1.01 -0.97
C TRP A 69 -2.36 0.21 0.01
N PHE A 70 -2.83 0.88 1.06
CA PHE A 70 -3.66 0.23 2.07
C PHE A 70 -4.97 -0.26 1.46
N ALA A 71 -5.61 0.59 0.67
CA ALA A 71 -6.87 0.22 0.03
C ALA A 71 -6.71 -1.01 -0.85
N ASN A 72 -5.55 -1.14 -1.48
CA ASN A 72 -5.27 -2.28 -2.35
C ASN A 72 -5.24 -3.58 -1.55
N ARG A 73 -4.67 -3.51 -0.35
CA ARG A 73 -4.58 -4.69 0.50
C ARG A 73 -5.96 -5.09 1.02
N ARG A 74 -6.70 -4.11 1.53
CA ARG A 74 -8.04 -4.36 2.05
C ARG A 74 -8.93 -5.01 1.00
N LYS A 75 -8.91 -4.45 -0.20
CA LYS A 75 -9.72 -4.98 -1.30
C LYS A 75 -9.19 -6.34 -1.76
N GLU A 76 -7.87 -6.52 -1.67
CA GLU A 76 -7.25 -7.77 -2.08
C GLU A 76 -7.60 -8.89 -1.10
N ILE A 77 -7.69 -8.56 0.17
CA ILE A 77 -8.03 -9.54 1.20
C ILE A 77 -9.52 -9.78 1.26
N LYS A 78 -10.30 -8.72 1.08
CA LYS A 78 -11.75 -8.81 1.11
C LYS A 78 -12.28 -9.58 -0.10
N ARG A 79 -11.63 -9.37 -1.24
CA ARG A 79 -12.03 -10.04 -2.47
C ARG A 79 -11.65 -11.52 -2.45
N ARG A 80 -10.44 -11.80 -1.95
CA ARG A 80 -9.96 -13.16 -1.87
C ARG A 80 -10.70 -13.95 -0.78
N ALA A 81 -11.10 -13.24 0.28
CA ALA A 81 -11.82 -13.87 1.38
C ALA A 81 -13.23 -14.27 0.95
N ASN A 82 -13.58 -13.97 -0.29
CA ASN A 82 -14.89 -14.30 -0.82
C ASN A 82 -14.80 -15.46 -1.81
N ILE A 83 -13.65 -16.11 -1.86
CA ILE A 83 -13.43 -17.23 -2.77
C ILE A 83 -14.13 -18.48 -2.25
N ALA A 84 -15.40 -18.34 -1.87
CA ALA A 84 -16.18 -19.46 -1.38
C ALA A 84 -17.19 -19.94 -2.41
N ALA A 85 -16.74 -20.82 -3.30
CA ALA A 85 -17.61 -21.37 -4.34
C ALA A 85 -18.39 -22.58 -3.83
N ILE A 86 -19.71 -22.46 -3.82
CA ILE A 86 -20.57 -23.54 -3.36
C ILE A 86 -21.36 -24.15 -4.52
N LEU A 87 -20.70 -24.28 -5.67
CA LEU A 87 -21.33 -24.84 -6.85
C LEU A 87 -20.69 -26.17 -7.24
N GLU A 88 -19.36 -26.20 -7.23
CA GLU A 88 -18.63 -27.42 -7.56
C GLU A 88 -17.58 -27.73 -6.51
N SER A 89 -16.84 -28.83 -6.72
CA SER A 89 -15.81 -29.24 -5.78
C SER A 89 -14.48 -28.57 -6.11
N SER A 90 -14.21 -27.44 -5.45
CA SER A 90 -12.98 -26.71 -5.67
C SER A 90 -12.51 -26.02 -4.39
N GLY A 91 -11.34 -26.42 -3.90
CA GLY A 91 -10.81 -25.85 -2.69
C GLY A 91 -11.77 -25.94 -1.52
N PRO A 92 -12.33 -24.80 -1.12
CA PRO A 92 -13.28 -24.74 -0.01
C PRO A 92 -14.62 -25.39 -0.34
N SER A 93 -14.75 -26.67 0.00
CA SER A 93 -15.98 -27.41 -0.28
C SER A 93 -16.83 -27.53 0.98
N SER A 94 -17.80 -26.64 1.13
CA SER A 94 -18.68 -26.65 2.29
C SER A 94 -19.23 -28.06 2.55
N GLY A 95 -19.82 -28.65 1.51
CA GLY A 95 -20.38 -29.98 1.64
C GLY A 95 -19.53 -30.89 2.51
N GLY A 1 -1.62 29.97 -19.48
CA GLY A 1 -2.19 29.21 -18.39
C GLY A 1 -2.22 27.72 -18.67
N SER A 2 -3.10 27.00 -17.97
CA SER A 2 -3.22 25.56 -18.14
C SER A 2 -4.44 25.22 -18.98
N SER A 3 -4.21 24.52 -20.10
CA SER A 3 -5.30 24.14 -20.99
C SER A 3 -5.52 22.63 -20.96
N GLY A 4 -4.43 21.87 -21.15
CA GLY A 4 -4.53 20.42 -21.14
C GLY A 4 -3.19 19.76 -21.37
N SER A 5 -2.68 19.10 -20.34
CA SER A 5 -1.40 18.42 -20.43
C SER A 5 -1.46 17.25 -21.41
N SER A 6 -0.30 16.77 -21.83
CA SER A 6 -0.23 15.66 -22.77
C SER A 6 0.92 14.72 -22.42
N GLY A 7 0.63 13.42 -22.40
CA GLY A 7 1.65 12.44 -22.08
C GLY A 7 1.88 12.31 -20.59
N ARG A 8 1.37 11.23 -20.00
CA ARG A 8 1.51 10.99 -18.58
C ARG A 8 1.01 9.60 -18.20
N GLY A 9 1.70 8.96 -17.26
CA GLY A 9 1.30 7.64 -16.82
C GLY A 9 1.44 7.45 -15.32
N SER A 10 1.45 6.19 -14.89
CA SER A 10 1.57 5.88 -13.47
C SER A 10 2.81 5.02 -13.21
N ARG A 11 3.91 5.69 -12.87
CA ARG A 11 5.16 4.99 -12.60
C ARG A 11 5.61 5.22 -11.16
N PHE A 12 5.09 4.41 -10.24
CA PHE A 12 5.44 4.53 -8.83
C PHE A 12 5.59 3.15 -8.19
N THR A 13 6.81 2.83 -7.75
CA THR A 13 7.08 1.55 -7.12
C THR A 13 7.16 1.69 -5.61
N TRP A 14 6.96 0.58 -4.90
CA TRP A 14 7.00 0.58 -3.45
C TRP A 14 8.30 -0.06 -2.94
N ARG A 15 8.97 0.63 -2.02
CA ARG A 15 10.22 0.13 -1.46
C ARG A 15 9.96 -0.77 -0.25
N LYS A 16 10.83 -1.74 -0.04
CA LYS A 16 10.69 -2.66 1.07
C LYS A 16 10.63 -1.91 2.39
N GLU A 17 11.28 -0.75 2.45
CA GLU A 17 11.29 0.07 3.65
C GLU A 17 9.90 0.67 3.92
N CYS A 18 9.30 1.21 2.87
CA CYS A 18 7.97 1.81 2.99
C CYS A 18 6.89 0.74 3.16
N LEU A 19 7.17 -0.45 2.64
CA LEU A 19 6.22 -1.55 2.73
C LEU A 19 6.16 -2.10 4.15
N ALA A 20 7.32 -2.23 4.79
CA ALA A 20 7.39 -2.74 6.14
C ALA A 20 6.62 -1.84 7.11
N VAL A 21 6.77 -0.53 6.93
CA VAL A 21 6.09 0.44 7.79
C VAL A 21 4.58 0.42 7.55
N MET A 22 4.19 0.33 6.28
CA MET A 22 2.77 0.29 5.92
C MET A 22 2.09 -0.91 6.54
N GLU A 23 2.75 -2.06 6.51
CA GLU A 23 2.20 -3.28 7.07
C GLU A 23 2.00 -3.15 8.58
N SER A 24 2.94 -2.48 9.23
CA SER A 24 2.88 -2.28 10.67
C SER A 24 1.61 -1.54 11.07
N TYR A 25 1.37 -0.41 10.42
CA TYR A 25 0.19 0.40 10.71
C TYR A 25 -1.09 -0.36 10.34
N PHE A 26 -1.01 -1.16 9.29
CA PHE A 26 -2.16 -1.95 8.84
C PHE A 26 -2.54 -3.00 9.87
N ASN A 27 -1.53 -3.54 10.56
CA ASN A 27 -1.75 -4.55 11.58
C ASN A 27 -2.51 -3.98 12.77
N GLU A 28 -2.21 -2.72 13.10
CA GLU A 28 -2.87 -2.05 14.22
C GLU A 28 -4.21 -1.46 13.79
N ASN A 29 -4.28 -1.01 12.54
CA ASN A 29 -5.50 -0.42 12.02
C ASN A 29 -5.56 -0.56 10.50
N GLN A 30 -6.63 -1.19 10.01
CA GLN A 30 -6.80 -1.40 8.57
C GLN A 30 -6.94 -0.07 7.85
N TYR A 31 -7.77 0.82 8.41
CA TYR A 31 -7.98 2.13 7.81
C TYR A 31 -7.39 3.23 8.68
N PRO A 32 -6.16 3.64 8.36
CA PRO A 32 -5.46 4.70 9.10
C PRO A 32 -6.08 6.07 8.88
N ASP A 33 -6.48 6.72 9.97
CA ASP A 33 -7.08 8.04 9.89
C ASP A 33 -6.19 9.00 9.10
N GLU A 34 -6.68 10.22 8.89
CA GLU A 34 -5.93 11.22 8.16
C GLU A 34 -4.54 11.45 8.77
N ALA A 35 -4.52 11.71 10.07
CA ALA A 35 -3.26 11.94 10.78
C ALA A 35 -2.41 10.68 10.79
N LYS A 36 -3.06 9.53 10.93
CA LYS A 36 -2.35 8.25 10.95
C LYS A 36 -1.62 8.00 9.63
N ARG A 37 -2.28 8.35 8.53
CA ARG A 37 -1.70 8.17 7.20
C ARG A 37 -0.43 9.00 7.05
N GLU A 38 -0.46 10.23 7.56
CA GLU A 38 0.68 11.13 7.48
C GLU A 38 1.82 10.63 8.35
N GLU A 39 1.48 10.14 9.54
CA GLU A 39 2.47 9.65 10.48
C GLU A 39 3.22 8.45 9.90
N ILE A 40 2.47 7.53 9.31
CA ILE A 40 3.06 6.33 8.71
C ILE A 40 3.81 6.68 7.42
N ALA A 41 3.24 7.58 6.65
CA ALA A 41 3.85 8.01 5.38
C ALA A 41 5.19 8.71 5.64
N ASN A 42 5.21 9.56 6.64
CA ASN A 42 6.43 10.31 6.97
C ASN A 42 7.57 9.34 7.30
N ALA A 43 7.26 8.29 8.03
CA ALA A 43 8.26 7.29 8.40
C ALA A 43 8.84 6.61 7.17
N CYS A 44 7.99 6.35 6.19
CA CYS A 44 8.42 5.70 4.95
C CYS A 44 9.43 6.57 4.21
N ASN A 45 9.20 7.88 4.21
CA ASN A 45 10.08 8.82 3.54
C ASN A 45 11.44 8.89 4.23
N ALA A 46 11.43 8.75 5.55
CA ALA A 46 12.66 8.79 6.33
C ALA A 46 13.49 7.54 6.10
N VAL A 47 12.85 6.38 6.18
CA VAL A 47 13.54 5.11 5.98
C VAL A 47 14.20 5.05 4.61
N ILE A 48 13.74 5.90 3.69
CA ILE A 48 14.27 5.94 2.34
C ILE A 48 15.19 7.16 2.16
N GLN A 49 14.95 8.19 2.95
CA GLN A 49 15.74 9.41 2.88
C GLN A 49 17.20 9.13 3.21
N LYS A 50 18.08 9.40 2.25
CA LYS A 50 19.52 9.18 2.44
C LYS A 50 20.25 10.50 2.63
N PRO A 51 21.38 10.45 3.35
CA PRO A 51 22.20 11.63 3.62
C PRO A 51 22.92 12.15 2.38
N GLY A 52 22.80 13.44 2.12
CA GLY A 52 23.43 14.04 0.96
C GLY A 52 22.69 13.73 -0.32
N LYS A 53 21.46 13.24 -0.19
CA LYS A 53 20.65 12.92 -1.35
C LYS A 53 19.29 13.62 -1.29
N LYS A 54 18.63 13.74 -2.44
CA LYS A 54 17.33 14.39 -2.51
C LYS A 54 16.24 13.40 -2.88
N LEU A 55 15.19 13.34 -2.06
CA LEU A 55 14.08 12.44 -2.30
C LEU A 55 13.24 12.90 -3.49
N SER A 56 12.81 11.96 -4.31
CA SER A 56 11.99 12.27 -5.48
C SER A 56 10.56 11.82 -5.29
N ASP A 57 9.65 12.41 -6.05
CA ASP A 57 8.23 12.06 -5.95
C ASP A 57 8.02 10.58 -6.22
N LEU A 58 8.97 9.97 -6.92
CA LEU A 58 8.88 8.54 -7.24
C LEU A 58 9.10 7.69 -5.99
N GLU A 59 9.95 8.16 -5.09
CA GLU A 59 10.23 7.44 -3.85
C GLU A 59 9.54 8.10 -2.67
N ARG A 60 8.94 9.27 -2.90
CA ARG A 60 8.25 9.99 -1.85
C ARG A 60 6.94 9.30 -1.47
N VAL A 61 6.70 9.16 -0.18
CA VAL A 61 5.49 8.51 0.31
C VAL A 61 4.55 9.52 0.97
N THR A 62 3.53 9.94 0.25
CA THR A 62 2.56 10.90 0.76
C THR A 62 1.36 10.19 1.38
N SER A 63 0.47 10.97 2.00
CA SER A 63 -0.71 10.42 2.64
C SER A 63 -1.58 9.68 1.62
N LEU A 64 -1.66 10.23 0.41
CA LEU A 64 -2.45 9.63 -0.66
C LEU A 64 -1.88 8.29 -1.08
N LYS A 65 -0.55 8.23 -1.20
CA LYS A 65 0.13 7.00 -1.59
C LYS A 65 -0.13 5.89 -0.58
N VAL A 66 -0.13 6.25 0.70
CA VAL A 66 -0.36 5.28 1.76
C VAL A 66 -1.79 4.74 1.70
N TYR A 67 -2.74 5.62 1.44
CA TYR A 67 -4.15 5.25 1.36
C TYR A 67 -4.39 4.31 0.18
N ASN A 68 -3.70 4.58 -0.92
CA ASN A 68 -3.84 3.76 -2.13
C ASN A 68 -3.37 2.33 -1.87
N TRP A 69 -2.24 2.21 -1.19
CA TRP A 69 -1.67 0.89 -0.89
C TRP A 69 -2.53 0.16 0.14
N PHE A 70 -3.00 0.89 1.15
CA PHE A 70 -3.83 0.32 2.20
C PHE A 70 -5.18 -0.12 1.63
N ALA A 71 -5.83 0.77 0.89
CA ALA A 71 -7.13 0.48 0.30
C ALA A 71 -7.03 -0.67 -0.69
N ASN A 72 -5.88 -0.78 -1.35
CA ASN A 72 -5.66 -1.83 -2.33
C ASN A 72 -5.44 -3.18 -1.65
N ARG A 73 -4.79 -3.14 -0.49
CA ARG A 73 -4.51 -4.36 0.26
C ARG A 73 -5.79 -4.94 0.85
N ARG A 74 -6.63 -4.07 1.41
CA ARG A 74 -7.89 -4.49 2.01
C ARG A 74 -8.77 -5.19 0.98
N LYS A 75 -8.85 -4.61 -0.22
CA LYS A 75 -9.66 -5.17 -1.29
C LYS A 75 -9.04 -6.46 -1.82
N GLU A 76 -7.71 -6.52 -1.81
CA GLU A 76 -7.00 -7.70 -2.28
C GLU A 76 -7.21 -8.88 -1.34
N ILE A 77 -7.19 -8.61 -0.05
CA ILE A 77 -7.38 -9.65 0.95
C ILE A 77 -8.83 -10.12 1.00
N LYS A 78 -9.75 -9.17 0.91
CA LYS A 78 -11.18 -9.48 0.93
C LYS A 78 -11.59 -10.25 -0.31
N ARG A 79 -10.98 -9.90 -1.45
CA ARG A 79 -11.28 -10.56 -2.72
C ARG A 79 -10.89 -12.03 -2.67
N ARG A 80 -9.74 -12.32 -2.07
CA ARG A 80 -9.26 -13.69 -1.96
C ARG A 80 -10.10 -14.49 -0.97
N ALA A 81 -10.59 -13.82 0.06
CA ALA A 81 -11.41 -14.46 1.07
C ALA A 81 -12.80 -14.77 0.53
N ASN A 82 -13.16 -14.13 -0.58
CA ASN A 82 -14.47 -14.34 -1.20
C ASN A 82 -14.44 -15.57 -2.10
N ILE A 83 -13.27 -15.91 -2.60
CA ILE A 83 -13.12 -17.08 -3.47
C ILE A 83 -12.86 -18.35 -2.67
N ALA A 84 -13.66 -18.55 -1.63
CA ALA A 84 -13.52 -19.73 -0.78
C ALA A 84 -14.04 -20.98 -1.48
N ALA A 85 -13.30 -21.44 -2.49
CA ALA A 85 -13.70 -22.63 -3.24
C ALA A 85 -12.83 -23.82 -2.86
N ILE A 86 -13.41 -25.01 -2.93
CA ILE A 86 -12.70 -26.24 -2.59
C ILE A 86 -11.85 -26.72 -3.77
N LEU A 87 -11.26 -25.78 -4.49
CA LEU A 87 -10.43 -26.10 -5.65
C LEU A 87 -8.95 -26.16 -5.26
N GLU A 88 -8.55 -27.25 -4.63
CA GLU A 88 -7.17 -27.43 -4.20
C GLU A 88 -6.53 -28.62 -4.89
N SER A 89 -5.20 -28.64 -4.96
CA SER A 89 -4.46 -29.72 -5.59
C SER A 89 -5.12 -30.11 -6.92
N SER A 90 -5.48 -29.12 -7.72
CA SER A 90 -6.11 -29.36 -9.00
C SER A 90 -6.00 -28.12 -9.90
N GLY A 91 -5.21 -28.26 -10.97
CA GLY A 91 -5.04 -27.15 -11.89
C GLY A 91 -3.59 -26.72 -12.01
N PRO A 92 -3.18 -26.31 -13.22
CA PRO A 92 -1.81 -25.87 -13.50
C PRO A 92 -1.48 -24.54 -12.83
N SER A 93 -0.20 -24.29 -12.60
CA SER A 93 0.24 -23.06 -11.97
C SER A 93 1.73 -22.83 -12.20
N SER A 94 2.06 -21.83 -13.02
CA SER A 94 3.44 -21.52 -13.33
C SER A 94 4.30 -21.53 -12.07
N GLY A 95 5.44 -22.20 -12.14
CA GLY A 95 6.32 -22.29 -11.00
C GLY A 95 6.59 -23.71 -10.57
N GLY A 1 -17.92 16.57 -2.39
CA GLY A 1 -18.09 17.01 -3.77
C GLY A 1 -17.01 16.48 -4.68
N SER A 2 -17.18 16.70 -5.98
CA SER A 2 -16.20 16.25 -6.97
C SER A 2 -16.14 14.72 -7.00
N SER A 3 -17.31 14.09 -6.94
CA SER A 3 -17.39 12.63 -6.97
C SER A 3 -17.08 12.09 -8.35
N GLY A 4 -16.29 11.02 -8.41
CA GLY A 4 -15.92 10.43 -9.67
C GLY A 4 -14.48 9.96 -9.71
N SER A 5 -14.00 9.63 -10.91
CA SER A 5 -12.63 9.16 -11.06
C SER A 5 -12.33 8.01 -10.10
N SER A 6 -13.29 7.11 -9.95
CA SER A 6 -13.13 5.96 -9.05
C SER A 6 -12.12 4.96 -9.61
N GLY A 7 -11.64 4.07 -8.76
CA GLY A 7 -10.67 3.07 -9.18
C GLY A 7 -9.41 3.09 -8.36
N ARG A 8 -8.26 2.99 -9.02
CA ARG A 8 -6.98 3.00 -8.33
C ARG A 8 -6.02 3.98 -8.99
N GLY A 9 -6.50 4.72 -9.98
CA GLY A 9 -5.68 5.68 -10.68
C GLY A 9 -4.45 5.04 -11.29
N SER A 10 -3.31 5.19 -10.61
CA SER A 10 -2.05 4.63 -11.10
C SER A 10 -1.25 4.01 -9.96
N ARG A 11 -0.33 3.12 -10.30
CA ARG A 11 0.51 2.46 -9.31
C ARG A 11 1.94 2.98 -9.37
N PHE A 12 2.61 2.99 -8.22
CA PHE A 12 3.99 3.46 -8.13
C PHE A 12 4.84 2.51 -7.31
N THR A 13 5.85 1.92 -7.95
CA THR A 13 6.74 0.98 -7.26
C THR A 13 6.95 1.38 -5.82
N TRP A 14 6.93 0.40 -4.93
CA TRP A 14 7.13 0.64 -3.50
C TRP A 14 8.46 0.09 -3.03
N ARG A 15 8.95 0.60 -1.89
CA ARG A 15 10.22 0.15 -1.33
C ARG A 15 9.99 -0.76 -0.14
N LYS A 16 10.90 -1.71 0.06
CA LYS A 16 10.80 -2.65 1.17
C LYS A 16 10.71 -1.91 2.50
N GLU A 17 11.37 -0.76 2.58
CA GLU A 17 11.37 0.04 3.80
C GLU A 17 9.99 0.67 4.04
N CYS A 18 9.42 1.23 2.98
CA CYS A 18 8.11 1.86 3.06
C CYS A 18 7.01 0.82 3.18
N LEU A 19 7.27 -0.37 2.66
CA LEU A 19 6.30 -1.46 2.71
C LEU A 19 6.21 -2.04 4.11
N ALA A 20 7.36 -2.21 4.76
CA ALA A 20 7.41 -2.76 6.11
C ALA A 20 6.65 -1.87 7.09
N VAL A 21 6.71 -0.55 6.86
CA VAL A 21 6.04 0.41 7.72
C VAL A 21 4.53 0.40 7.47
N MET A 22 4.15 0.34 6.20
CA MET A 22 2.75 0.33 5.81
C MET A 22 2.04 -0.89 6.37
N GLU A 23 2.75 -2.02 6.40
CA GLU A 23 2.19 -3.27 6.90
C GLU A 23 1.98 -3.19 8.42
N SER A 24 2.89 -2.51 9.10
CA SER A 24 2.82 -2.37 10.55
C SER A 24 1.55 -1.63 10.96
N TYR A 25 1.30 -0.50 10.30
CA TYR A 25 0.12 0.31 10.59
C TYR A 25 -1.16 -0.42 10.18
N PHE A 26 -1.06 -1.23 9.13
CA PHE A 26 -2.21 -1.99 8.65
C PHE A 26 -2.60 -3.08 9.64
N ASN A 27 -1.61 -3.60 10.35
CA ASN A 27 -1.84 -4.66 11.33
C ASN A 27 -2.60 -4.11 12.55
N GLU A 28 -2.31 -2.87 12.90
CA GLU A 28 -2.96 -2.23 14.05
C GLU A 28 -4.30 -1.62 13.64
N ASN A 29 -4.37 -1.14 12.41
CA ASN A 29 -5.60 -0.54 11.89
C ASN A 29 -5.69 -0.72 10.38
N GLN A 30 -6.87 -1.16 9.93
CA GLN A 30 -7.10 -1.38 8.50
C GLN A 30 -7.23 -0.06 7.76
N TYR A 31 -7.83 0.93 8.41
CA TYR A 31 -8.02 2.24 7.82
C TYR A 31 -7.41 3.34 8.69
N PRO A 32 -6.16 3.71 8.38
CA PRO A 32 -5.43 4.75 9.13
C PRO A 32 -6.02 6.14 8.90
N ASP A 33 -6.46 6.77 9.98
CA ASP A 33 -7.04 8.11 9.89
C ASP A 33 -6.12 9.04 9.11
N GLU A 34 -6.61 10.25 8.85
CA GLU A 34 -5.83 11.24 8.11
C GLU A 34 -4.50 11.52 8.81
N ALA A 35 -4.54 11.66 10.13
CA ALA A 35 -3.33 11.91 10.91
C ALA A 35 -2.41 10.70 10.91
N LYS A 36 -3.01 9.51 10.97
CA LYS A 36 -2.24 8.27 10.99
C LYS A 36 -1.51 8.07 9.66
N ARG A 37 -2.18 8.39 8.56
CA ARG A 37 -1.59 8.24 7.24
C ARG A 37 -0.35 9.11 7.10
N GLU A 38 -0.42 10.34 7.61
CA GLU A 38 0.69 11.27 7.54
C GLU A 38 1.85 10.79 8.42
N GLU A 39 1.52 10.20 9.56
CA GLU A 39 2.53 9.71 10.49
C GLU A 39 3.29 8.53 9.89
N ILE A 40 2.54 7.59 9.31
CA ILE A 40 3.14 6.40 8.70
C ILE A 40 3.85 6.77 7.40
N ALA A 41 3.25 7.67 6.63
CA ALA A 41 3.83 8.10 5.36
C ALA A 41 5.17 8.79 5.58
N ASN A 42 5.22 9.69 6.55
CA ASN A 42 6.44 10.42 6.86
C ASN A 42 7.56 9.46 7.23
N ALA A 43 7.22 8.40 7.96
CA ALA A 43 8.20 7.41 8.38
C ALA A 43 8.81 6.69 7.17
N CYS A 44 7.97 6.41 6.18
CA CYS A 44 8.43 5.73 4.97
C CYS A 44 9.47 6.56 4.23
N ASN A 45 9.25 7.87 4.20
CA ASN A 45 10.18 8.78 3.51
C ASN A 45 11.51 8.85 4.25
N ALA A 46 11.45 8.76 5.58
CA ALA A 46 12.66 8.81 6.41
C ALA A 46 13.50 7.55 6.23
N VAL A 47 12.85 6.39 6.30
CA VAL A 47 13.54 5.12 6.15
C VAL A 47 14.23 5.03 4.79
N ILE A 48 13.76 5.83 3.84
CA ILE A 48 14.34 5.86 2.50
C ILE A 48 15.18 7.11 2.28
N GLN A 49 14.87 8.15 3.04
CA GLN A 49 15.60 9.41 2.93
C GLN A 49 17.06 9.24 3.36
N LYS A 50 17.98 9.51 2.43
CA LYS A 50 19.40 9.38 2.71
C LYS A 50 20.06 10.74 2.81
N PRO A 51 21.16 10.83 3.59
CA PRO A 51 21.89 12.07 3.79
C PRO A 51 22.63 12.51 2.53
N GLY A 52 22.44 13.76 2.13
CA GLY A 52 23.11 14.27 0.94
C GLY A 52 22.43 13.82 -0.34
N LYS A 53 21.29 13.17 -0.20
CA LYS A 53 20.55 12.68 -1.36
C LYS A 53 19.13 13.24 -1.37
N LYS A 54 18.73 13.77 -2.53
CA LYS A 54 17.40 14.35 -2.69
C LYS A 54 16.37 13.26 -2.99
N LEU A 55 15.25 13.29 -2.26
CA LEU A 55 14.19 12.31 -2.44
C LEU A 55 13.45 12.56 -3.76
N SER A 56 13.02 11.47 -4.40
CA SER A 56 12.31 11.57 -5.67
C SER A 56 10.82 11.31 -5.46
N ASP A 57 10.00 11.97 -6.28
CA ASP A 57 8.55 11.82 -6.19
C ASP A 57 8.15 10.34 -6.32
N LEU A 58 9.01 9.55 -6.94
CA LEU A 58 8.75 8.13 -7.12
C LEU A 58 8.87 7.38 -5.80
N GLU A 59 9.87 7.74 -5.01
CA GLU A 59 10.09 7.10 -3.72
C GLU A 59 9.36 7.84 -2.60
N ARG A 60 8.87 9.04 -2.93
CA ARG A 60 8.15 9.85 -1.96
C ARG A 60 6.88 9.15 -1.49
N VAL A 61 6.71 9.06 -0.18
CA VAL A 61 5.53 8.40 0.40
C VAL A 61 4.67 9.40 1.16
N THR A 62 3.65 9.93 0.50
CA THR A 62 2.75 10.90 1.11
C THR A 62 1.56 10.20 1.76
N SER A 63 0.79 10.96 2.53
CA SER A 63 -0.38 10.41 3.22
C SER A 63 -1.35 9.80 2.22
N LEU A 64 -1.45 10.40 1.04
CA LEU A 64 -2.33 9.91 0.00
C LEU A 64 -1.84 8.58 -0.56
N LYS A 65 -0.54 8.50 -0.79
CA LYS A 65 0.07 7.28 -1.32
C LYS A 65 -0.22 6.09 -0.41
N VAL A 66 -0.20 6.33 0.89
CA VAL A 66 -0.45 5.27 1.88
C VAL A 66 -1.88 4.76 1.75
N TYR A 67 -2.82 5.67 1.58
CA TYR A 67 -4.23 5.30 1.45
C TYR A 67 -4.46 4.43 0.22
N ASN A 68 -3.71 4.71 -0.85
CA ASN A 68 -3.83 3.95 -2.08
C ASN A 68 -3.33 2.52 -1.90
N TRP A 69 -2.19 2.38 -1.22
CA TRP A 69 -1.61 1.07 -0.97
C TRP A 69 -2.47 0.26 0.00
N PHE A 70 -2.94 0.92 1.05
CA PHE A 70 -3.78 0.26 2.05
C PHE A 70 -5.06 -0.27 1.42
N ALA A 71 -5.68 0.54 0.57
CA ALA A 71 -6.91 0.14 -0.10
C ALA A 71 -6.70 -1.12 -0.92
N ASN A 72 -5.52 -1.25 -1.53
CA ASN A 72 -5.21 -2.41 -2.35
C ASN A 72 -5.20 -3.68 -1.50
N ARG A 73 -4.73 -3.56 -0.26
CA ARG A 73 -4.67 -4.70 0.64
C ARG A 73 -6.06 -5.07 1.15
N ARG A 74 -6.81 -4.06 1.61
CA ARG A 74 -8.15 -4.28 2.13
C ARG A 74 -9.03 -4.92 1.06
N LYS A 75 -8.92 -4.44 -0.17
CA LYS A 75 -9.71 -4.97 -1.28
C LYS A 75 -9.24 -6.37 -1.66
N GLU A 76 -7.94 -6.61 -1.52
CA GLU A 76 -7.37 -7.91 -1.85
C GLU A 76 -7.79 -8.97 -0.85
N ILE A 77 -7.94 -8.56 0.41
CA ILE A 77 -8.34 -9.48 1.47
C ILE A 77 -9.86 -9.70 1.46
N LYS A 78 -10.61 -8.62 1.25
CA LYS A 78 -12.05 -8.71 1.21
C LYS A 78 -12.53 -9.47 -0.02
N ARG A 79 -11.84 -9.25 -1.14
CA ARG A 79 -12.19 -9.92 -2.39
C ARG A 79 -12.03 -11.43 -2.26
N ARG A 80 -10.97 -11.85 -1.57
CA ARG A 80 -10.70 -13.27 -1.37
C ARG A 80 -11.66 -13.87 -0.35
N ALA A 81 -12.16 -13.03 0.56
CA ALA A 81 -13.09 -13.48 1.58
C ALA A 81 -14.49 -13.67 1.02
N ASN A 82 -14.77 -13.00 -0.10
CA ASN A 82 -16.07 -13.10 -0.75
C ASN A 82 -16.00 -13.98 -1.98
N ILE A 83 -15.16 -13.60 -2.94
CA ILE A 83 -14.99 -14.35 -4.17
C ILE A 83 -16.31 -14.44 -4.94
N ALA A 84 -16.95 -13.30 -5.13
CA ALA A 84 -18.22 -13.25 -5.85
C ALA A 84 -18.07 -13.84 -7.26
N ALA A 85 -16.84 -14.04 -7.68
CA ALA A 85 -16.56 -14.60 -9.00
C ALA A 85 -15.42 -15.61 -8.95
N ILE A 86 -15.33 -16.44 -9.98
CA ILE A 86 -14.29 -17.46 -10.06
C ILE A 86 -12.95 -16.90 -9.57
N LEU A 87 -12.79 -15.59 -9.69
CA LEU A 87 -11.55 -14.94 -9.28
C LEU A 87 -10.99 -15.60 -8.02
N GLU A 88 -9.68 -15.80 -8.01
CA GLU A 88 -9.01 -16.43 -6.87
C GLU A 88 -7.69 -15.72 -6.55
N SER A 89 -7.35 -15.66 -5.27
CA SER A 89 -6.13 -15.00 -4.83
C SER A 89 -5.44 -15.82 -3.74
N SER A 90 -4.13 -15.63 -3.60
CA SER A 90 -3.35 -16.33 -2.60
C SER A 90 -3.11 -15.47 -1.38
N GLY A 91 -3.26 -16.05 -0.19
CA GLY A 91 -3.04 -15.31 1.04
C GLY A 91 -1.85 -15.82 1.82
N PRO A 92 -1.12 -14.90 2.45
CA PRO A 92 0.06 -15.23 3.25
C PRO A 92 -0.29 -15.97 4.54
N SER A 93 0.12 -17.23 4.63
CA SER A 93 -0.17 -18.04 5.81
C SER A 93 0.70 -17.61 6.99
N SER A 94 0.05 -17.21 8.08
CA SER A 94 0.75 -16.77 9.27
C SER A 94 1.00 -17.93 10.22
N GLY A 95 -0.09 -18.51 10.73
CA GLY A 95 0.04 -19.62 11.65
C GLY A 95 -0.64 -20.88 11.12
N GLY A 1 -10.01 10.65 -12.52
CA GLY A 1 -10.35 10.81 -13.92
C GLY A 1 -9.43 10.03 -14.84
N SER A 2 -9.81 9.94 -16.11
CA SER A 2 -9.01 9.21 -17.09
C SER A 2 -8.09 10.16 -17.85
N SER A 3 -8.64 11.29 -18.28
CA SER A 3 -7.86 12.28 -19.02
C SER A 3 -7.20 13.27 -18.07
N GLY A 4 -6.08 13.84 -18.50
CA GLY A 4 -5.36 14.80 -17.68
C GLY A 4 -3.95 14.35 -17.36
N SER A 5 -3.84 13.35 -16.48
CA SER A 5 -2.54 12.84 -16.09
C SER A 5 -1.82 12.20 -17.27
N SER A 6 -0.49 12.10 -17.18
CA SER A 6 0.31 11.51 -18.24
C SER A 6 1.06 10.29 -17.74
N GLY A 7 1.22 9.29 -18.62
CA GLY A 7 1.92 8.08 -18.25
C GLY A 7 2.48 7.35 -19.44
N ARG A 8 3.81 7.24 -19.50
CA ARG A 8 4.47 6.55 -20.60
C ARG A 8 4.43 5.04 -20.42
N GLY A 9 4.89 4.58 -19.26
CA GLY A 9 4.89 3.15 -18.98
C GLY A 9 5.15 2.85 -17.52
N SER A 10 6.34 3.19 -17.05
CA SER A 10 6.72 2.95 -15.66
C SER A 10 5.73 3.61 -14.71
N ARG A 11 5.50 2.98 -13.56
CA ARG A 11 4.58 3.49 -12.56
C ARG A 11 5.28 3.70 -11.23
N PHE A 12 4.53 4.21 -10.25
CA PHE A 12 5.09 4.46 -8.92
C PHE A 12 5.26 3.16 -8.15
N THR A 13 6.50 2.71 -8.03
CA THR A 13 6.80 1.47 -7.31
C THR A 13 6.87 1.71 -5.80
N TRP A 14 6.89 0.63 -5.04
CA TRP A 14 6.95 0.71 -3.58
C TRP A 14 8.25 0.12 -3.06
N ARG A 15 8.86 0.80 -2.10
CA ARG A 15 10.12 0.35 -1.51
C ARG A 15 9.86 -0.59 -0.33
N LYS A 16 10.78 -1.52 -0.12
CA LYS A 16 10.65 -2.48 0.98
C LYS A 16 10.60 -1.77 2.32
N GLU A 17 11.25 -0.61 2.40
CA GLU A 17 11.27 0.18 3.63
C GLU A 17 9.89 0.78 3.91
N CYS A 18 9.28 1.35 2.88
CA CYS A 18 7.96 1.96 3.01
C CYS A 18 6.88 0.90 3.16
N LEU A 19 7.14 -0.28 2.60
CA LEU A 19 6.19 -1.38 2.66
C LEU A 19 6.14 -1.99 4.06
N ALA A 20 7.32 -2.15 4.67
CA ALA A 20 7.40 -2.72 6.01
C ALA A 20 6.68 -1.83 7.03
N VAL A 21 6.81 -0.53 6.86
CA VAL A 21 6.18 0.42 7.76
C VAL A 21 4.67 0.42 7.58
N MET A 22 4.22 0.32 6.33
CA MET A 22 2.79 0.31 6.02
C MET A 22 2.12 -0.91 6.63
N GLU A 23 2.75 -2.07 6.49
CA GLU A 23 2.21 -3.32 7.03
C GLU A 23 2.04 -3.23 8.54
N SER A 24 2.93 -2.46 9.19
CA SER A 24 2.87 -2.30 10.63
C SER A 24 1.63 -1.52 11.04
N TYR A 25 1.37 -0.41 10.36
CA TYR A 25 0.20 0.42 10.65
C TYR A 25 -1.08 -0.31 10.31
N PHE A 26 -1.04 -1.14 9.28
CA PHE A 26 -2.21 -1.91 8.85
C PHE A 26 -2.60 -2.94 9.90
N ASN A 27 -1.60 -3.53 10.53
CA ASN A 27 -1.83 -4.55 11.56
C ASN A 27 -2.57 -3.94 12.74
N GLU A 28 -2.23 -2.71 13.08
CA GLU A 28 -2.86 -2.01 14.21
C GLU A 28 -4.21 -1.42 13.79
N ASN A 29 -4.29 -0.98 12.54
CA ASN A 29 -5.52 -0.38 12.02
C ASN A 29 -5.59 -0.53 10.50
N GLN A 30 -6.69 -1.11 10.03
CA GLN A 30 -6.88 -1.31 8.59
C GLN A 30 -7.07 0.03 7.88
N TYR A 31 -7.82 0.93 8.50
CA TYR A 31 -8.08 2.24 7.93
C TYR A 31 -7.45 3.34 8.77
N PRO A 32 -6.22 3.73 8.41
CA PRO A 32 -5.48 4.78 9.13
C PRO A 32 -6.09 6.16 8.92
N ASP A 33 -6.48 6.80 10.01
CA ASP A 33 -7.08 8.13 9.94
C ASP A 33 -6.20 9.08 9.14
N GLU A 34 -6.69 10.29 8.93
CA GLU A 34 -5.96 11.30 8.17
C GLU A 34 -4.56 11.51 8.76
N ALA A 35 -4.52 11.77 10.07
CA ALA A 35 -3.25 12.01 10.75
C ALA A 35 -2.39 10.74 10.76
N LYS A 36 -3.05 9.59 10.89
CA LYS A 36 -2.36 8.31 10.91
C LYS A 36 -1.62 8.06 9.60
N ARG A 37 -2.27 8.40 8.49
CA ARG A 37 -1.68 8.21 7.17
C ARG A 37 -0.41 9.03 7.03
N GLU A 38 -0.43 10.26 7.56
CA GLU A 38 0.73 11.14 7.48
C GLU A 38 1.86 10.62 8.37
N GLU A 39 1.51 10.11 9.54
CA GLU A 39 2.49 9.58 10.47
C GLU A 39 3.25 8.40 9.85
N ILE A 40 2.50 7.48 9.26
CA ILE A 40 3.09 6.31 8.63
C ILE A 40 3.83 6.68 7.35
N ALA A 41 3.34 7.69 6.65
CA ALA A 41 3.94 8.15 5.42
C ALA A 41 5.30 8.80 5.69
N ASN A 42 5.36 9.63 6.72
CA ASN A 42 6.60 10.32 7.07
C ASN A 42 7.70 9.32 7.40
N ALA A 43 7.33 8.24 8.10
CA ALA A 43 8.29 7.22 8.48
C ALA A 43 8.88 6.53 7.24
N CYS A 44 8.04 6.34 6.22
CA CYS A 44 8.47 5.70 5.00
C CYS A 44 9.54 6.54 4.30
N ASN A 45 9.34 7.86 4.28
CA ASN A 45 10.28 8.77 3.64
C ASN A 45 11.59 8.81 4.40
N ALA A 46 11.52 8.67 5.73
CA ALA A 46 12.71 8.70 6.56
C ALA A 46 13.56 7.45 6.34
N VAL A 47 12.92 6.28 6.35
CA VAL A 47 13.62 5.03 6.15
C VAL A 47 14.34 5.01 4.81
N ILE A 48 13.75 5.66 3.82
CA ILE A 48 14.34 5.72 2.48
C ILE A 48 15.23 6.95 2.33
N GLN A 49 14.93 7.99 3.12
CA GLN A 49 15.71 9.22 3.07
C GLN A 49 17.17 8.97 3.43
N LYS A 50 18.07 9.36 2.54
CA LYS A 50 19.50 9.18 2.77
C LYS A 50 20.16 10.50 3.15
N PRO A 51 21.24 10.42 3.93
CA PRO A 51 21.99 11.59 4.39
C PRO A 51 22.74 12.28 3.24
N GLY A 52 22.55 13.58 3.12
CA GLY A 52 23.21 14.33 2.06
C GLY A 52 22.57 14.12 0.71
N LYS A 53 21.37 13.55 0.71
CA LYS A 53 20.65 13.31 -0.53
C LYS A 53 19.27 13.95 -0.51
N LYS A 54 18.73 14.23 -1.68
CA LYS A 54 17.41 14.86 -1.79
C LYS A 54 16.36 13.84 -2.24
N LEU A 55 15.23 13.81 -1.55
CA LEU A 55 14.15 12.89 -1.87
C LEU A 55 13.43 13.33 -3.14
N SER A 56 12.98 12.35 -3.93
CA SER A 56 12.29 12.63 -5.18
C SER A 56 10.79 12.38 -5.03
N ASP A 57 10.00 13.03 -5.87
CA ASP A 57 8.55 12.89 -5.83
C ASP A 57 8.15 11.43 -6.09
N LEU A 58 9.00 10.72 -6.82
CA LEU A 58 8.73 9.31 -7.13
C LEU A 58 8.85 8.44 -5.90
N GLU A 59 9.73 8.84 -4.98
CA GLU A 59 9.93 8.09 -3.74
C GLU A 59 9.23 8.78 -2.57
N ARG A 60 8.72 9.98 -2.81
CA ARG A 60 8.04 10.74 -1.77
C ARG A 60 6.69 10.10 -1.43
N VAL A 61 6.61 9.46 -0.28
CA VAL A 61 5.39 8.81 0.17
C VAL A 61 4.44 9.81 0.83
N THR A 62 3.39 10.19 0.12
CA THR A 62 2.42 11.14 0.65
C THR A 62 1.28 10.42 1.36
N SER A 63 0.46 11.18 2.08
CA SER A 63 -0.67 10.62 2.82
C SER A 63 -1.60 9.86 1.87
N LEU A 64 -1.83 10.43 0.69
CA LEU A 64 -2.71 9.81 -0.30
C LEU A 64 -2.12 8.49 -0.80
N LYS A 65 -0.81 8.49 -1.04
CA LYS A 65 -0.12 7.30 -1.51
C LYS A 65 -0.31 6.13 -0.55
N VAL A 66 -0.32 6.45 0.75
CA VAL A 66 -0.49 5.43 1.78
C VAL A 66 -1.87 4.81 1.71
N TYR A 67 -2.88 5.63 1.46
CA TYR A 67 -4.26 5.17 1.37
C TYR A 67 -4.44 4.25 0.16
N ASN A 68 -3.75 4.58 -0.93
CA ASN A 68 -3.83 3.78 -2.16
C ASN A 68 -3.32 2.36 -1.92
N TRP A 69 -2.20 2.25 -1.22
CA TRP A 69 -1.61 0.95 -0.93
C TRP A 69 -2.49 0.16 0.04
N PHE A 70 -2.98 0.84 1.08
CA PHE A 70 -3.83 0.20 2.07
C PHE A 70 -5.11 -0.34 1.43
N ALA A 71 -5.71 0.47 0.56
CA ALA A 71 -6.94 0.09 -0.12
C ALA A 71 -6.72 -1.14 -0.99
N ASN A 72 -5.53 -1.27 -1.55
CA ASN A 72 -5.19 -2.40 -2.41
C ASN A 72 -5.17 -3.69 -1.60
N ARG A 73 -4.70 -3.61 -0.35
CA ARG A 73 -4.62 -4.77 0.52
C ARG A 73 -6.00 -5.14 1.05
N ARG A 74 -6.74 -4.15 1.54
CA ARG A 74 -8.07 -4.37 2.09
C ARG A 74 -8.99 -4.98 1.02
N LYS A 75 -8.93 -4.42 -0.18
CA LYS A 75 -9.76 -4.90 -1.28
C LYS A 75 -9.28 -6.27 -1.77
N GLU A 76 -7.97 -6.49 -1.70
CA GLU A 76 -7.39 -7.76 -2.13
C GLU A 76 -7.82 -8.89 -1.19
N ILE A 77 -7.92 -8.58 0.09
CA ILE A 77 -8.31 -9.56 1.08
C ILE A 77 -9.82 -9.74 1.12
N LYS A 78 -10.55 -8.64 1.02
CA LYS A 78 -12.01 -8.69 1.04
C LYS A 78 -12.54 -9.34 -0.23
N ARG A 79 -11.87 -9.09 -1.35
CA ARG A 79 -12.29 -9.67 -2.63
C ARG A 79 -12.06 -11.17 -2.64
N ARG A 80 -10.92 -11.60 -2.10
CA ARG A 80 -10.58 -13.02 -2.07
C ARG A 80 -11.37 -13.74 -0.96
N ALA A 81 -11.77 -12.99 0.06
CA ALA A 81 -12.53 -13.55 1.16
C ALA A 81 -14.02 -13.55 0.85
N ASN A 82 -14.41 -12.81 -0.18
CA ASN A 82 -15.82 -12.73 -0.57
C ASN A 82 -16.01 -13.28 -1.98
N ILE A 83 -14.96 -13.87 -2.53
CA ILE A 83 -15.01 -14.45 -3.88
C ILE A 83 -16.02 -13.71 -4.75
N ALA A 84 -15.92 -12.38 -4.75
CA ALA A 84 -16.82 -11.56 -5.55
C ALA A 84 -16.11 -11.00 -6.78
N ALA A 85 -15.98 -11.82 -7.82
CA ALA A 85 -15.33 -11.40 -9.04
C ALA A 85 -16.21 -10.45 -9.85
N ILE A 86 -15.69 -9.26 -10.13
CA ILE A 86 -16.43 -8.27 -10.90
C ILE A 86 -16.13 -8.38 -12.39
N LEU A 87 -15.97 -9.61 -12.87
CA LEU A 87 -15.68 -9.84 -14.28
C LEU A 87 -16.96 -9.84 -15.10
N GLU A 88 -17.16 -8.76 -15.86
CA GLU A 88 -18.34 -8.63 -16.70
C GLU A 88 -17.95 -8.46 -18.16
N SER A 89 -18.95 -8.48 -19.04
CA SER A 89 -18.71 -8.34 -20.48
C SER A 89 -18.63 -6.86 -20.87
N SER A 90 -17.76 -6.56 -21.83
CA SER A 90 -17.59 -5.19 -22.30
C SER A 90 -17.90 -5.07 -23.79
N GLY A 91 -18.46 -3.93 -24.18
CA GLY A 91 -18.80 -3.72 -25.58
C GLY A 91 -17.58 -3.44 -26.43
N PRO A 92 -17.59 -3.95 -27.68
CA PRO A 92 -16.49 -3.76 -28.62
C PRO A 92 -16.37 -2.33 -29.10
N SER A 93 -15.15 -1.79 -29.09
CA SER A 93 -14.90 -0.42 -29.52
C SER A 93 -13.97 -0.40 -30.72
N SER A 94 -14.40 0.27 -31.78
CA SER A 94 -13.60 0.37 -33.00
C SER A 94 -12.20 0.88 -32.69
N GLY A 95 -11.19 0.12 -33.12
CA GLY A 95 -9.82 0.52 -32.87
C GLY A 95 -9.28 -0.04 -31.57
N GLY A 1 -8.12 -10.48 -21.15
CA GLY A 1 -8.52 -9.73 -19.98
C GLY A 1 -7.39 -9.54 -18.98
N SER A 2 -7.01 -8.28 -18.76
CA SER A 2 -5.92 -7.97 -17.84
C SER A 2 -6.37 -6.95 -16.80
N SER A 3 -5.60 -6.81 -15.73
CA SER A 3 -5.91 -5.87 -14.67
C SER A 3 -7.42 -5.76 -14.46
N GLY A 4 -8.10 -6.91 -14.51
CA GLY A 4 -9.54 -6.92 -14.34
C GLY A 4 -9.95 -7.60 -13.05
N SER A 5 -10.32 -8.88 -13.15
CA SER A 5 -10.74 -9.65 -11.97
C SER A 5 -9.89 -9.31 -10.76
N SER A 6 -8.59 -9.58 -10.87
CA SER A 6 -7.67 -9.31 -9.78
C SER A 6 -7.79 -7.87 -9.30
N GLY A 7 -7.78 -6.93 -10.24
CA GLY A 7 -7.89 -5.52 -9.90
C GLY A 7 -6.59 -4.94 -9.39
N ARG A 8 -5.86 -4.26 -10.26
CA ARG A 8 -4.59 -3.66 -9.88
C ARG A 8 -4.38 -2.33 -10.62
N GLY A 9 -3.92 -1.32 -9.88
CA GLY A 9 -3.70 -0.01 -10.46
C GLY A 9 -2.52 0.70 -9.83
N SER A 10 -1.37 0.04 -9.79
CA SER A 10 -0.17 0.63 -9.20
C SER A 10 0.33 1.79 -10.03
N ARG A 11 0.66 2.90 -9.36
CA ARG A 11 1.15 4.09 -10.04
C ARG A 11 2.64 4.29 -9.78
N PHE A 12 3.04 4.17 -8.51
CA PHE A 12 4.43 4.34 -8.13
C PHE A 12 4.94 3.11 -7.38
N THR A 13 6.11 2.62 -7.79
CA THR A 13 6.70 1.45 -7.17
C THR A 13 6.93 1.68 -5.68
N TRP A 14 6.68 0.64 -4.88
CA TRP A 14 6.86 0.73 -3.43
C TRP A 14 8.20 0.14 -3.02
N ARG A 15 8.77 0.67 -1.93
CA ARG A 15 10.05 0.19 -1.43
C ARG A 15 9.85 -0.72 -0.23
N LYS A 16 10.78 -1.64 -0.04
CA LYS A 16 10.71 -2.60 1.08
C LYS A 16 10.64 -1.86 2.41
N GLU A 17 11.31 -0.71 2.48
CA GLU A 17 11.33 0.10 3.69
C GLU A 17 9.96 0.72 3.96
N CYS A 18 9.36 1.28 2.91
CA CYS A 18 8.05 1.92 3.02
C CYS A 18 6.95 0.87 3.17
N LEU A 19 7.22 -0.32 2.64
CA LEU A 19 6.24 -1.41 2.71
C LEU A 19 6.20 -2.01 4.11
N ALA A 20 7.37 -2.17 4.72
CA ALA A 20 7.47 -2.73 6.06
C ALA A 20 6.70 -1.87 7.06
N VAL A 21 6.86 -0.56 6.96
CA VAL A 21 6.19 0.37 7.86
C VAL A 21 4.68 0.36 7.64
N MET A 22 4.27 0.22 6.38
CA MET A 22 2.85 0.18 6.04
C MET A 22 2.18 -1.05 6.64
N GLU A 23 2.85 -2.19 6.54
CA GLU A 23 2.31 -3.43 7.07
C GLU A 23 2.12 -3.34 8.58
N SER A 24 2.98 -2.59 9.24
CA SER A 24 2.91 -2.42 10.70
C SER A 24 1.65 -1.65 11.08
N TYR A 25 1.41 -0.54 10.40
CA TYR A 25 0.24 0.29 10.67
C TYR A 25 -1.05 -0.45 10.31
N PHE A 26 -0.98 -1.26 9.26
CA PHE A 26 -2.14 -2.02 8.81
C PHE A 26 -2.56 -3.06 9.86
N ASN A 27 -1.57 -3.58 10.58
CA ASN A 27 -1.82 -4.58 11.61
C ASN A 27 -2.60 -3.97 12.78
N GLU A 28 -2.28 -2.71 13.09
CA GLU A 28 -2.93 -2.01 14.19
C GLU A 28 -4.26 -1.40 13.74
N ASN A 29 -4.30 -0.97 12.48
CA ASN A 29 -5.50 -0.37 11.92
C ASN A 29 -5.55 -0.55 10.41
N GLN A 30 -6.67 -1.07 9.92
CA GLN A 30 -6.85 -1.30 8.49
C GLN A 30 -7.00 0.02 7.74
N TYR A 31 -7.74 0.95 8.32
CA TYR A 31 -7.97 2.25 7.71
C TYR A 31 -7.37 3.37 8.57
N PRO A 32 -6.12 3.75 8.28
CA PRO A 32 -5.42 4.81 9.00
C PRO A 32 -6.01 6.19 8.74
N ASP A 33 -6.49 6.83 9.80
CA ASP A 33 -7.08 8.17 9.68
C ASP A 33 -6.12 9.12 8.96
N GLU A 34 -6.59 10.33 8.71
CA GLU A 34 -5.78 11.34 8.03
C GLU A 34 -4.47 11.58 8.77
N ALA A 35 -4.55 11.66 10.10
CA ALA A 35 -3.37 11.87 10.92
C ALA A 35 -2.46 10.64 10.92
N LYS A 36 -3.08 9.46 10.95
CA LYS A 36 -2.33 8.21 10.96
C LYS A 36 -1.56 8.04 9.65
N ARG A 37 -2.19 8.38 8.54
CA ARG A 37 -1.55 8.27 7.23
C ARG A 37 -0.31 9.15 7.15
N GLU A 38 -0.40 10.35 7.74
CA GLU A 38 0.73 11.27 7.73
C GLU A 38 1.87 10.77 8.60
N GLU A 39 1.52 10.11 9.70
CA GLU A 39 2.52 9.58 10.61
C GLU A 39 3.27 8.41 9.98
N ILE A 40 2.53 7.50 9.37
CA ILE A 40 3.13 6.33 8.71
C ILE A 40 3.85 6.73 7.43
N ALA A 41 3.23 7.62 6.67
CA ALA A 41 3.81 8.10 5.42
C ALA A 41 5.15 8.78 5.66
N ASN A 42 5.18 9.67 6.65
CA ASN A 42 6.40 10.40 6.99
C ASN A 42 7.53 9.43 7.33
N ALA A 43 7.19 8.35 8.01
CA ALA A 43 8.18 7.35 8.39
C ALA A 43 8.78 6.66 7.16
N CYS A 44 7.94 6.43 6.16
CA CYS A 44 8.38 5.78 4.93
C CYS A 44 9.41 6.64 4.20
N ASN A 45 9.18 7.95 4.18
CA ASN A 45 10.08 8.88 3.51
C ASN A 45 11.41 8.96 4.25
N ALA A 46 11.36 8.82 5.57
CA ALA A 46 12.56 8.87 6.39
C ALA A 46 13.43 7.64 6.18
N VAL A 47 12.80 6.46 6.22
CA VAL A 47 13.52 5.20 6.03
C VAL A 47 14.22 5.17 4.68
N ILE A 48 13.68 5.91 3.72
CA ILE A 48 14.25 5.96 2.38
C ILE A 48 15.10 7.21 2.20
N GLN A 49 14.76 8.28 2.93
CA GLN A 49 15.49 9.52 2.85
C GLN A 49 16.94 9.34 3.29
N LYS A 50 17.84 10.13 2.70
CA LYS A 50 19.26 10.06 3.04
C LYS A 50 19.85 11.45 3.18
N PRO A 51 20.93 11.56 3.99
CA PRO A 51 21.61 12.82 4.24
C PRO A 51 22.37 13.32 3.01
N GLY A 52 22.12 14.56 2.62
CA GLY A 52 22.80 15.13 1.47
C GLY A 52 22.26 14.59 0.16
N LYS A 53 21.09 13.95 0.23
CA LYS A 53 20.47 13.38 -0.97
C LYS A 53 19.06 13.95 -1.16
N LYS A 54 18.60 13.97 -2.40
CA LYS A 54 17.27 14.48 -2.73
C LYS A 54 16.30 13.34 -3.00
N LEU A 55 15.16 13.38 -2.34
CA LEU A 55 14.14 12.35 -2.51
C LEU A 55 13.34 12.58 -3.79
N SER A 56 13.06 11.49 -4.51
CA SER A 56 12.32 11.58 -5.76
C SER A 56 10.84 11.26 -5.53
N ASP A 57 9.98 11.89 -6.31
CA ASP A 57 8.54 11.69 -6.20
C ASP A 57 8.18 10.21 -6.40
N LEU A 58 9.06 9.49 -7.09
CA LEU A 58 8.84 8.07 -7.36
C LEU A 58 9.09 7.24 -6.10
N GLU A 59 9.95 7.75 -5.23
CA GLU A 59 10.27 7.05 -3.99
C GLU A 59 9.56 7.71 -2.80
N ARG A 60 9.11 8.94 -3.00
CA ARG A 60 8.43 9.68 -1.94
C ARG A 60 7.12 8.98 -1.55
N VAL A 61 6.74 9.15 -0.29
CA VAL A 61 5.51 8.53 0.22
C VAL A 61 4.64 9.56 0.94
N THR A 62 3.55 9.96 0.29
CA THR A 62 2.64 10.93 0.87
C THR A 62 1.45 10.26 1.55
N SER A 63 0.55 11.05 2.11
CA SER A 63 -0.62 10.51 2.79
C SER A 63 -1.54 9.79 1.81
N LEU A 64 -1.70 10.38 0.62
CA LEU A 64 -2.55 9.79 -0.41
C LEU A 64 -1.96 8.47 -0.91
N LYS A 65 -0.64 8.45 -1.11
CA LYS A 65 0.05 7.25 -1.58
C LYS A 65 -0.19 6.08 -0.65
N VAL A 66 -0.16 6.36 0.66
CA VAL A 66 -0.38 5.32 1.66
C VAL A 66 -1.78 4.74 1.56
N TYR A 67 -2.76 5.62 1.38
CA TYR A 67 -4.15 5.19 1.27
C TYR A 67 -4.35 4.29 0.06
N ASN A 68 -3.64 4.60 -1.02
CA ASN A 68 -3.74 3.81 -2.25
C ASN A 68 -3.23 2.38 -2.02
N TRP A 69 -2.12 2.26 -1.30
CA TRP A 69 -1.54 0.96 -1.03
C TRP A 69 -2.41 0.17 -0.05
N PHE A 70 -2.94 0.85 0.96
CA PHE A 70 -3.79 0.22 1.95
C PHE A 70 -5.10 -0.27 1.32
N ALA A 71 -5.71 0.59 0.51
CA ALA A 71 -6.95 0.24 -0.15
C ALA A 71 -6.79 -1.00 -1.04
N ASN A 72 -5.59 -1.18 -1.57
CA ASN A 72 -5.29 -2.32 -2.44
C ASN A 72 -5.29 -3.61 -1.63
N ARG A 73 -4.75 -3.55 -0.42
CA ARG A 73 -4.69 -4.72 0.45
C ARG A 73 -6.05 -5.05 1.02
N ARG A 74 -6.76 -4.03 1.48
CA ARG A 74 -8.09 -4.22 2.05
C ARG A 74 -9.04 -4.84 1.03
N LYS A 75 -8.98 -4.35 -0.20
CA LYS A 75 -9.84 -4.87 -1.27
C LYS A 75 -9.40 -6.28 -1.67
N GLU A 76 -8.11 -6.54 -1.60
CA GLU A 76 -7.58 -7.86 -1.96
C GLU A 76 -8.02 -8.91 -0.96
N ILE A 77 -8.07 -8.53 0.31
CA ILE A 77 -8.48 -9.45 1.37
C ILE A 77 -10.00 -9.60 1.42
N LYS A 78 -10.70 -8.47 1.25
CA LYS A 78 -12.15 -8.46 1.28
C LYS A 78 -12.72 -9.17 0.06
N ARG A 79 -12.06 -9.00 -1.08
CA ARG A 79 -12.50 -9.61 -2.33
C ARG A 79 -12.34 -11.12 -2.26
N ARG A 80 -11.27 -11.58 -1.62
CA ARG A 80 -11.01 -13.01 -1.49
C ARG A 80 -11.98 -13.66 -0.51
N ALA A 81 -12.46 -12.87 0.45
CA ALA A 81 -13.41 -13.36 1.45
C ALA A 81 -14.81 -13.50 0.86
N ASN A 82 -15.07 -12.75 -0.21
CA ASN A 82 -16.37 -12.77 -0.87
C ASN A 82 -16.54 -14.07 -1.67
N ILE A 83 -15.43 -14.62 -2.12
CA ILE A 83 -15.46 -15.86 -2.90
C ILE A 83 -15.48 -17.09 -1.98
N ALA A 84 -16.40 -17.09 -1.03
CA ALA A 84 -16.53 -18.20 -0.10
C ALA A 84 -17.53 -19.23 -0.60
N ALA A 85 -17.11 -20.03 -1.58
CA ALA A 85 -17.97 -21.06 -2.16
C ALA A 85 -17.36 -22.45 -1.99
N ILE A 86 -18.21 -23.44 -1.81
CA ILE A 86 -17.75 -24.82 -1.65
C ILE A 86 -16.64 -25.15 -2.64
N LEU A 87 -16.67 -24.48 -3.79
CA LEU A 87 -15.67 -24.70 -4.83
C LEU A 87 -14.26 -24.76 -4.22
N GLU A 88 -13.96 -23.81 -3.34
CA GLU A 88 -12.66 -23.77 -2.70
C GLU A 88 -12.78 -24.02 -1.19
N SER A 89 -12.66 -25.29 -0.80
CA SER A 89 -12.76 -25.67 0.61
C SER A 89 -11.76 -24.89 1.45
N SER A 90 -12.27 -23.98 2.28
CA SER A 90 -11.42 -23.17 3.14
C SER A 90 -11.97 -23.13 4.56
N GLY A 91 -11.21 -22.53 5.47
CA GLY A 91 -11.63 -22.43 6.86
C GLY A 91 -11.45 -21.04 7.42
N PRO A 92 -12.38 -20.64 8.31
CA PRO A 92 -12.35 -19.32 8.93
C PRO A 92 -11.20 -19.18 9.94
N SER A 93 -10.59 -20.31 10.29
CA SER A 93 -9.48 -20.32 11.24
C SER A 93 -8.26 -19.63 10.64
N SER A 94 -7.71 -20.23 9.59
CA SER A 94 -6.53 -19.67 8.94
C SER A 94 -6.92 -18.69 7.84
N GLY A 95 -5.97 -17.85 7.43
CA GLY A 95 -6.24 -16.87 6.39
C GLY A 95 -7.26 -15.84 6.82
N GLY A 1 -18.35 -1.54 -1.20
CA GLY A 1 -18.02 -0.33 -0.48
C GLY A 1 -17.45 0.74 -1.40
N SER A 2 -16.35 1.36 -0.98
CA SER A 2 -15.72 2.42 -1.76
C SER A 2 -14.71 1.83 -2.75
N SER A 3 -15.08 1.83 -4.02
CA SER A 3 -14.21 1.30 -5.07
C SER A 3 -14.12 2.25 -6.25
N GLY A 4 -12.94 2.81 -6.46
CA GLY A 4 -12.74 3.75 -7.56
C GLY A 4 -11.44 4.50 -7.46
N SER A 5 -10.52 4.21 -8.38
CA SER A 5 -9.22 4.87 -8.39
C SER A 5 -9.32 6.29 -8.94
N SER A 6 -8.79 7.25 -8.18
CA SER A 6 -8.82 8.64 -8.59
C SER A 6 -7.43 9.13 -9.01
N GLY A 7 -7.27 9.39 -10.30
CA GLY A 7 -5.99 9.85 -10.80
C GLY A 7 -4.82 9.05 -10.26
N ARG A 8 -4.66 7.83 -10.77
CA ARG A 8 -3.58 6.95 -10.34
C ARG A 8 -2.30 7.74 -10.10
N GLY A 9 -1.91 8.54 -11.10
CA GLY A 9 -0.70 9.33 -10.99
C GLY A 9 0.43 8.80 -11.85
N SER A 10 1.55 9.51 -11.85
CA SER A 10 2.70 9.11 -12.64
C SER A 10 3.32 7.83 -12.08
N ARG A 11 4.33 7.32 -12.79
CA ARG A 11 5.00 6.10 -12.36
C ARG A 11 5.42 6.19 -10.90
N PHE A 12 5.34 5.06 -10.20
CA PHE A 12 5.71 5.01 -8.79
C PHE A 12 6.19 3.62 -8.39
N THR A 13 6.87 3.53 -7.26
CA THR A 13 7.40 2.26 -6.77
C THR A 13 7.33 2.18 -5.25
N TRP A 14 7.03 1.00 -4.73
CA TRP A 14 6.94 0.80 -3.29
C TRP A 14 8.18 0.08 -2.76
N ARG A 15 9.02 0.82 -2.06
CA ARG A 15 10.25 0.26 -1.50
C ARG A 15 9.94 -0.63 -0.30
N LYS A 16 10.79 -1.63 -0.07
CA LYS A 16 10.62 -2.55 1.05
C LYS A 16 10.52 -1.80 2.36
N GLU A 17 11.21 -0.65 2.45
CA GLU A 17 11.20 0.16 3.66
C GLU A 17 9.81 0.74 3.91
N CYS A 18 9.20 1.27 2.86
CA CYS A 18 7.87 1.87 2.97
C CYS A 18 6.80 0.80 3.12
N LEU A 19 7.09 -0.40 2.60
CA LEU A 19 6.15 -1.51 2.68
C LEU A 19 6.14 -2.11 4.08
N ALA A 20 7.31 -2.22 4.69
CA ALA A 20 7.44 -2.76 6.03
C ALA A 20 6.70 -1.90 7.04
N VAL A 21 6.77 -0.58 6.85
CA VAL A 21 6.12 0.35 7.76
C VAL A 21 4.61 0.34 7.56
N MET A 22 4.17 0.25 6.31
CA MET A 22 2.76 0.22 5.99
C MET A 22 2.09 -1.03 6.57
N GLU A 23 2.82 -2.13 6.58
CA GLU A 23 2.30 -3.38 7.13
C GLU A 23 2.08 -3.29 8.63
N SER A 24 2.93 -2.50 9.29
CA SER A 24 2.84 -2.32 10.73
C SER A 24 1.57 -1.55 11.11
N TYR A 25 1.34 -0.44 10.42
CA TYR A 25 0.16 0.39 10.68
C TYR A 25 -1.12 -0.36 10.32
N PHE A 26 -1.04 -1.18 9.28
CA PHE A 26 -2.19 -1.94 8.82
C PHE A 26 -2.61 -2.97 9.86
N ASN A 27 -1.62 -3.53 10.56
CA ASN A 27 -1.88 -4.54 11.59
C ASN A 27 -2.66 -3.93 12.76
N GLU A 28 -2.35 -2.69 13.08
CA GLU A 28 -3.01 -1.99 14.17
C GLU A 28 -4.34 -1.40 13.72
N ASN A 29 -4.39 -0.97 12.46
CA ASN A 29 -5.60 -0.38 11.90
C ASN A 29 -5.64 -0.56 10.38
N GLN A 30 -6.69 -1.20 9.88
CA GLN A 30 -6.85 -1.44 8.46
C GLN A 30 -7.05 -0.12 7.71
N TYR A 31 -7.78 0.80 8.34
CA TYR A 31 -8.05 2.10 7.73
C TYR A 31 -7.48 3.24 8.58
N PRO A 32 -6.22 3.62 8.29
CA PRO A 32 -5.55 4.69 9.02
C PRO A 32 -6.15 6.06 8.73
N ASP A 33 -6.53 6.77 9.79
CA ASP A 33 -7.12 8.09 9.65
C ASP A 33 -6.20 9.01 8.85
N GLU A 34 -6.62 10.26 8.67
CA GLU A 34 -5.85 11.24 7.92
C GLU A 34 -4.49 11.48 8.59
N ALA A 35 -4.52 11.70 9.91
CA ALA A 35 -3.30 11.94 10.66
C ALA A 35 -2.43 10.69 10.71
N LYS A 36 -3.06 9.54 10.83
CA LYS A 36 -2.35 8.26 10.88
C LYS A 36 -1.60 8.01 9.59
N ARG A 37 -2.23 8.32 8.46
CA ARG A 37 -1.62 8.13 7.16
C ARG A 37 -0.35 8.97 7.01
N GLU A 38 -0.43 10.23 7.46
CA GLU A 38 0.70 11.14 7.39
C GLU A 38 1.84 10.66 8.29
N GLU A 39 1.48 10.09 9.43
CA GLU A 39 2.47 9.61 10.39
C GLU A 39 3.23 8.41 9.82
N ILE A 40 2.49 7.47 9.26
CA ILE A 40 3.10 6.28 8.68
C ILE A 40 3.84 6.61 7.38
N ALA A 41 3.34 7.62 6.67
CA ALA A 41 3.96 8.04 5.42
C ALA A 41 5.30 8.73 5.66
N ASN A 42 5.32 9.62 6.65
CA ASN A 42 6.53 10.35 7.00
C ASN A 42 7.68 9.40 7.33
N ALA A 43 7.35 8.34 8.07
CA ALA A 43 8.35 7.35 8.45
C ALA A 43 8.92 6.63 7.23
N CYS A 44 8.05 6.40 6.24
CA CYS A 44 8.48 5.72 5.02
C CYS A 44 9.50 6.55 4.25
N ASN A 45 9.29 7.86 4.22
CA ASN A 45 10.19 8.77 3.52
C ASN A 45 11.54 8.84 4.23
N ALA A 46 11.51 8.72 5.55
CA ALA A 46 12.73 8.77 6.35
C ALA A 46 13.57 7.52 6.14
N VAL A 47 12.93 6.36 6.22
CA VAL A 47 13.63 5.08 6.04
C VAL A 47 14.31 5.03 4.67
N ILE A 48 13.70 5.67 3.68
CA ILE A 48 14.25 5.68 2.33
C ILE A 48 15.20 6.86 2.14
N GLN A 49 14.87 7.99 2.77
CA GLN A 49 15.69 9.19 2.67
C GLN A 49 17.16 8.86 2.92
N LYS A 50 18.00 9.09 1.92
CA LYS A 50 19.43 8.83 2.04
C LYS A 50 20.19 10.10 2.38
N PRO A 51 21.31 9.95 3.11
CA PRO A 51 22.16 11.07 3.52
C PRO A 51 22.89 11.70 2.33
N GLY A 52 22.77 13.03 2.22
CA GLY A 52 23.43 13.74 1.13
C GLY A 52 22.72 13.55 -0.19
N LYS A 53 21.46 13.12 -0.13
CA LYS A 53 20.67 12.90 -1.33
C LYS A 53 19.36 13.68 -1.26
N LYS A 54 18.73 13.89 -2.42
CA LYS A 54 17.46 14.61 -2.49
C LYS A 54 16.32 13.66 -2.86
N LEU A 55 15.27 13.66 -2.05
CA LEU A 55 14.12 12.81 -2.29
C LEU A 55 13.31 13.32 -3.48
N SER A 56 12.80 12.39 -4.29
CA SER A 56 12.02 12.74 -5.47
C SER A 56 10.57 12.31 -5.28
N ASP A 57 9.67 12.98 -6.01
CA ASP A 57 8.24 12.66 -5.93
C ASP A 57 8.00 11.19 -6.24
N LEU A 58 8.91 10.60 -6.99
CA LEU A 58 8.78 9.19 -7.36
C LEU A 58 8.99 8.28 -6.15
N GLU A 59 9.78 8.77 -5.20
CA GLU A 59 10.07 8.01 -3.98
C GLU A 59 9.34 8.61 -2.78
N ARG A 60 8.88 9.85 -2.93
CA ARG A 60 8.17 10.53 -1.85
C ARG A 60 6.84 9.85 -1.57
N VAL A 61 6.61 9.52 -0.30
CA VAL A 61 5.37 8.86 0.11
C VAL A 61 4.44 9.84 0.83
N THR A 62 3.39 10.26 0.12
CA THR A 62 2.43 11.20 0.69
C THR A 62 1.31 10.47 1.41
N SER A 63 0.46 11.22 2.10
CA SER A 63 -0.66 10.64 2.83
C SER A 63 -1.60 9.90 1.90
N LEU A 64 -1.77 10.43 0.69
CA LEU A 64 -2.64 9.82 -0.30
C LEU A 64 -2.07 8.50 -0.80
N LYS A 65 -0.75 8.48 -1.03
CA LYS A 65 -0.08 7.27 -1.50
C LYS A 65 -0.28 6.12 -0.52
N VAL A 66 -0.27 6.43 0.77
CA VAL A 66 -0.46 5.41 1.80
C VAL A 66 -1.86 4.81 1.73
N TYR A 67 -2.86 5.66 1.51
CA TYR A 67 -4.24 5.21 1.42
C TYR A 67 -4.44 4.29 0.23
N ASN A 68 -3.73 4.58 -0.86
CA ASN A 68 -3.83 3.78 -2.07
C ASN A 68 -3.33 2.37 -1.84
N TRP A 69 -2.21 2.24 -1.13
CA TRP A 69 -1.64 0.94 -0.83
C TRP A 69 -2.50 0.18 0.17
N PHE A 70 -3.01 0.90 1.17
CA PHE A 70 -3.85 0.29 2.19
C PHE A 70 -5.17 -0.19 1.60
N ALA A 71 -5.83 0.69 0.84
CA ALA A 71 -7.09 0.36 0.21
C ALA A 71 -6.94 -0.79 -0.78
N ASN A 72 -5.76 -0.90 -1.37
CA ASN A 72 -5.47 -1.95 -2.33
C ASN A 72 -5.28 -3.30 -1.63
N ARG A 73 -4.68 -3.25 -0.44
CA ARG A 73 -4.44 -4.46 0.33
C ARG A 73 -5.73 -4.99 0.94
N ARG A 74 -6.60 -4.08 1.37
CA ARG A 74 -7.87 -4.45 1.98
C ARG A 74 -8.77 -5.14 0.96
N LYS A 75 -8.81 -4.61 -0.25
CA LYS A 75 -9.63 -5.17 -1.32
C LYS A 75 -9.06 -6.50 -1.81
N GLU A 76 -7.74 -6.61 -1.77
CA GLU A 76 -7.07 -7.84 -2.20
C GLU A 76 -7.38 -9.00 -1.26
N ILE A 77 -7.24 -8.75 0.04
CA ILE A 77 -7.49 -9.76 1.05
C ILE A 77 -8.97 -10.18 1.04
N LYS A 78 -9.85 -9.22 0.82
CA LYS A 78 -11.28 -9.48 0.77
C LYS A 78 -11.63 -10.35 -0.43
N ARG A 79 -10.92 -10.16 -1.52
CA ARG A 79 -11.16 -10.93 -2.75
C ARG A 79 -10.78 -12.40 -2.55
N ARG A 80 -9.73 -12.63 -1.76
CA ARG A 80 -9.26 -13.98 -1.49
C ARG A 80 -10.14 -14.66 -0.45
N ALA A 81 -10.94 -13.87 0.26
CA ALA A 81 -11.83 -14.40 1.29
C ALA A 81 -13.20 -14.73 0.70
N ASN A 82 -13.44 -14.29 -0.53
CA ASN A 82 -14.70 -14.54 -1.20
C ASN A 82 -15.04 -16.03 -1.19
N ILE A 83 -14.01 -16.87 -1.10
CA ILE A 83 -14.20 -18.31 -1.07
C ILE A 83 -14.47 -18.81 0.35
N ALA A 84 -15.41 -18.16 1.02
CA ALA A 84 -15.76 -18.53 2.39
C ALA A 84 -14.52 -18.95 3.18
N ALA A 85 -13.43 -18.21 2.99
CA ALA A 85 -12.19 -18.51 3.69
C ALA A 85 -12.32 -18.23 5.18
N ILE A 86 -11.97 -19.22 5.99
CA ILE A 86 -12.05 -19.09 7.44
C ILE A 86 -10.81 -18.42 8.00
N LEU A 87 -10.17 -17.59 7.18
CA LEU A 87 -8.96 -16.88 7.59
C LEU A 87 -9.20 -15.38 7.67
N GLU A 88 -10.38 -14.99 8.14
CA GLU A 88 -10.73 -13.59 8.25
C GLU A 88 -11.96 -13.40 9.15
N SER A 89 -12.00 -12.29 9.87
CA SER A 89 -13.11 -11.99 10.76
C SER A 89 -13.84 -10.72 10.33
N SER A 90 -14.79 -10.88 9.41
CA SER A 90 -15.56 -9.75 8.92
C SER A 90 -16.78 -10.22 8.13
N GLY A 91 -17.83 -9.42 8.13
CA GLY A 91 -19.05 -9.77 7.42
C GLY A 91 -19.39 -8.78 6.33
N PRO A 92 -18.83 -9.00 5.13
CA PRO A 92 -19.07 -8.12 3.98
C PRO A 92 -20.50 -8.23 3.45
N SER A 93 -20.83 -7.36 2.50
CA SER A 93 -22.17 -7.36 1.91
C SER A 93 -22.36 -8.56 0.98
N SER A 94 -23.56 -8.67 0.42
CA SER A 94 -23.87 -9.77 -0.49
C SER A 94 -24.27 -9.24 -1.88
N GLY A 95 -24.07 -10.07 -2.89
CA GLY A 95 -24.41 -9.67 -4.24
C GLY A 95 -23.70 -10.50 -5.29
N GLY A 1 -15.20 -2.37 -13.90
CA GLY A 1 -15.58 -3.21 -15.01
C GLY A 1 -14.77 -2.95 -16.26
N SER A 2 -13.82 -3.82 -16.54
CA SER A 2 -12.97 -3.67 -17.72
C SER A 2 -12.09 -4.91 -17.92
N SER A 3 -12.15 -5.47 -19.12
CA SER A 3 -11.37 -6.67 -19.44
C SER A 3 -9.98 -6.59 -18.80
N GLY A 4 -9.80 -7.32 -17.71
CA GLY A 4 -8.53 -7.32 -17.02
C GLY A 4 -8.67 -7.45 -15.52
N SER A 5 -9.60 -8.30 -15.08
CA SER A 5 -9.84 -8.49 -13.66
C SER A 5 -8.52 -8.60 -12.89
N SER A 6 -7.65 -9.48 -13.36
CA SER A 6 -6.35 -9.68 -12.72
C SER A 6 -5.46 -8.47 -12.91
N GLY A 7 -5.67 -7.44 -12.09
CA GLY A 7 -4.88 -6.24 -12.19
C GLY A 7 -3.72 -6.22 -11.21
N ARG A 8 -2.56 -6.67 -11.66
CA ARG A 8 -1.36 -6.72 -10.82
C ARG A 8 -1.29 -5.48 -9.93
N GLY A 9 -1.55 -4.31 -10.52
CA GLY A 9 -1.51 -3.08 -9.76
C GLY A 9 -1.32 -1.86 -10.65
N SER A 10 -1.85 -0.73 -10.21
CA SER A 10 -1.74 0.52 -10.97
C SER A 10 -1.36 1.68 -10.06
N ARG A 11 -0.06 1.77 -9.75
CA ARG A 11 0.44 2.83 -8.89
C ARG A 11 1.97 2.82 -8.85
N PHE A 12 2.56 3.97 -8.54
CA PHE A 12 4.01 4.10 -8.47
C PHE A 12 4.62 2.89 -7.76
N THR A 13 5.93 2.72 -7.92
CA THR A 13 6.64 1.59 -7.31
C THR A 13 6.69 1.75 -5.80
N TRP A 14 6.84 0.63 -5.09
CA TRP A 14 6.89 0.65 -3.64
C TRP A 14 8.20 0.02 -3.15
N ARG A 15 8.79 0.62 -2.11
CA ARG A 15 10.04 0.13 -1.55
C ARG A 15 9.77 -0.76 -0.34
N LYS A 16 10.62 -1.76 -0.15
CA LYS A 16 10.49 -2.68 0.97
C LYS A 16 10.47 -1.93 2.29
N GLU A 17 11.19 -0.82 2.35
CA GLU A 17 11.26 -0.01 3.56
C GLU A 17 9.90 0.64 3.86
N CYS A 18 9.27 1.20 2.83
CA CYS A 18 7.98 1.85 2.98
C CYS A 18 6.87 0.81 3.19
N LEU A 19 7.10 -0.40 2.68
CA LEU A 19 6.12 -1.47 2.81
C LEU A 19 6.12 -2.04 4.22
N ALA A 20 7.31 -2.16 4.80
CA ALA A 20 7.45 -2.68 6.16
C ALA A 20 6.70 -1.80 7.17
N VAL A 21 6.80 -0.50 6.98
CA VAL A 21 6.13 0.45 7.87
C VAL A 21 4.63 0.44 7.67
N MET A 22 4.21 0.34 6.40
CA MET A 22 2.79 0.32 6.07
C MET A 22 2.12 -0.94 6.63
N GLU A 23 2.83 -2.05 6.55
CA GLU A 23 2.30 -3.32 7.05
C GLU A 23 2.05 -3.25 8.55
N SER A 24 2.94 -2.58 9.26
CA SER A 24 2.82 -2.44 10.71
C SER A 24 1.58 -1.64 11.08
N TYR A 25 1.40 -0.50 10.41
CA TYR A 25 0.25 0.36 10.66
C TYR A 25 -1.05 -0.35 10.31
N PHE A 26 -1.00 -1.22 9.31
CA PHE A 26 -2.17 -1.96 8.87
C PHE A 26 -2.59 -2.98 9.93
N ASN A 27 -1.61 -3.61 10.56
CA ASN A 27 -1.87 -4.61 11.60
C ASN A 27 -2.60 -3.99 12.78
N GLU A 28 -2.24 -2.75 13.11
CA GLU A 28 -2.86 -2.04 14.22
C GLU A 28 -4.20 -1.46 13.82
N ASN A 29 -4.29 -1.04 12.55
CA ASN A 29 -5.53 -0.46 12.04
C ASN A 29 -5.63 -0.65 10.53
N GLN A 30 -6.77 -1.19 10.08
CA GLN A 30 -6.99 -1.43 8.66
C GLN A 30 -7.09 -0.11 7.90
N TYR A 31 -7.81 0.85 8.48
CA TYR A 31 -8.00 2.15 7.86
C TYR A 31 -7.40 3.26 8.72
N PRO A 32 -6.16 3.65 8.42
CA PRO A 32 -5.46 4.71 9.16
C PRO A 32 -6.07 6.09 8.91
N ASP A 33 -6.52 6.73 9.98
CA ASP A 33 -7.13 8.05 9.88
C ASP A 33 -6.21 9.00 9.11
N GLU A 34 -6.68 10.22 8.90
CA GLU A 34 -5.91 11.23 8.17
C GLU A 34 -4.55 11.44 8.82
N ALA A 35 -4.55 11.65 10.13
CA ALA A 35 -3.31 11.87 10.87
C ALA A 35 -2.45 10.61 10.87
N LYS A 36 -3.09 9.45 10.95
CA LYS A 36 -2.37 8.19 10.95
C LYS A 36 -1.62 7.98 9.64
N ARG A 37 -2.27 8.32 8.54
CA ARG A 37 -1.67 8.17 7.22
C ARG A 37 -0.42 9.05 7.09
N GLU A 38 -0.49 10.25 7.64
CA GLU A 38 0.62 11.19 7.59
C GLU A 38 1.78 10.69 8.45
N GLU A 39 1.46 10.08 9.58
CA GLU A 39 2.47 9.56 10.49
C GLU A 39 3.23 8.40 9.86
N ILE A 40 2.49 7.47 9.27
CA ILE A 40 3.09 6.31 8.63
C ILE A 40 3.80 6.70 7.34
N ALA A 41 3.26 7.71 6.66
CA ALA A 41 3.84 8.18 5.40
C ALA A 41 5.20 8.84 5.65
N ASN A 42 5.27 9.67 6.68
CA ASN A 42 6.51 10.36 7.01
C ASN A 42 7.63 9.37 7.31
N ALA A 43 7.29 8.32 8.05
CA ALA A 43 8.27 7.30 8.41
C ALA A 43 8.83 6.62 7.17
N CYS A 44 7.97 6.42 6.17
CA CYS A 44 8.39 5.78 4.93
C CYS A 44 9.42 6.62 4.19
N ASN A 45 9.21 7.94 4.20
CA ASN A 45 10.13 8.86 3.54
C ASN A 45 11.48 8.89 4.24
N ALA A 46 11.46 8.75 5.57
CA ALA A 46 12.69 8.76 6.36
C ALA A 46 13.51 7.49 6.10
N VAL A 47 12.85 6.35 6.14
CA VAL A 47 13.52 5.07 5.91
C VAL A 47 14.21 5.04 4.55
N ILE A 48 13.60 5.71 3.57
CA ILE A 48 14.15 5.76 2.23
C ILE A 48 15.12 6.93 2.07
N GLN A 49 14.81 8.04 2.75
CA GLN A 49 15.65 9.24 2.69
C GLN A 49 17.11 8.88 2.96
N LYS A 50 17.98 9.24 2.04
CA LYS A 50 19.41 8.96 2.18
C LYS A 50 20.18 10.23 2.54
N PRO A 51 21.31 10.05 3.23
CA PRO A 51 22.16 11.17 3.66
C PRO A 51 22.86 11.84 2.49
N GLY A 52 22.73 13.17 2.39
CA GLY A 52 23.36 13.90 1.31
C GLY A 52 22.67 13.68 -0.02
N LYS A 53 21.42 13.22 0.03
CA LYS A 53 20.64 12.97 -1.18
C LYS A 53 19.32 13.71 -1.15
N LYS A 54 18.68 13.83 -2.30
CA LYS A 54 17.39 14.51 -2.40
C LYS A 54 16.28 13.54 -2.78
N LEU A 55 15.22 13.52 -1.99
CA LEU A 55 14.09 12.64 -2.24
C LEU A 55 13.33 13.06 -3.49
N SER A 56 12.88 12.07 -4.27
CA SER A 56 12.15 12.35 -5.50
C SER A 56 10.67 11.96 -5.34
N ASP A 57 9.82 12.59 -6.15
CA ASP A 57 8.40 12.31 -6.10
C ASP A 57 8.12 10.82 -6.31
N LEU A 58 9.08 10.13 -6.91
CA LEU A 58 8.94 8.70 -7.16
C LEU A 58 9.09 7.89 -5.87
N GLU A 59 9.94 8.40 -4.97
CA GLU A 59 10.18 7.73 -3.70
C GLU A 59 9.40 8.41 -2.58
N ARG A 60 8.91 9.61 -2.85
CA ARG A 60 8.15 10.37 -1.86
C ARG A 60 6.83 9.67 -1.54
N VAL A 61 6.63 9.37 -0.25
CA VAL A 61 5.42 8.70 0.19
C VAL A 61 4.47 9.67 0.89
N THR A 62 3.52 10.20 0.12
CA THR A 62 2.55 11.14 0.66
C THR A 62 1.38 10.42 1.34
N SER A 63 0.55 11.17 2.04
CA SER A 63 -0.59 10.60 2.75
C SER A 63 -1.50 9.86 1.77
N LEU A 64 -1.71 10.44 0.60
CA LEU A 64 -2.56 9.82 -0.42
C LEU A 64 -1.96 8.52 -0.91
N LYS A 65 -0.64 8.52 -1.12
CA LYS A 65 0.06 7.32 -1.59
C LYS A 65 -0.15 6.16 -0.65
N VAL A 66 -0.09 6.44 0.66
CA VAL A 66 -0.27 5.40 1.67
C VAL A 66 -1.68 4.83 1.62
N TYR A 67 -2.67 5.72 1.47
CA TYR A 67 -4.06 5.29 1.42
C TYR A 67 -4.31 4.38 0.21
N ASN A 68 -3.65 4.69 -0.90
CA ASN A 68 -3.80 3.90 -2.11
C ASN A 68 -3.32 2.48 -1.90
N TRP A 69 -2.18 2.34 -1.24
CA TRP A 69 -1.61 1.02 -0.96
C TRP A 69 -2.49 0.23 0.00
N PHE A 70 -2.94 0.90 1.06
CA PHE A 70 -3.81 0.26 2.05
C PHE A 70 -5.10 -0.24 1.42
N ALA A 71 -5.74 0.62 0.66
CA ALA A 71 -7.00 0.27 -0.02
C ALA A 71 -6.81 -0.96 -0.91
N ASN A 72 -5.65 -1.05 -1.55
CA ASN A 72 -5.35 -2.17 -2.43
C ASN A 72 -5.27 -3.47 -1.64
N ARG A 73 -4.71 -3.40 -0.44
CA ARG A 73 -4.58 -4.58 0.41
C ARG A 73 -5.93 -4.99 0.98
N ARG A 74 -6.72 -4.00 1.40
CA ARG A 74 -8.03 -4.27 1.97
C ARG A 74 -8.92 -5.02 0.99
N LYS A 75 -8.93 -4.56 -0.26
CA LYS A 75 -9.72 -5.17 -1.31
C LYS A 75 -9.17 -6.55 -1.67
N GLU A 76 -7.85 -6.66 -1.69
CA GLU A 76 -7.19 -7.92 -2.04
C GLU A 76 -7.61 -9.02 -1.06
N ILE A 77 -7.64 -8.69 0.23
CA ILE A 77 -8.02 -9.65 1.25
C ILE A 77 -9.50 -9.95 1.20
N LYS A 78 -10.30 -8.94 0.87
CA LYS A 78 -11.74 -9.09 0.77
C LYS A 78 -12.11 -10.06 -0.35
N ARG A 79 -11.40 -9.97 -1.46
CA ARG A 79 -11.65 -10.83 -2.61
C ARG A 79 -11.47 -12.30 -2.23
N ARG A 80 -10.42 -12.58 -1.47
CA ARG A 80 -10.13 -13.95 -1.04
C ARG A 80 -11.15 -14.42 0.00
N ALA A 81 -11.67 -13.48 0.78
CA ALA A 81 -12.65 -13.80 1.80
C ALA A 81 -14.02 -14.07 1.19
N ASN A 82 -14.22 -13.58 -0.03
CA ASN A 82 -15.49 -13.76 -0.73
C ASN A 82 -15.44 -14.98 -1.63
N ILE A 83 -14.55 -14.96 -2.62
CA ILE A 83 -14.41 -16.07 -3.55
C ILE A 83 -15.72 -16.83 -3.70
N ALA A 84 -16.79 -16.10 -3.95
CA ALA A 84 -18.11 -16.70 -4.12
C ALA A 84 -18.30 -17.21 -5.55
N ALA A 85 -17.22 -17.74 -6.13
CA ALA A 85 -17.27 -18.26 -7.49
C ALA A 85 -18.36 -19.32 -7.64
N ILE A 86 -19.29 -19.08 -8.56
CA ILE A 86 -20.39 -20.01 -8.80
C ILE A 86 -20.21 -20.73 -10.12
N LEU A 87 -19.76 -20.01 -11.14
CA LEU A 87 -19.53 -20.59 -12.45
C LEU A 87 -18.64 -21.81 -12.37
N GLU A 88 -18.82 -22.74 -13.30
CA GLU A 88 -18.01 -23.97 -13.33
C GLU A 88 -16.60 -23.68 -13.85
N SER A 89 -15.70 -23.34 -12.94
CA SER A 89 -14.32 -23.04 -13.30
C SER A 89 -13.34 -23.82 -12.43
N SER A 90 -12.19 -24.16 -13.00
CA SER A 90 -11.17 -24.92 -12.27
C SER A 90 -9.99 -24.02 -11.90
N GLY A 91 -9.53 -23.23 -12.88
CA GLY A 91 -8.41 -22.33 -12.64
C GLY A 91 -7.34 -22.46 -13.70
N PRO A 92 -6.39 -21.52 -13.70
CA PRO A 92 -5.28 -21.51 -14.66
C PRO A 92 -4.29 -22.64 -14.42
N SER A 93 -4.55 -23.44 -13.38
CA SER A 93 -3.68 -24.55 -13.04
C SER A 93 -3.73 -25.64 -14.12
N SER A 94 -2.63 -26.38 -14.26
CA SER A 94 -2.55 -27.43 -15.26
C SER A 94 -2.99 -28.77 -14.66
N GLY A 95 -3.33 -29.72 -15.54
CA GLY A 95 -3.76 -31.04 -15.08
C GLY A 95 -4.73 -30.95 -13.92
N GLY A 1 7.00 -19.34 -7.27
CA GLY A 1 6.79 -19.06 -8.67
C GLY A 1 7.37 -17.73 -9.10
N SER A 2 7.30 -17.43 -10.39
CA SER A 2 7.83 -16.18 -10.91
C SER A 2 6.73 -15.40 -11.63
N SER A 3 5.55 -15.36 -11.03
CA SER A 3 4.42 -14.65 -11.61
C SER A 3 3.52 -14.08 -10.52
N GLY A 4 3.39 -12.75 -10.50
CA GLY A 4 2.55 -12.10 -9.50
C GLY A 4 1.74 -10.96 -10.08
N SER A 5 1.22 -10.10 -9.21
CA SER A 5 0.41 -8.97 -9.64
C SER A 5 1.30 -7.85 -10.17
N SER A 6 0.82 -7.18 -11.22
CA SER A 6 1.56 -6.08 -11.82
C SER A 6 0.74 -4.80 -11.82
N GLY A 7 1.24 -3.77 -11.14
CA GLY A 7 0.53 -2.51 -11.08
C GLY A 7 0.22 -1.95 -12.45
N ARG A 8 -1.06 -1.90 -12.80
CA ARG A 8 -1.49 -1.38 -14.09
C ARG A 8 -0.95 0.03 -14.32
N GLY A 9 -0.19 0.20 -15.39
CA GLY A 9 0.39 1.50 -15.70
C GLY A 9 0.74 2.28 -14.46
N SER A 10 1.33 1.60 -13.48
CA SER A 10 1.71 2.25 -12.23
C SER A 10 3.11 2.86 -12.35
N ARG A 11 3.16 4.19 -12.44
CA ARG A 11 4.43 4.89 -12.55
C ARG A 11 5.02 5.19 -11.17
N PHE A 12 4.99 4.19 -10.29
CA PHE A 12 5.51 4.35 -8.94
C PHE A 12 5.56 3.01 -8.22
N THR A 13 6.76 2.62 -7.79
CA THR A 13 6.94 1.36 -7.08
C THR A 13 6.94 1.57 -5.57
N TRP A 14 6.68 0.50 -4.84
CA TRP A 14 6.64 0.56 -3.38
C TRP A 14 7.90 -0.05 -2.78
N ARG A 15 8.76 0.79 -2.23
CA ARG A 15 10.01 0.35 -1.62
C ARG A 15 9.73 -0.64 -0.48
N LYS A 16 10.61 -1.62 -0.33
CA LYS A 16 10.45 -2.63 0.72
C LYS A 16 10.40 -1.96 2.09
N GLU A 17 11.09 -0.84 2.23
CA GLU A 17 11.13 -0.11 3.50
C GLU A 17 9.77 0.53 3.79
N CYS A 18 9.19 1.18 2.78
CA CYS A 18 7.91 1.84 2.93
C CYS A 18 6.79 0.81 3.10
N LEU A 19 7.01 -0.39 2.56
CA LEU A 19 6.01 -1.46 2.65
C LEU A 19 5.99 -2.05 4.06
N ALA A 20 7.16 -2.26 4.63
CA ALA A 20 7.28 -2.82 5.97
C ALA A 20 6.58 -1.94 7.00
N VAL A 21 6.74 -0.63 6.85
CA VAL A 21 6.12 0.33 7.76
C VAL A 21 4.60 0.36 7.58
N MET A 22 4.16 0.23 6.33
CA MET A 22 2.73 0.24 6.03
C MET A 22 2.02 -0.92 6.70
N GLU A 23 2.68 -2.08 6.72
CA GLU A 23 2.10 -3.27 7.34
C GLU A 23 1.94 -3.08 8.84
N SER A 24 2.92 -2.43 9.46
CA SER A 24 2.89 -2.19 10.89
C SER A 24 1.63 -1.40 11.28
N TYR A 25 1.41 -0.29 10.59
CA TYR A 25 0.26 0.55 10.86
C TYR A 25 -1.05 -0.18 10.54
N PHE A 26 -1.00 -1.04 9.52
CA PHE A 26 -2.17 -1.81 9.11
C PHE A 26 -2.56 -2.81 10.18
N ASN A 27 -1.56 -3.40 10.84
CA ASN A 27 -1.80 -4.38 11.88
C ASN A 27 -2.53 -3.74 13.07
N GLU A 28 -2.18 -2.50 13.37
CA GLU A 28 -2.79 -1.78 14.49
C GLU A 28 -4.12 -1.14 14.06
N ASN A 29 -4.18 -0.71 12.80
CA ASN A 29 -5.38 -0.08 12.26
C ASN A 29 -5.55 -0.40 10.78
N GLN A 30 -6.68 -1.01 10.44
CA GLN A 30 -6.96 -1.37 9.05
C GLN A 30 -7.11 -0.13 8.19
N TYR A 31 -7.80 0.88 8.71
CA TYR A 31 -8.01 2.13 7.98
C TYR A 31 -7.47 3.32 8.78
N PRO A 32 -6.23 3.72 8.46
CA PRO A 32 -5.57 4.85 9.12
C PRO A 32 -6.20 6.19 8.76
N ASP A 33 -6.47 7.00 9.77
CA ASP A 33 -7.07 8.31 9.55
C ASP A 33 -6.12 9.24 8.82
N GLU A 34 -6.53 10.48 8.61
CA GLU A 34 -5.72 11.46 7.91
C GLU A 34 -4.41 11.71 8.67
N ALA A 35 -4.52 11.83 9.99
CA ALA A 35 -3.35 12.07 10.82
C ALA A 35 -2.44 10.84 10.87
N LYS A 36 -3.06 9.66 10.94
CA LYS A 36 -2.29 8.41 10.99
C LYS A 36 -1.56 8.17 9.67
N ARG A 37 -2.23 8.46 8.56
CA ARG A 37 -1.64 8.28 7.25
C ARG A 37 -0.37 9.11 7.09
N GLU A 38 -0.40 10.33 7.62
CA GLU A 38 0.75 11.23 7.55
C GLU A 38 1.90 10.71 8.40
N GLU A 39 1.56 10.20 9.58
CA GLU A 39 2.58 9.66 10.49
C GLU A 39 3.28 8.45 9.88
N ILE A 40 2.49 7.54 9.31
CA ILE A 40 3.04 6.34 8.69
C ILE A 40 3.78 6.69 7.41
N ALA A 41 3.26 7.64 6.66
CA ALA A 41 3.87 8.06 5.40
C ALA A 41 5.24 8.67 5.65
N ASN A 42 5.34 9.54 6.64
CA ASN A 42 6.61 10.19 6.98
C ASN A 42 7.69 9.16 7.29
N ALA A 43 7.31 8.12 8.04
CA ALA A 43 8.24 7.07 8.40
C ALA A 43 8.81 6.38 7.16
N CYS A 44 7.96 6.18 6.17
CA CYS A 44 8.37 5.53 4.93
C CYS A 44 9.43 6.36 4.21
N ASN A 45 9.23 7.67 4.20
CA ASN A 45 10.17 8.58 3.54
C ASN A 45 11.51 8.61 4.29
N ALA A 46 11.44 8.45 5.60
CA ALA A 46 12.65 8.46 6.43
C ALA A 46 13.47 7.20 6.22
N VAL A 47 12.81 6.05 6.25
CA VAL A 47 13.48 4.77 6.06
C VAL A 47 14.20 4.73 4.72
N ILE A 48 13.65 5.42 3.73
CA ILE A 48 14.24 5.46 2.40
C ILE A 48 15.16 6.66 2.25
N GLN A 49 14.83 7.76 2.92
CA GLN A 49 15.64 8.97 2.87
C GLN A 49 17.12 8.65 3.05
N LYS A 50 17.93 9.04 2.07
CA LYS A 50 19.37 8.79 2.13
C LYS A 50 20.11 10.06 2.56
N PRO A 51 21.24 9.86 3.26
CA PRO A 51 22.07 10.97 3.74
C PRO A 51 22.79 11.69 2.60
N GLY A 52 22.66 13.01 2.58
CA GLY A 52 23.30 13.80 1.54
C GLY A 52 22.51 13.80 0.25
N LYS A 53 21.31 13.23 0.28
CA LYS A 53 20.45 13.17 -0.90
C LYS A 53 19.14 13.90 -0.66
N LYS A 54 18.44 14.23 -1.74
CA LYS A 54 17.17 14.94 -1.65
C LYS A 54 16.03 14.06 -2.15
N LEU A 55 14.98 13.94 -1.34
CA LEU A 55 13.82 13.14 -1.71
C LEU A 55 13.01 13.80 -2.81
N SER A 56 12.46 12.98 -3.71
CA SER A 56 11.66 13.50 -4.81
C SER A 56 10.20 13.08 -4.67
N ASP A 57 9.33 13.79 -5.37
CA ASP A 57 7.89 13.49 -5.33
C ASP A 57 7.63 12.04 -5.70
N LEU A 58 8.54 11.47 -6.49
CA LEU A 58 8.41 10.09 -6.92
C LEU A 58 8.55 9.12 -5.75
N GLU A 59 9.51 9.40 -4.88
CA GLU A 59 9.75 8.55 -3.70
C GLU A 59 9.00 9.09 -2.49
N ARG A 60 8.57 10.34 -2.59
CA ARG A 60 7.84 10.97 -1.49
C ARG A 60 6.50 10.29 -1.25
N VAL A 61 6.39 9.59 -0.13
CA VAL A 61 5.17 8.88 0.21
C VAL A 61 4.17 9.81 0.91
N THR A 62 3.26 10.38 0.14
CA THR A 62 2.25 11.29 0.68
C THR A 62 1.14 10.51 1.37
N SER A 63 0.30 11.24 2.11
CA SER A 63 -0.81 10.63 2.82
C SER A 63 -1.75 9.89 1.86
N LEU A 64 -1.98 10.50 0.71
CA LEU A 64 -2.86 9.92 -0.30
C LEU A 64 -2.27 8.62 -0.84
N LYS A 65 -0.95 8.59 -1.01
CA LYS A 65 -0.27 7.41 -1.51
C LYS A 65 -0.45 6.22 -0.56
N VAL A 66 -0.40 6.50 0.73
CA VAL A 66 -0.57 5.47 1.75
C VAL A 66 -1.97 4.86 1.68
N TYR A 67 -2.97 5.72 1.51
CA TYR A 67 -4.35 5.27 1.45
C TYR A 67 -4.57 4.37 0.24
N ASN A 68 -3.89 4.68 -0.86
CA ASN A 68 -4.01 3.90 -2.08
C ASN A 68 -3.50 2.47 -1.87
N TRP A 69 -2.36 2.36 -1.19
CA TRP A 69 -1.77 1.05 -0.92
C TRP A 69 -2.63 0.25 0.06
N PHE A 70 -3.09 0.92 1.11
CA PHE A 70 -3.92 0.29 2.13
C PHE A 70 -5.21 -0.24 1.52
N ALA A 71 -5.89 0.62 0.75
CA ALA A 71 -7.14 0.23 0.11
C ALA A 71 -6.93 -0.92 -0.87
N ASN A 72 -5.81 -0.88 -1.59
CA ASN A 72 -5.50 -1.92 -2.56
C ASN A 72 -5.21 -3.25 -1.87
N ARG A 73 -4.60 -3.17 -0.69
CA ARG A 73 -4.26 -4.36 0.08
C ARG A 73 -5.52 -5.01 0.65
N ARG A 74 -6.38 -4.19 1.26
CA ARG A 74 -7.61 -4.68 1.86
C ARG A 74 -8.45 -5.42 0.83
N LYS A 75 -8.57 -4.84 -0.37
CA LYS A 75 -9.35 -5.44 -1.44
C LYS A 75 -8.64 -6.67 -2.00
N GLU A 76 -7.31 -6.64 -2.00
CA GLU A 76 -6.53 -7.76 -2.50
C GLU A 76 -6.60 -8.95 -1.55
N ILE A 77 -6.60 -8.66 -0.24
CA ILE A 77 -6.67 -9.71 0.77
C ILE A 77 -8.11 -10.16 0.99
N LYS A 78 -9.03 -9.20 1.00
CA LYS A 78 -10.45 -9.50 1.21
C LYS A 78 -11.01 -10.28 0.03
N ARG A 79 -10.56 -9.94 -1.18
CA ARG A 79 -11.01 -10.60 -2.39
C ARG A 79 -10.60 -12.07 -2.39
N ARG A 80 -9.39 -12.35 -1.90
CA ARG A 80 -8.88 -13.70 -1.84
C ARG A 80 -9.66 -14.54 -0.83
N ALA A 81 -10.18 -13.87 0.20
CA ALA A 81 -10.94 -14.55 1.23
C ALA A 81 -12.36 -14.85 0.77
N ASN A 82 -12.77 -14.21 -0.32
CA ASN A 82 -14.11 -14.41 -0.88
C ASN A 82 -14.06 -15.35 -2.07
N ILE A 83 -13.42 -14.91 -3.15
CA ILE A 83 -13.32 -15.71 -4.36
C ILE A 83 -14.52 -16.62 -4.53
N ALA A 84 -15.72 -16.04 -4.44
CA ALA A 84 -16.95 -16.80 -4.58
C ALA A 84 -17.23 -17.11 -6.04
N ALA A 85 -16.22 -17.57 -6.76
CA ALA A 85 -16.36 -17.91 -8.17
C ALA A 85 -15.21 -18.80 -8.64
N ILE A 86 -15.49 -19.66 -9.60
CA ILE A 86 -14.48 -20.57 -10.15
C ILE A 86 -13.15 -19.85 -10.36
N LEU A 87 -13.23 -18.53 -10.54
CA LEU A 87 -12.03 -17.72 -10.76
C LEU A 87 -10.95 -18.07 -9.74
N GLU A 88 -9.71 -18.08 -10.20
CA GLU A 88 -8.58 -18.41 -9.35
C GLU A 88 -7.59 -17.25 -9.26
N SER A 89 -7.14 -16.94 -8.05
CA SER A 89 -6.21 -15.84 -7.83
C SER A 89 -4.93 -16.34 -7.16
N SER A 90 -3.80 -15.83 -7.61
CA SER A 90 -2.51 -16.23 -7.06
C SER A 90 -2.40 -15.82 -5.60
N GLY A 91 -2.44 -14.51 -5.35
CA GLY A 91 -2.34 -14.02 -3.98
C GLY A 91 -1.09 -13.20 -3.75
N PRO A 92 -1.14 -12.27 -2.79
CA PRO A 92 0.00 -11.41 -2.44
C PRO A 92 1.12 -12.19 -1.76
N SER A 93 0.90 -13.48 -1.55
CA SER A 93 1.90 -14.32 -0.90
C SER A 93 3.30 -13.90 -1.30
N SER A 94 3.49 -13.60 -2.58
CA SER A 94 4.79 -13.18 -3.09
C SER A 94 5.91 -14.02 -2.48
N GLY A 95 5.72 -15.34 -2.49
CA GLY A 95 6.71 -16.24 -1.94
C GLY A 95 6.31 -17.70 -2.04
N GLY A 1 1.15 -15.73 -13.40
CA GLY A 1 2.10 -15.08 -12.52
C GLY A 1 2.00 -13.57 -12.55
N SER A 2 2.83 -12.94 -13.37
CA SER A 2 2.84 -11.49 -13.50
C SER A 2 2.65 -11.07 -14.96
N SER A 3 1.58 -11.55 -15.58
CA SER A 3 1.28 -11.24 -16.97
C SER A 3 1.03 -9.74 -17.14
N GLY A 4 0.84 -9.05 -16.03
CA GLY A 4 0.58 -7.62 -16.07
C GLY A 4 0.90 -6.93 -14.77
N SER A 5 1.83 -5.98 -14.81
CA SER A 5 2.23 -5.25 -13.62
C SER A 5 1.01 -4.66 -12.90
N SER A 6 0.09 -4.10 -13.68
CA SER A 6 -1.12 -3.51 -13.12
C SER A 6 -2.35 -3.98 -13.88
N GLY A 7 -3.47 -4.09 -13.17
CA GLY A 7 -4.71 -4.54 -13.78
C GLY A 7 -5.70 -3.41 -13.95
N ARG A 8 -5.89 -2.61 -12.90
CA ARG A 8 -6.82 -1.50 -12.94
C ARG A 8 -6.21 -0.25 -12.31
N GLY A 9 -6.05 0.79 -13.11
CA GLY A 9 -5.48 2.03 -12.61
C GLY A 9 -3.96 2.08 -12.78
N SER A 10 -3.33 2.99 -12.06
CA SER A 10 -1.87 3.13 -12.14
C SER A 10 -1.28 3.42 -10.76
N ARG A 11 -0.18 2.76 -10.44
CA ARG A 11 0.48 2.93 -9.15
C ARG A 11 1.99 2.97 -9.32
N PHE A 12 2.66 3.67 -8.41
CA PHE A 12 4.12 3.78 -8.45
C PHE A 12 4.78 2.66 -7.66
N THR A 13 6.05 2.39 -7.98
CA THR A 13 6.79 1.34 -7.29
C THR A 13 6.85 1.60 -5.79
N TRP A 14 7.16 0.56 -5.03
CA TRP A 14 7.25 0.66 -3.57
C TRP A 14 8.57 0.09 -3.07
N ARG A 15 9.12 0.71 -2.03
CA ARG A 15 10.38 0.26 -1.45
C ARG A 15 10.12 -0.68 -0.27
N LYS A 16 11.02 -1.65 -0.08
CA LYS A 16 10.90 -2.60 1.02
C LYS A 16 10.79 -1.88 2.36
N GLU A 17 11.49 -0.74 2.47
CA GLU A 17 11.47 0.03 3.70
C GLU A 17 10.09 0.62 3.96
N CYS A 18 9.48 1.18 2.92
CA CYS A 18 8.16 1.78 3.05
C CYS A 18 7.09 0.70 3.17
N LEU A 19 7.37 -0.48 2.62
CA LEU A 19 6.44 -1.59 2.67
C LEU A 19 6.34 -2.16 4.08
N ALA A 20 7.47 -2.19 4.77
CA ALA A 20 7.53 -2.71 6.14
C ALA A 20 6.71 -1.83 7.09
N VAL A 21 6.85 -0.52 6.93
CA VAL A 21 6.13 0.43 7.77
C VAL A 21 4.64 0.43 7.45
N MET A 22 4.31 0.39 6.17
CA MET A 22 2.92 0.38 5.74
C MET A 22 2.19 -0.86 6.26
N GLU A 23 2.90 -1.97 6.32
CA GLU A 23 2.33 -3.22 6.79
C GLU A 23 2.08 -3.17 8.31
N SER A 24 2.99 -2.50 9.02
CA SER A 24 2.87 -2.38 10.46
C SER A 24 1.61 -1.61 10.85
N TYR A 25 1.41 -0.47 10.20
CA TYR A 25 0.25 0.37 10.47
C TYR A 25 -1.05 -0.36 10.10
N PHE A 26 -0.96 -1.20 9.08
CA PHE A 26 -2.13 -1.96 8.62
C PHE A 26 -2.57 -2.96 9.68
N ASN A 27 -1.60 -3.60 10.32
CA ASN A 27 -1.88 -4.59 11.36
C ASN A 27 -2.65 -3.96 12.52
N GLU A 28 -2.30 -2.72 12.84
CA GLU A 28 -2.97 -2.01 13.93
C GLU A 28 -4.26 -1.37 13.46
N ASN A 29 -4.29 -0.94 12.20
CA ASN A 29 -5.47 -0.30 11.62
C ASN A 29 -5.51 -0.51 10.11
N GLN A 30 -6.54 -1.19 9.63
CA GLN A 30 -6.69 -1.45 8.20
C GLN A 30 -6.94 -0.15 7.44
N TYR A 31 -7.65 0.78 8.08
CA TYR A 31 -7.96 2.07 7.46
C TYR A 31 -7.43 3.22 8.31
N PRO A 32 -6.18 3.64 8.02
CA PRO A 32 -5.53 4.74 8.75
C PRO A 32 -6.16 6.09 8.43
N ASP A 33 -6.51 6.83 9.48
CA ASP A 33 -7.12 8.14 9.31
C ASP A 33 -6.16 9.11 8.62
N GLU A 34 -6.58 10.36 8.47
CA GLU A 34 -5.76 11.38 7.82
C GLU A 34 -4.45 11.57 8.58
N ALA A 35 -4.54 11.71 9.89
CA ALA A 35 -3.36 11.90 10.73
C ALA A 35 -2.51 10.64 10.76
N LYS A 36 -3.16 9.48 10.83
CA LYS A 36 -2.46 8.21 10.86
C LYS A 36 -1.70 7.97 9.56
N ARG A 37 -2.33 8.32 8.44
CA ARG A 37 -1.72 8.13 7.14
C ARG A 37 -0.48 9.01 6.98
N GLU A 38 -0.54 10.21 7.55
CA GLU A 38 0.59 11.14 7.47
C GLU A 38 1.73 10.67 8.36
N GLU A 39 1.41 10.16 9.54
CA GLU A 39 2.41 9.67 10.48
C GLU A 39 3.19 8.51 9.88
N ILE A 40 2.46 7.56 9.29
CA ILE A 40 3.09 6.39 8.68
C ILE A 40 3.85 6.77 7.41
N ALA A 41 3.30 7.71 6.66
CA ALA A 41 3.92 8.16 5.42
C ALA A 41 5.25 8.85 5.71
N ASN A 42 5.25 9.74 6.69
CA ASN A 42 6.47 10.46 7.07
C ASN A 42 7.59 9.50 7.44
N ALA A 43 7.22 8.39 8.09
CA ALA A 43 8.20 7.39 8.49
C ALA A 43 8.83 6.72 7.28
N CYS A 44 8.04 6.51 6.24
CA CYS A 44 8.51 5.87 5.02
C CYS A 44 9.56 6.73 4.33
N ASN A 45 9.34 8.04 4.33
CA ASN A 45 10.26 8.98 3.71
C ASN A 45 11.58 9.04 4.47
N ALA A 46 11.51 8.85 5.79
CA ALA A 46 12.69 8.88 6.63
C ALA A 46 13.56 7.64 6.39
N VAL A 47 12.92 6.48 6.40
CA VAL A 47 13.63 5.22 6.18
C VAL A 47 14.37 5.22 4.85
N ILE A 48 13.80 5.92 3.87
CA ILE A 48 14.41 6.00 2.55
C ILE A 48 15.33 7.22 2.43
N GLN A 49 14.96 8.29 3.12
CA GLN A 49 15.75 9.51 3.11
C GLN A 49 17.21 9.23 3.42
N LYS A 50 18.10 9.64 2.54
CA LYS A 50 19.54 9.43 2.72
C LYS A 50 20.25 10.75 3.02
N PRO A 51 21.38 10.66 3.74
CA PRO A 51 22.17 11.84 4.10
C PRO A 51 22.88 12.45 2.90
N GLY A 52 22.71 13.75 2.72
CA GLY A 52 23.33 14.43 1.60
C GLY A 52 22.65 14.15 0.28
N LYS A 53 21.46 13.56 0.35
CA LYS A 53 20.70 13.23 -0.85
C LYS A 53 19.30 13.85 -0.80
N LYS A 54 18.84 14.33 -1.95
CA LYS A 54 17.52 14.94 -2.03
C LYS A 54 16.46 13.92 -2.45
N LEU A 55 15.34 13.90 -1.73
CA LEU A 55 14.26 12.97 -2.03
C LEU A 55 13.48 13.43 -3.26
N SER A 56 13.02 12.46 -4.05
CA SER A 56 12.24 12.76 -5.25
C SER A 56 10.77 12.43 -5.06
N ASP A 57 9.90 13.16 -5.76
CA ASP A 57 8.47 12.94 -5.66
C ASP A 57 8.11 11.49 -6.00
N LEU A 58 9.00 10.84 -6.75
CA LEU A 58 8.78 9.45 -7.14
C LEU A 58 8.91 8.51 -5.95
N GLU A 59 9.92 8.76 -5.12
CA GLU A 59 10.15 7.94 -3.94
C GLU A 59 9.40 8.50 -2.73
N ARG A 60 9.02 9.77 -2.81
CA ARG A 60 8.29 10.42 -1.72
C ARG A 60 7.00 9.67 -1.41
N VAL A 61 6.75 9.48 -0.11
CA VAL A 61 5.54 8.77 0.32
C VAL A 61 4.61 9.71 1.07
N THR A 62 3.57 10.17 0.39
CA THR A 62 2.60 11.08 0.98
C THR A 62 1.46 10.30 1.64
N SER A 63 0.57 11.03 2.32
CA SER A 63 -0.56 10.41 3.01
C SER A 63 -1.46 9.69 2.01
N LEU A 64 -1.66 10.30 0.85
CA LEU A 64 -2.50 9.72 -0.19
C LEU A 64 -1.91 8.41 -0.70
N LYS A 65 -0.61 8.40 -0.91
CA LYS A 65 0.09 7.21 -1.39
C LYS A 65 -0.14 6.03 -0.46
N VAL A 66 -0.16 6.31 0.85
CA VAL A 66 -0.37 5.28 1.85
C VAL A 66 -1.77 4.69 1.76
N TYR A 67 -2.76 5.57 1.59
CA TYR A 67 -4.15 5.15 1.49
C TYR A 67 -4.36 4.26 0.28
N ASN A 68 -3.68 4.58 -0.82
CA ASN A 68 -3.80 3.81 -2.05
C ASN A 68 -3.30 2.38 -1.84
N TRP A 69 -2.16 2.25 -1.17
CA TRP A 69 -1.58 0.94 -0.90
C TRP A 69 -2.43 0.15 0.09
N PHE A 70 -2.92 0.85 1.12
CA PHE A 70 -3.75 0.21 2.13
C PHE A 70 -5.05 -0.31 1.53
N ALA A 71 -5.64 0.48 0.63
CA ALA A 71 -6.88 0.10 -0.03
C ALA A 71 -6.70 -1.17 -0.86
N ASN A 72 -5.50 -1.34 -1.41
CA ASN A 72 -5.20 -2.50 -2.23
C ASN A 72 -5.32 -3.78 -1.42
N ARG A 73 -4.87 -3.74 -0.18
CA ARG A 73 -4.93 -4.90 0.71
C ARG A 73 -6.36 -5.15 1.17
N ARG A 74 -7.01 -4.10 1.65
CA ARG A 74 -8.39 -4.21 2.13
C ARG A 74 -9.30 -4.80 1.05
N LYS A 75 -9.15 -4.32 -0.17
CA LYS A 75 -9.95 -4.80 -1.29
C LYS A 75 -9.54 -6.21 -1.69
N GLU A 76 -8.25 -6.50 -1.60
CA GLU A 76 -7.74 -7.82 -1.94
C GLU A 76 -8.25 -8.88 -0.98
N ILE A 77 -8.10 -8.63 0.32
CA ILE A 77 -8.56 -9.56 1.34
C ILE A 77 -10.06 -9.76 1.27
N LYS A 78 -10.78 -8.67 1.00
CA LYS A 78 -12.24 -8.72 0.90
C LYS A 78 -12.67 -9.62 -0.26
N ARG A 79 -11.98 -9.50 -1.39
CA ARG A 79 -12.30 -10.30 -2.57
C ARG A 79 -11.96 -11.77 -2.34
N ARG A 80 -10.81 -12.02 -1.70
CA ARG A 80 -10.38 -13.38 -1.42
C ARG A 80 -11.22 -14.01 -0.32
N ALA A 81 -11.66 -13.17 0.63
CA ALA A 81 -12.49 -13.65 1.73
C ALA A 81 -13.89 -14.03 1.26
N ASN A 82 -14.27 -13.50 0.10
CA ASN A 82 -15.59 -13.78 -0.46
C ASN A 82 -15.51 -14.92 -1.47
N ILE A 83 -14.83 -14.67 -2.58
CA ILE A 83 -14.69 -15.67 -3.63
C ILE A 83 -15.90 -16.60 -3.68
N ALA A 84 -17.09 -16.00 -3.74
CA ALA A 84 -18.32 -16.77 -3.79
C ALA A 84 -18.61 -17.25 -5.21
N ALA A 85 -17.56 -17.69 -5.91
CA ALA A 85 -17.70 -18.17 -7.27
C ALA A 85 -17.28 -19.63 -7.38
N ILE A 86 -18.10 -20.42 -8.09
CA ILE A 86 -17.81 -21.83 -8.27
C ILE A 86 -16.35 -22.06 -8.62
N LEU A 87 -15.71 -21.03 -9.17
CA LEU A 87 -14.30 -21.12 -9.56
C LEU A 87 -13.47 -21.71 -8.43
N GLU A 88 -13.71 -21.24 -7.20
CA GLU A 88 -12.98 -21.73 -6.04
C GLU A 88 -13.91 -21.90 -4.85
N SER A 89 -13.74 -23.00 -4.13
CA SER A 89 -14.57 -23.30 -2.97
C SER A 89 -13.71 -23.44 -1.71
N SER A 90 -13.99 -22.61 -0.71
CA SER A 90 -13.24 -22.64 0.54
C SER A 90 -13.98 -23.45 1.59
N GLY A 91 -13.31 -24.45 2.14
CA GLY A 91 -13.92 -25.29 3.17
C GLY A 91 -13.05 -25.43 4.40
N PRO A 92 -13.21 -26.55 5.12
CA PRO A 92 -12.44 -26.83 6.33
C PRO A 92 -10.97 -27.11 6.04
N SER A 93 -10.63 -27.15 4.76
CA SER A 93 -9.25 -27.41 4.34
C SER A 93 -8.51 -26.10 4.07
N SER A 94 -7.37 -25.93 4.71
CA SER A 94 -6.56 -24.73 4.54
C SER A 94 -5.13 -25.08 4.15
N GLY A 95 -4.51 -25.96 4.92
CA GLY A 95 -3.14 -26.37 4.65
C GLY A 95 -3.00 -27.87 4.53
#